data_2Y59
#
_entry.id   2Y59
#
_cell.length_a   103.880
_cell.length_b   91.353
_cell.length_c   106.919
_cell.angle_alpha   90.00
_cell.angle_beta   94.27
_cell.angle_gamma   90.00
#
_symmetry.space_group_name_H-M   'P 1 21 1'
#
loop_
_entity.id
_entity.type
_entity.pdbx_description
1 polymer 'D-ALANYL-D-ALANINE CARBOXYPEPTIDASE'
2 non-polymer TRIHYDROXY-[[(2-NITROPHENYL)CARBONYLAMINO]METHYL]BORON
3 non-polymer 'SULFATE ION'
4 non-polymer 'MAGNESIUM ION'
5 water water
#
_entity_poly.entity_id   1
_entity_poly.type   'polypeptide(L)'
_entity_poly.pdbx_seq_one_letter_code
;RLTELREDIDAILEDPALEGAVSGVVVVDTATGEELYSRDGGEQLLPASNMKLFTAAAALEVLGADHSFGTEVAAESAPG
RRGEVQDLYLVGRGDPTLSAEDLDAMAAEVAASGVRTVRGDLYADDTWFDSERLVDDWWPEDEPYAYSAQISALTVAHGE
RFDTGVTEVSVTPAAEGEPADVDLGAAEGYAELDNRAVTGAAGSANTLVIDRPVGTNTIAVTGSLPADAAPVTALRTVDE
PAALAGHLFEEALESNGVTVKGDVGLGGVPADWQDAEVLADHTSAELSEILVPFMKFSNNGHAEMLVKSIGQETAGAGTW
DAGLVGVEEALSGLGVDTAGLVLNDGSGLSRGNLVTADTVVDLLGQAGSAPWAQTWSASLPVAGESDPFVGGTLANRMRG
TAAEGVVEAKTGTMSGVSALSGYVPGPEGELAFSIVNNGHSGPAPLAVQDAIAVRLAEYAGHQAPE
;
_entity_poly.pdbx_strand_id   A,B,C,D
#
# COMPACT_ATOMS: atom_id res chain seq x y z
N ARG A 1 -74.73 31.37 47.11
CA ARG A 1 -74.36 31.10 45.69
C ARG A 1 -72.89 30.68 45.59
N LEU A 2 -72.00 31.41 46.27
CA LEU A 2 -70.60 31.01 46.32
C LEU A 2 -70.48 29.66 47.03
N THR A 3 -71.20 29.50 48.14
CA THR A 3 -71.07 28.29 48.96
C THR A 3 -71.69 27.08 48.28
N GLU A 4 -72.79 27.30 47.56
CA GLU A 4 -73.46 26.25 46.79
C GLU A 4 -72.47 25.62 45.81
N LEU A 5 -71.88 26.48 44.98
CA LEU A 5 -70.80 26.13 44.05
C LEU A 5 -69.69 25.32 44.71
N ARG A 6 -69.25 25.77 45.89
CA ARG A 6 -68.21 25.10 46.65
C ARG A 6 -68.61 23.69 47.05
N GLU A 7 -69.85 23.55 47.53
CA GLU A 7 -70.38 22.26 47.96
C GLU A 7 -70.51 21.31 46.79
N ASP A 8 -70.86 21.86 45.62
CA ASP A 8 -71.01 21.06 44.43
C ASP A 8 -69.66 20.51 44.01
N ILE A 9 -68.64 21.37 44.01
CA ILE A 9 -67.30 20.97 43.61
C ILE A 9 -66.73 19.94 44.60
N ASP A 10 -66.93 20.18 45.89
CA ASP A 10 -66.60 19.23 46.96
C ASP A 10 -67.15 17.83 46.61
N ALA A 11 -68.43 17.78 46.28
CA ALA A 11 -69.13 16.54 45.93
C ALA A 11 -68.59 15.92 44.64
N ILE A 12 -68.26 16.77 43.66
CA ILE A 12 -67.72 16.29 42.37
C ILE A 12 -66.40 15.60 42.60
N LEU A 13 -65.60 16.14 43.53
CA LEU A 13 -64.35 15.52 43.87
C LEU A 13 -64.53 14.33 44.82
N GLU A 14 -65.74 14.15 45.35
CA GLU A 14 -66.04 12.92 46.09
C GLU A 14 -66.04 11.66 45.20
N ASP A 15 -65.93 11.86 43.88
CA ASP A 15 -66.00 10.77 42.91
C ASP A 15 -65.07 9.59 43.24
N PRO A 16 -65.59 8.35 43.09
CA PRO A 16 -64.78 7.15 43.33
C PRO A 16 -63.54 7.06 42.43
N ALA A 17 -63.65 7.60 41.23
CA ALA A 17 -62.56 7.50 40.24
C ALA A 17 -61.28 8.22 40.69
N LEU A 18 -61.40 9.03 41.76
CA LEU A 18 -60.26 9.74 42.36
C LEU A 18 -59.74 9.09 43.66
N GLU A 19 -59.92 7.77 43.78
CA GLU A 19 -59.42 7.02 44.94
C GLU A 19 -57.89 6.93 44.94
N GLY A 20 -57.28 7.43 46.01
CA GLY A 20 -55.83 7.44 46.14
C GLY A 20 -55.12 8.41 45.22
N ALA A 21 -55.85 9.38 44.68
CA ALA A 21 -55.28 10.44 43.86
C ALA A 21 -55.14 11.70 44.69
N VAL A 22 -54.14 12.53 44.35
CA VAL A 22 -54.08 13.88 44.90
C VAL A 22 -54.60 14.83 43.84
N SER A 23 -55.45 15.76 44.24
CA SER A 23 -56.08 16.61 43.26
C SER A 23 -55.95 18.07 43.60
N GLY A 24 -55.28 18.80 42.72
CA GLY A 24 -55.12 20.23 42.87
C GLY A 24 -56.22 20.92 42.09
N VAL A 25 -57.07 21.66 42.79
CA VAL A 25 -58.17 22.37 42.18
C VAL A 25 -58.24 23.80 42.68
N VAL A 26 -58.11 24.74 41.76
CA VAL A 26 -58.14 26.15 42.12
C VAL A 26 -58.93 26.94 41.09
N VAL A 27 -59.81 27.81 41.59
CA VAL A 27 -60.61 28.67 40.76
C VAL A 27 -60.54 30.11 41.28
N VAL A 28 -60.34 31.03 40.36
CA VAL A 28 -60.17 32.43 40.72
C VAL A 28 -60.94 33.35 39.77
N ASP A 29 -61.76 34.23 40.34
CA ASP A 29 -62.34 35.28 39.51
C ASP A 29 -61.22 36.22 39.15
N THR A 30 -61.17 36.65 37.90
CA THR A 30 -60.00 37.33 37.38
C THR A 30 -60.20 38.84 37.27
N ALA A 31 -61.46 39.28 37.30
CA ALA A 31 -61.73 40.70 37.44
C ALA A 31 -61.34 41.18 38.84
N THR A 32 -61.68 40.39 39.86
CA THR A 32 -61.55 40.86 41.24
C THR A 32 -60.36 40.29 42.00
N GLY A 33 -59.90 39.10 41.59
CA GLY A 33 -58.83 38.39 42.30
C GLY A 33 -59.37 37.46 43.38
N GLU A 34 -60.70 37.43 43.50
CA GLU A 34 -61.44 36.56 44.45
C GLU A 34 -61.11 35.09 44.23
N GLU A 35 -60.78 34.40 45.32
CA GLU A 35 -60.52 32.97 45.28
C GLU A 35 -61.82 32.22 45.51
N LEU A 36 -62.49 31.87 44.42
CA LEU A 36 -63.78 31.20 44.53
C LEU A 36 -63.66 29.80 45.13
N TYR A 37 -62.63 29.07 44.73
CA TYR A 37 -62.40 27.71 45.23
C TYR A 37 -60.91 27.31 45.24
N SER A 38 -60.48 26.67 46.33
CA SER A 38 -59.07 26.25 46.48
C SER A 38 -58.94 24.97 47.29
N ARG A 39 -58.29 23.96 46.72
CA ARG A 39 -58.02 22.69 47.39
C ARG A 39 -56.67 22.16 46.95
N ASP A 40 -55.74 22.07 47.89
CA ASP A 40 -54.41 21.57 47.57
C ASP A 40 -53.80 22.41 46.45
N GLY A 41 -54.02 23.72 46.53
CA GLY A 41 -53.54 24.65 45.51
C GLY A 41 -52.03 24.72 45.46
N GLY A 42 -51.40 24.36 46.58
CA GLY A 42 -49.95 24.55 46.74
C GLY A 42 -49.21 23.24 46.61
N GLU A 43 -49.97 22.17 46.41
CA GLU A 43 -49.44 20.84 46.26
C GLU A 43 -48.70 20.71 44.91
N GLN A 44 -47.49 20.16 44.94
CA GLN A 44 -46.72 19.98 43.73
C GLN A 44 -47.14 18.71 43.03
N LEU A 45 -47.49 18.82 41.74
CA LEU A 45 -48.01 17.70 40.96
C LEU A 45 -47.40 17.66 39.55
N LEU A 46 -47.35 16.47 38.93
CA LEU A 46 -46.97 16.42 37.51
C LEU A 46 -48.11 16.97 36.65
N PRO A 47 -47.77 17.82 35.67
CA PRO A 47 -48.74 18.53 34.87
C PRO A 47 -49.10 17.92 33.50
N ALA A 48 -48.41 16.87 33.07
CA ALA A 48 -48.54 16.40 31.68
C ALA A 48 -48.48 17.59 30.70
N SER A 49 -49.35 17.65 29.68
CA SER A 49 -49.31 18.76 28.71
C SER A 49 -49.75 20.16 29.19
N ASN A 50 -50.21 20.30 30.43
CA ASN A 50 -50.44 21.64 30.99
C ASN A 50 -49.13 22.44 31.08
N MET A 51 -47.99 21.75 31.01
CA MET A 51 -46.68 22.38 31.00
C MET A 51 -46.51 23.36 29.82
N LYS A 52 -47.23 23.07 28.73
CA LYS A 52 -47.17 23.91 27.53
C LYS A 52 -47.68 25.32 27.80
N LEU A 53 -48.64 25.46 28.73
CA LEU A 53 -49.13 26.76 29.15
C LEU A 53 -47.94 27.66 29.49
N PHE A 54 -47.01 27.11 30.26
CA PHE A 54 -45.81 27.80 30.64
C PHE A 54 -44.95 28.06 29.40
N THR A 55 -44.61 26.99 28.68
CA THR A 55 -43.80 27.12 27.50
C THR A 55 -44.35 28.19 26.53
N ALA A 56 -45.68 28.17 26.31
CA ALA A 56 -46.27 28.99 25.26
C ALA A 56 -46.23 30.42 25.68
N ALA A 57 -46.56 30.69 26.95
CA ALA A 57 -46.40 32.04 27.53
C ALA A 57 -44.96 32.58 27.43
N ALA A 58 -43.96 31.78 27.77
CA ALA A 58 -42.57 32.24 27.64
C ALA A 58 -42.20 32.55 26.19
N ALA A 59 -42.68 31.74 25.26
CA ALA A 59 -42.25 31.90 23.88
C ALA A 59 -42.78 33.22 23.35
N LEU A 60 -43.93 33.62 23.86
CA LEU A 60 -44.58 34.84 23.40
C LEU A 60 -43.90 36.03 24.01
N GLU A 61 -43.47 35.86 25.27
CA GLU A 61 -42.68 36.84 25.99
C GLU A 61 -41.30 37.07 25.34
N VAL A 62 -40.66 35.97 24.92
CA VAL A 62 -39.26 35.99 24.51
C VAL A 62 -39.12 36.18 22.99
N LEU A 63 -39.76 35.31 22.21
CA LEU A 63 -39.76 35.45 20.75
C LEU A 63 -40.75 36.50 20.25
N GLY A 64 -41.90 36.64 20.90
CA GLY A 64 -42.89 37.61 20.41
C GLY A 64 -43.93 36.98 19.49
N ALA A 65 -45.16 37.53 19.53
CA ALA A 65 -46.22 37.05 18.66
C ALA A 65 -45.85 37.06 17.16
N ASP A 66 -44.94 37.96 16.78
CA ASP A 66 -44.63 38.20 15.38
C ASP A 66 -43.38 37.42 14.89
N HIS A 67 -42.88 36.51 15.72
CA HIS A 67 -41.59 35.88 15.46
C HIS A 67 -41.76 34.89 14.32
N SER A 68 -40.75 34.75 13.46
CA SER A 68 -40.86 33.65 12.51
C SER A 68 -39.57 32.89 12.46
N PHE A 69 -39.56 31.75 11.78
CA PHE A 69 -38.39 30.89 11.73
C PHE A 69 -37.99 30.67 10.31
N GLY A 70 -36.69 30.68 10.05
CA GLY A 70 -36.21 30.52 8.68
C GLY A 70 -35.45 29.24 8.38
N THR A 71 -35.33 28.92 7.10
CA THR A 71 -34.51 27.82 6.64
C THR A 71 -33.92 28.25 5.28
N GLU A 72 -32.65 27.91 5.05
CA GLU A 72 -31.87 28.40 3.91
C GLU A 72 -31.10 27.28 3.27
N VAL A 73 -30.81 27.44 1.99
CA VAL A 73 -29.86 26.55 1.34
C VAL A 73 -28.61 27.35 0.98
N ALA A 74 -27.44 26.77 1.22
CA ALA A 74 -26.20 27.53 1.11
C ALA A 74 -25.07 26.81 0.39
N ALA A 75 -24.39 27.53 -0.50
CA ALA A 75 -23.19 27.01 -1.14
C ALA A 75 -22.06 27.99 -0.89
N GLU A 76 -20.82 27.55 -1.11
CA GLU A 76 -19.66 28.35 -0.74
C GLU A 76 -19.51 29.59 -1.61
N SER A 77 -19.97 29.48 -2.85
CA SER A 77 -20.09 30.60 -3.75
C SER A 77 -21.20 30.27 -4.72
N ALA A 78 -21.73 31.30 -5.37
CA ALA A 78 -22.77 31.14 -6.38
C ALA A 78 -22.35 30.22 -7.51
N PRO A 79 -23.31 29.61 -8.22
CA PRO A 79 -22.94 28.62 -9.23
C PRO A 79 -22.41 29.27 -10.53
N GLY A 80 -21.67 28.48 -11.32
CA GLY A 80 -20.96 29.01 -12.47
C GLY A 80 -21.80 29.39 -13.69
N ARG A 81 -21.08 29.79 -14.75
CA ARG A 81 -21.56 29.78 -16.14
C ARG A 81 -22.19 28.41 -16.40
N ARG A 82 -21.54 27.40 -15.83
CA ARG A 82 -21.85 25.98 -16.03
C ARG A 82 -22.90 25.53 -15.03
N GLY A 83 -23.26 26.45 -14.12
CA GLY A 83 -24.24 26.18 -13.08
C GLY A 83 -23.84 25.07 -12.11
N GLU A 84 -22.62 25.16 -11.57
CA GLU A 84 -22.14 24.12 -10.67
C GLU A 84 -21.74 24.65 -9.31
N VAL A 85 -22.04 23.87 -8.28
CA VAL A 85 -21.54 24.12 -6.92
C VAL A 85 -20.89 22.84 -6.45
N GLN A 86 -20.09 22.95 -5.39
CA GLN A 86 -19.56 21.76 -4.73
C GLN A 86 -20.56 21.20 -3.73
N ASP A 87 -20.26 21.36 -2.44
CA ASP A 87 -21.16 20.90 -1.42
C ASP A 87 -22.35 21.86 -1.28
N LEU A 88 -23.49 21.36 -0.83
CA LEU A 88 -24.66 22.17 -0.60
C LEU A 88 -25.16 21.97 0.82
N TYR A 89 -25.63 23.03 1.46
CA TYR A 89 -26.09 22.95 2.86
C TYR A 89 -27.51 23.39 3.01
N LEU A 90 -28.36 22.50 3.54
CA LEU A 90 -29.71 22.86 4.01
C LEU A 90 -29.58 23.21 5.48
N VAL A 91 -29.98 24.42 5.86
CA VAL A 91 -29.75 24.89 7.21
C VAL A 91 -31.04 25.28 7.89
N GLY A 92 -31.42 24.56 8.94
CA GLY A 92 -32.68 24.84 9.57
C GLY A 92 -32.45 25.61 10.84
N ARG A 93 -33.15 26.74 11.02
CA ARG A 93 -33.16 27.44 12.32
C ARG A 93 -34.45 27.26 13.07
N GLY A 94 -34.88 26.01 13.26
CA GLY A 94 -35.96 25.71 14.20
C GLY A 94 -37.41 25.99 13.80
N ASP A 95 -37.69 26.01 12.51
CA ASP A 95 -39.08 26.10 12.06
C ASP A 95 -39.81 24.79 12.40
N PRO A 96 -40.89 24.86 13.19
CA PRO A 96 -41.55 23.61 13.58
C PRO A 96 -42.62 23.17 12.57
N THR A 97 -42.70 23.87 11.44
CA THR A 97 -43.77 23.71 10.47
C THR A 97 -43.18 23.65 9.06
N LEU A 98 -41.94 23.24 8.92
CA LEU A 98 -41.35 23.05 7.60
C LEU A 98 -41.97 21.85 6.89
N SER A 99 -42.72 22.07 5.83
CA SER A 99 -43.34 20.95 5.13
C SER A 99 -42.44 20.38 4.00
N ALA A 100 -42.83 19.24 3.45
CA ALA A 100 -42.17 18.68 2.27
C ALA A 100 -42.37 19.61 1.07
N GLU A 101 -43.49 20.31 1.04
CA GLU A 101 -43.70 21.30 0.02
C GLU A 101 -42.73 22.46 0.11
N ASP A 102 -42.38 22.87 1.32
CA ASP A 102 -41.38 23.93 1.47
C ASP A 102 -40.00 23.49 0.93
N LEU A 103 -39.64 22.24 1.17
CA LEU A 103 -38.41 21.65 0.64
C LEU A 103 -38.52 21.65 -0.85
N ASP A 104 -39.68 21.33 -1.37
CA ASP A 104 -39.85 21.41 -2.80
C ASP A 104 -39.71 22.84 -3.30
N ALA A 105 -40.39 23.79 -2.66
CA ALA A 105 -40.32 25.16 -3.11
C ALA A 105 -38.90 25.69 -2.98
N MET A 106 -38.14 25.23 -2.00
CA MET A 106 -36.74 25.64 -1.92
C MET A 106 -35.85 24.98 -2.99
N ALA A 107 -36.15 23.73 -3.35
CA ALA A 107 -35.43 23.09 -4.45
C ALA A 107 -35.68 23.81 -5.78
N ALA A 108 -36.91 24.28 -5.99
CA ALA A 108 -37.15 25.06 -7.19
C ALA A 108 -36.30 26.31 -7.19
N GLU A 109 -36.23 27.05 -6.07
CA GLU A 109 -35.34 28.24 -5.97
C GLU A 109 -33.89 27.94 -6.35
N VAL A 110 -33.31 26.93 -5.72
CA VAL A 110 -31.97 26.45 -6.05
C VAL A 110 -31.80 26.19 -7.55
N ALA A 111 -32.80 25.64 -8.19
CA ALA A 111 -32.78 25.48 -9.65
C ALA A 111 -32.93 26.83 -10.38
N ALA A 112 -33.88 27.65 -9.95
CA ALA A 112 -34.07 28.99 -10.54
C ALA A 112 -32.85 29.87 -10.37
N SER A 113 -32.03 29.61 -9.36
CA SER A 113 -30.89 30.47 -9.15
C SER A 113 -29.71 29.98 -9.98
N GLY A 114 -29.95 28.95 -10.78
CA GLY A 114 -28.97 28.51 -11.78
C GLY A 114 -28.09 27.32 -11.45
N VAL A 115 -28.37 26.62 -10.35
CA VAL A 115 -27.69 25.37 -10.06
C VAL A 115 -28.33 24.29 -10.91
N ARG A 116 -27.49 23.51 -11.58
CA ARG A 116 -27.95 22.37 -12.35
C ARG A 116 -27.32 21.10 -11.78
N THR A 117 -26.24 21.27 -11.02
CA THR A 117 -25.51 20.14 -10.44
C THR A 117 -24.87 20.48 -9.12
N VAL A 118 -25.18 19.69 -8.09
CA VAL A 118 -24.38 19.67 -6.87
C VAL A 118 -23.31 18.63 -7.13
N ARG A 119 -22.07 19.10 -7.26
CA ARG A 119 -20.96 18.20 -7.56
C ARG A 119 -20.55 17.45 -6.31
N GLY A 120 -20.60 18.13 -5.17
CA GLY A 120 -20.17 17.52 -3.92
C GLY A 120 -21.29 16.82 -3.21
N ASP A 121 -21.29 16.94 -1.89
CA ASP A 121 -22.26 16.28 -1.04
C ASP A 121 -23.30 17.29 -0.56
N LEU A 122 -24.50 16.81 -0.26
CA LEU A 122 -25.53 17.60 0.40
C LEU A 122 -25.57 17.36 1.92
N TYR A 123 -25.42 18.45 2.69
CA TYR A 123 -25.47 18.36 4.15
C TYR A 123 -26.70 19.00 4.74
N ALA A 124 -27.24 18.35 5.76
CA ALA A 124 -28.34 18.89 6.55
C ALA A 124 -27.77 19.38 7.85
N ASP A 125 -27.90 20.69 8.06
CA ASP A 125 -27.31 21.38 9.17
C ASP A 125 -28.38 21.76 10.17
N ASP A 126 -28.41 21.04 11.29
CA ASP A 126 -29.34 21.40 12.36
C ASP A 126 -28.60 21.90 13.60
N THR A 127 -27.39 22.44 13.39
CA THR A 127 -26.51 22.89 14.49
C THR A 127 -26.99 24.14 15.27
N TRP A 128 -28.05 24.78 14.80
CA TRP A 128 -28.67 25.92 15.50
C TRP A 128 -29.23 25.56 16.90
N PHE A 129 -29.54 24.29 17.10
CA PHE A 129 -29.83 23.75 18.42
C PHE A 129 -28.76 22.70 18.59
N ASP A 130 -28.54 22.24 19.82
CA ASP A 130 -27.65 21.14 20.05
C ASP A 130 -28.25 19.82 19.56
N SER A 131 -27.46 18.75 19.65
CA SER A 131 -27.93 17.46 19.19
C SER A 131 -28.42 16.55 20.31
N GLU A 132 -28.85 17.11 21.43
CA GLU A 132 -29.50 16.30 22.46
C GLU A 132 -30.93 16.10 22.02
N ARG A 133 -31.22 14.92 21.49
CA ARG A 133 -32.48 14.65 20.77
C ARG A 133 -33.69 14.39 21.64
N LEU A 134 -33.47 13.70 22.77
CA LEU A 134 -34.54 13.31 23.69
C LEU A 134 -34.19 13.85 25.06
N VAL A 135 -35.18 14.16 25.89
CA VAL A 135 -34.92 14.56 27.29
C VAL A 135 -34.50 13.34 28.11
N ASP A 136 -33.62 13.56 29.09
CA ASP A 136 -33.05 12.48 29.91
C ASP A 136 -34.06 11.38 30.24
N ASP A 137 -35.07 11.77 31.00
CA ASP A 137 -35.97 10.84 31.64
C ASP A 137 -37.18 10.41 30.77
N TRP A 138 -37.23 10.79 29.49
CA TRP A 138 -38.27 10.30 28.58
C TRP A 138 -38.09 8.78 28.41
N TRP A 139 -39.16 8.03 28.24
CA TRP A 139 -39.11 6.57 28.29
C TRP A 139 -38.67 5.91 26.99
N PRO A 140 -37.61 5.10 27.00
CA PRO A 140 -37.19 4.58 25.68
C PRO A 140 -38.33 3.92 24.92
N GLU A 141 -39.14 3.12 25.58
CA GLU A 141 -40.27 2.43 24.94
C GLU A 141 -41.33 3.29 24.19
N ASP A 142 -41.29 4.60 24.45
CA ASP A 142 -42.16 5.61 23.84
C ASP A 142 -41.58 6.24 22.56
N GLU A 143 -40.32 5.94 22.25
CA GLU A 143 -39.63 6.63 21.17
C GLU A 143 -40.18 6.45 19.72
N PRO A 144 -40.91 5.36 19.45
CA PRO A 144 -41.58 5.19 18.14
C PRO A 144 -42.72 6.16 17.83
N TYR A 145 -43.34 6.78 18.84
CA TYR A 145 -44.59 7.53 18.64
C TYR A 145 -44.42 9.03 18.50
N ALA A 146 -45.29 9.62 17.70
CA ALA A 146 -45.12 11.00 17.25
C ALA A 146 -44.83 12.03 18.35
N TYR A 147 -45.48 11.86 19.50
CA TYR A 147 -45.32 12.84 20.60
C TYR A 147 -43.94 12.74 21.24
N SER A 148 -43.17 11.71 20.86
CA SER A 148 -41.85 11.47 21.44
C SER A 148 -40.73 11.61 20.43
N ALA A 149 -41.03 12.34 19.36
CA ALA A 149 -40.12 12.52 18.27
C ALA A 149 -38.89 13.27 18.73
N GLN A 150 -37.76 12.91 18.12
CA GLN A 150 -36.50 13.56 18.39
C GLN A 150 -36.54 15.02 18.01
N ILE A 151 -35.71 15.79 18.70
CA ILE A 151 -35.74 17.22 18.57
C ILE A 151 -34.56 17.70 17.75
N SER A 152 -34.86 18.49 16.73
CA SER A 152 -33.80 19.04 15.90
C SER A 152 -34.20 20.40 15.40
N ALA A 153 -33.20 21.20 15.01
CA ALA A 153 -33.46 22.51 14.44
C ALA A 153 -33.88 22.33 12.99
N LEU A 154 -33.65 21.14 12.41
CA LEU A 154 -34.04 20.88 11.03
C LEU A 154 -34.88 19.65 11.07
N THR A 155 -36.18 19.89 11.06
CA THR A 155 -37.14 18.82 11.07
C THR A 155 -38.30 19.06 10.08
N VAL A 156 -38.69 17.98 9.39
CA VAL A 156 -39.80 18.07 8.45
C VAL A 156 -41.07 17.80 9.22
N ALA A 157 -42.04 18.71 9.11
CA ALA A 157 -43.30 18.55 9.80
C ALA A 157 -44.34 17.93 8.85
N HIS A 158 -45.02 16.87 9.28
CA HIS A 158 -46.03 16.20 8.42
C HIS A 158 -47.47 16.71 8.67
N GLY A 159 -48.19 16.96 7.58
CA GLY A 159 -49.59 17.35 7.58
C GLY A 159 -49.91 18.72 8.16
N GLU A 160 -51.21 19.05 8.14
CA GLU A 160 -51.75 20.33 8.62
C GLU A 160 -51.62 20.48 10.14
N ARG A 161 -51.34 19.37 10.83
CA ARG A 161 -51.09 19.41 12.27
C ARG A 161 -49.62 19.66 12.60
N PHE A 162 -48.76 19.48 11.59
CA PHE A 162 -47.33 19.75 11.72
C PHE A 162 -46.75 18.90 12.83
N ASP A 163 -46.82 17.58 12.64
CA ASP A 163 -46.18 16.63 13.53
C ASP A 163 -44.76 16.46 13.03
N THR A 164 -43.79 16.91 13.82
CA THR A 164 -42.40 16.94 13.38
C THR A 164 -41.70 15.60 13.55
N GLY A 165 -40.80 15.33 12.60
CA GLY A 165 -39.79 14.31 12.75
C GLY A 165 -40.38 12.95 12.81
N VAL A 166 -41.42 12.76 12.01
CA VAL A 166 -42.10 11.49 11.88
C VAL A 166 -42.35 11.21 10.42
N THR A 167 -42.80 10.00 10.13
CA THR A 167 -43.16 9.65 8.77
C THR A 167 -44.46 8.89 8.88
N GLU A 168 -45.31 8.96 7.87
CA GLU A 168 -46.55 8.19 7.84
C GLU A 168 -46.30 6.81 7.23
N VAL A 169 -46.60 5.79 8.02
CA VAL A 169 -46.53 4.43 7.55
C VAL A 169 -47.96 3.89 7.23
N SER A 170 -48.13 3.21 6.10
CA SER A 170 -49.44 2.74 5.74
C SER A 170 -49.31 1.31 5.30
N VAL A 171 -50.23 0.47 5.78
CA VAL A 171 -50.13 -0.95 5.58
C VAL A 171 -51.43 -1.38 4.98
N THR A 172 -51.32 -1.98 3.81
CA THR A 172 -52.46 -2.34 3.03
C THR A 172 -52.49 -3.86 3.00
N PRO A 173 -53.65 -4.46 3.25
CA PRO A 173 -53.73 -5.92 3.14
C PRO A 173 -53.57 -6.32 1.68
N ALA A 174 -53.13 -7.54 1.41
CA ALA A 174 -53.05 -8.03 0.04
C ALA A 174 -54.06 -9.19 -0.10
N ALA A 175 -53.73 -10.22 -0.87
CA ALA A 175 -54.51 -11.45 -0.84
C ALA A 175 -54.15 -12.24 0.43
N GLU A 176 -55.14 -12.90 1.03
CA GLU A 176 -54.90 -13.77 2.20
C GLU A 176 -53.67 -14.61 2.01
N GLY A 177 -52.74 -14.55 2.95
CA GLY A 177 -51.59 -15.43 2.92
C GLY A 177 -50.35 -14.81 2.31
N GLU A 178 -50.52 -13.72 1.57
CA GLU A 178 -49.39 -12.91 1.13
C GLU A 178 -49.03 -11.80 2.08
N PRO A 179 -47.77 -11.39 2.06
CA PRO A 179 -47.37 -10.32 2.96
C PRO A 179 -48.15 -9.05 2.74
N ALA A 180 -48.44 -8.33 3.81
CA ALA A 180 -49.03 -7.01 3.71
C ALA A 180 -48.08 -6.08 3.00
N ASP A 181 -48.61 -5.15 2.21
CA ASP A 181 -47.78 -4.11 1.66
C ASP A 181 -47.53 -3.04 2.71
N VAL A 182 -46.26 -2.71 2.91
CA VAL A 182 -45.88 -1.61 3.80
C VAL A 182 -45.27 -0.47 3.01
N ASP A 183 -45.87 0.71 3.20
CA ASP A 183 -45.45 1.92 2.55
C ASP A 183 -44.93 2.85 3.64
N LEU A 184 -43.67 3.24 3.53
CA LEU A 184 -42.99 3.93 4.61
C LEU A 184 -43.11 5.43 4.60
N GLY A 185 -43.80 5.98 3.60
CA GLY A 185 -43.96 7.42 3.47
C GLY A 185 -42.65 8.13 3.14
N ALA A 186 -42.52 9.37 3.63
CA ALA A 186 -41.33 10.19 3.42
C ALA A 186 -40.02 9.44 3.69
N ALA A 187 -40.06 8.52 4.64
CA ALA A 187 -38.88 7.82 5.07
C ALA A 187 -38.51 6.68 4.12
N GLU A 188 -39.33 6.41 3.11
CA GLU A 188 -38.89 5.48 2.06
C GLU A 188 -37.49 5.85 1.61
N GLY A 189 -36.60 4.86 1.64
CA GLY A 189 -35.21 5.05 1.25
C GLY A 189 -34.37 5.77 2.27
N TYR A 190 -34.96 6.01 3.44
CA TYR A 190 -34.23 6.56 4.58
C TYR A 190 -34.27 5.56 5.73
N ALA A 191 -35.46 5.29 6.26
CA ALA A 191 -35.63 4.34 7.34
C ALA A 191 -35.67 2.98 6.69
N GLU A 192 -35.15 1.98 7.40
CA GLU A 192 -35.09 0.61 6.92
C GLU A 192 -36.43 -0.10 7.15
N LEU A 193 -36.73 -1.12 6.36
CA LEU A 193 -37.98 -1.85 6.50
C LEU A 193 -37.77 -3.27 6.94
N ASP A 194 -38.39 -3.64 8.04
CA ASP A 194 -38.47 -5.05 8.40
C ASP A 194 -39.92 -5.49 8.40
N ASN A 195 -40.37 -5.92 7.22
CA ASN A 195 -41.75 -6.34 7.06
C ASN A 195 -41.94 -7.83 7.28
N ARG A 196 -42.58 -8.17 8.41
CA ARG A 196 -42.91 -9.54 8.75
C ARG A 196 -44.41 -9.72 8.73
N ALA A 197 -45.15 -8.65 8.48
CA ALA A 197 -46.60 -8.72 8.48
C ALA A 197 -47.17 -9.52 7.30
N VAL A 198 -48.35 -10.10 7.54
CA VAL A 198 -48.98 -10.99 6.59
C VAL A 198 -50.46 -10.59 6.50
N THR A 199 -51.11 -11.01 5.41
CA THR A 199 -52.53 -10.76 5.19
C THR A 199 -53.23 -11.99 5.70
N GLY A 200 -54.11 -11.78 6.68
CA GLY A 200 -54.88 -12.85 7.29
C GLY A 200 -56.11 -13.08 6.45
N ALA A 201 -56.82 -14.14 6.76
CA ALA A 201 -58.06 -14.43 6.06
C ALA A 201 -59.05 -13.30 6.30
N ALA A 202 -59.89 -13.06 5.30
CA ALA A 202 -61.01 -12.12 5.42
C ALA A 202 -61.83 -12.37 6.70
N GLY A 203 -62.03 -11.33 7.50
CA GLY A 203 -62.76 -11.46 8.76
C GLY A 203 -62.00 -12.03 9.96
N SER A 204 -60.72 -12.33 9.80
CA SER A 204 -59.91 -12.80 10.93
C SER A 204 -59.46 -11.61 11.76
N ALA A 205 -58.74 -11.86 12.84
CA ALA A 205 -58.40 -10.81 13.80
C ALA A 205 -57.22 -9.96 13.33
N ASN A 206 -57.32 -8.65 13.59
CA ASN A 206 -56.26 -7.68 13.30
C ASN A 206 -55.18 -7.61 14.40
N THR A 207 -53.99 -8.07 14.10
CA THR A 207 -52.94 -8.13 15.11
C THR A 207 -51.66 -7.38 14.68
N LEU A 208 -51.86 -6.39 13.81
CA LEU A 208 -50.79 -5.65 13.20
C LEU A 208 -50.19 -4.65 14.17
N VAL A 209 -48.87 -4.74 14.31
CA VAL A 209 -48.08 -3.90 15.19
C VAL A 209 -47.04 -3.22 14.30
N ILE A 210 -47.00 -1.90 14.33
CA ILE A 210 -45.91 -1.15 13.70
C ILE A 210 -45.05 -0.52 14.81
N ASP A 211 -43.74 -0.76 14.75
CA ASP A 211 -42.84 -0.37 15.81
C ASP A 211 -41.58 0.16 15.16
N ARG A 212 -40.80 0.93 15.92
CA ARG A 212 -39.39 1.20 15.59
C ARG A 212 -38.52 0.77 16.76
N PRO A 213 -37.86 -0.37 16.62
CA PRO A 213 -37.12 -0.94 17.75
C PRO A 213 -36.11 0.06 18.29
N VAL A 214 -36.04 0.19 19.62
CA VAL A 214 -35.17 1.14 20.29
C VAL A 214 -33.77 1.12 19.70
N GLY A 215 -33.19 2.31 19.52
CA GLY A 215 -31.83 2.44 19.00
C GLY A 215 -31.60 1.99 17.56
N THR A 216 -32.66 1.88 16.78
CA THR A 216 -32.56 1.63 15.33
C THR A 216 -33.30 2.68 14.50
N ASN A 217 -33.01 2.70 13.21
CA ASN A 217 -33.83 3.45 12.25
C ASN A 217 -34.58 2.47 11.37
N THR A 218 -35.13 1.42 11.99
CA THR A 218 -35.87 0.41 11.26
C THR A 218 -37.37 0.41 11.64
N ILE A 219 -38.25 0.47 10.64
CA ILE A 219 -39.66 0.22 10.91
C ILE A 219 -39.96 -1.27 10.89
N ALA A 220 -40.24 -1.83 12.06
CA ALA A 220 -40.48 -3.26 12.10
C ALA A 220 -41.98 -3.51 12.20
N VAL A 221 -42.48 -4.19 11.18
CA VAL A 221 -43.90 -4.44 11.05
C VAL A 221 -44.24 -5.90 11.23
N THR A 222 -45.01 -6.20 12.26
CA THR A 222 -45.36 -7.58 12.57
C THR A 222 -46.86 -7.81 12.65
N GLY A 223 -47.25 -9.08 12.61
CA GLY A 223 -48.65 -9.47 12.82
C GLY A 223 -49.40 -9.74 11.54
N SER A 224 -50.73 -9.67 11.63
CA SER A 224 -51.63 -10.10 10.59
C SER A 224 -52.68 -9.02 10.33
N LEU A 225 -52.83 -8.63 9.06
CA LEU A 225 -53.89 -7.71 8.68
C LEU A 225 -54.96 -8.42 7.84
N PRO A 226 -56.22 -8.34 8.28
CA PRO A 226 -57.34 -9.00 7.64
C PRO A 226 -57.46 -8.58 6.18
N ALA A 227 -57.61 -9.57 5.29
CA ALA A 227 -57.76 -9.30 3.85
C ALA A 227 -58.76 -8.22 3.53
N ASP A 228 -59.69 -7.96 4.44
CA ASP A 228 -60.80 -7.05 4.18
C ASP A 228 -60.73 -5.84 5.06
N ALA A 229 -59.63 -5.68 5.76
CA ALA A 229 -59.49 -4.59 6.69
C ALA A 229 -59.14 -3.34 5.92
N ALA A 230 -59.62 -2.22 6.44
CA ALA A 230 -59.22 -0.93 5.92
C ALA A 230 -57.70 -0.81 6.06
N PRO A 231 -57.03 -0.22 5.05
CA PRO A 231 -55.62 0.16 5.20
C PRO A 231 -55.39 0.92 6.51
N VAL A 232 -54.26 0.63 7.14
CA VAL A 232 -53.88 1.18 8.43
C VAL A 232 -52.79 2.24 8.24
N THR A 233 -53.01 3.47 8.73
CA THR A 233 -51.90 4.46 8.74
C THR A 233 -51.47 4.83 10.16
N ALA A 234 -50.16 5.00 10.35
CA ALA A 234 -49.62 5.30 11.66
C ALA A 234 -48.45 6.27 11.53
N LEU A 235 -48.39 7.27 12.40
CA LEU A 235 -47.22 8.13 12.44
C LEU A 235 -46.12 7.52 13.27
N ARG A 236 -44.97 7.28 12.64
CA ARG A 236 -43.86 6.75 13.40
C ARG A 236 -42.63 7.62 13.25
N THR A 237 -41.97 7.91 14.37
CA THR A 237 -40.78 8.77 14.39
C THR A 237 -39.65 8.09 13.62
N VAL A 238 -38.67 8.88 13.23
CA VAL A 238 -37.45 8.39 12.62
C VAL A 238 -36.27 8.90 13.44
N ASP A 239 -35.15 8.18 13.34
CA ASP A 239 -33.87 8.61 13.89
C ASP A 239 -33.35 9.76 13.04
N GLU A 240 -32.78 10.76 13.70
CA GLU A 240 -32.16 11.92 13.02
C GLU A 240 -33.09 12.66 12.02
N PRO A 241 -34.06 13.43 12.57
CA PRO A 241 -34.95 14.17 11.70
C PRO A 241 -34.21 14.95 10.60
N ALA A 242 -33.11 15.63 10.94
CA ALA A 242 -32.43 16.43 9.92
C ALA A 242 -31.94 15.58 8.72
N ALA A 243 -31.44 14.38 8.99
CA ALA A 243 -31.00 13.51 7.92
C ALA A 243 -32.16 13.08 7.02
N LEU A 244 -33.36 12.97 7.59
CA LEU A 244 -34.53 12.68 6.77
C LEU A 244 -34.89 13.93 5.97
N ALA A 245 -34.82 15.10 6.62
CA ALA A 245 -35.04 16.37 5.92
C ALA A 245 -34.00 16.50 4.77
N GLY A 246 -32.80 15.99 5.01
CA GLY A 246 -31.74 15.98 4.00
C GLY A 246 -32.12 15.08 2.85
N HIS A 247 -32.55 13.88 3.22
CA HIS A 247 -32.98 12.84 2.28
C HIS A 247 -34.06 13.41 1.37
N LEU A 248 -35.06 14.05 1.97
CA LEU A 248 -36.18 14.63 1.24
C LEU A 248 -35.74 15.79 0.35
N PHE A 249 -34.73 16.51 0.78
CA PHE A 249 -34.22 17.60 -0.02
C PHE A 249 -33.50 17.08 -1.28
N GLU A 250 -32.70 16.02 -1.16
CA GLU A 250 -32.05 15.44 -2.34
C GLU A 250 -33.11 15.09 -3.40
N GLU A 251 -34.22 14.53 -2.94
CA GLU A 251 -35.29 14.12 -3.82
C GLU A 251 -36.00 15.33 -4.40
N ALA A 252 -36.14 16.40 -3.63
CA ALA A 252 -36.75 17.62 -4.18
C ALA A 252 -35.81 18.22 -5.22
N LEU A 253 -34.51 18.12 -4.96
CA LEU A 253 -33.53 18.67 -5.87
C LEU A 253 -33.58 17.96 -7.19
N GLU A 254 -33.46 16.62 -7.16
CA GLU A 254 -33.50 15.79 -8.38
C GLU A 254 -34.82 16.05 -9.07
N SER A 255 -35.86 16.28 -8.27
CA SER A 255 -37.15 16.50 -8.85
C SER A 255 -37.17 17.83 -9.60
N ASN A 256 -36.51 18.85 -9.08
CA ASN A 256 -36.45 20.15 -9.75
C ASN A 256 -35.26 20.31 -10.70
N GLY A 257 -34.76 19.18 -11.23
CA GLY A 257 -33.75 19.16 -12.30
C GLY A 257 -32.33 19.42 -11.85
N VAL A 258 -32.05 19.17 -10.57
CA VAL A 258 -30.73 19.40 -10.00
C VAL A 258 -30.15 18.10 -9.58
N THR A 259 -29.06 17.69 -10.22
CA THR A 259 -28.43 16.40 -9.94
C THR A 259 -27.43 16.49 -8.81
N VAL A 260 -27.63 15.70 -7.77
CA VAL A 260 -26.69 15.62 -6.64
C VAL A 260 -25.78 14.42 -6.83
N LYS A 261 -24.48 14.64 -7.01
CA LYS A 261 -23.53 13.52 -7.27
C LYS A 261 -22.91 12.90 -6.00
N GLY A 262 -23.09 13.55 -4.85
CA GLY A 262 -22.42 13.08 -3.63
C GLY A 262 -23.30 12.33 -2.65
N ASP A 263 -22.92 12.36 -1.39
CA ASP A 263 -23.71 11.70 -0.36
C ASP A 263 -24.59 12.72 0.33
N VAL A 264 -25.55 12.21 1.10
CA VAL A 264 -26.39 13.03 1.97
C VAL A 264 -26.04 12.65 3.41
N GLY A 265 -25.88 13.66 4.27
CA GLY A 265 -25.44 13.45 5.64
C GLY A 265 -25.56 14.71 6.49
N LEU A 266 -25.26 14.61 7.78
CA LEU A 266 -25.27 15.77 8.68
C LEU A 266 -23.96 16.55 8.56
N GLY A 267 -24.06 17.86 8.76
CA GLY A 267 -22.89 18.71 8.66
C GLY A 267 -23.31 20.14 8.78
N GLY A 268 -22.45 20.93 9.42
CA GLY A 268 -22.68 22.35 9.62
C GLY A 268 -21.87 23.11 8.59
N VAL A 269 -22.38 24.27 8.21
CA VAL A 269 -21.71 25.15 7.25
C VAL A 269 -20.29 25.33 7.79
N PRO A 270 -19.26 25.04 6.96
CA PRO A 270 -17.92 25.17 7.54
C PRO A 270 -17.61 26.59 8.00
N ALA A 271 -16.76 26.67 9.01
CA ALA A 271 -16.31 27.95 9.57
C ALA A 271 -15.52 28.75 8.51
N ASP A 272 -14.76 28.03 7.69
CA ASP A 272 -13.86 28.65 6.71
C ASP A 272 -14.59 29.19 5.47
N TRP A 273 -15.92 29.26 5.54
CA TRP A 273 -16.73 29.84 4.47
C TRP A 273 -16.84 31.34 4.67
N GLN A 274 -16.33 32.08 3.69
CA GLN A 274 -16.14 33.53 3.79
C GLN A 274 -17.45 34.30 3.79
N ASP A 275 -18.27 33.98 2.82
CA ASP A 275 -19.46 34.72 2.47
C ASP A 275 -20.29 33.70 1.71
N ALA A 276 -21.04 32.91 2.47
CA ALA A 276 -21.86 31.84 1.90
C ALA A 276 -22.87 32.38 0.90
N GLU A 277 -23.14 31.60 -0.15
CA GLU A 277 -24.18 31.98 -1.08
C GLU A 277 -25.56 31.39 -0.71
N VAL A 278 -26.46 32.22 -0.21
CA VAL A 278 -27.79 31.75 0.12
C VAL A 278 -28.52 31.64 -1.20
N LEU A 279 -28.81 30.39 -1.58
CA LEU A 279 -29.40 30.06 -2.88
C LEU A 279 -30.92 29.80 -2.76
N ALA A 280 -31.39 29.67 -1.53
CA ALA A 280 -32.83 29.60 -1.28
C ALA A 280 -33.13 29.86 0.19
N ASP A 281 -34.34 30.33 0.46
CA ASP A 281 -34.79 30.48 1.85
C ASP A 281 -36.29 30.26 1.98
N HIS A 282 -36.69 29.85 3.18
CA HIS A 282 -38.10 29.81 3.53
C HIS A 282 -38.34 30.50 4.87
N THR A 283 -39.45 31.19 4.99
CA THR A 283 -39.82 31.80 6.23
C THR A 283 -41.12 31.15 6.66
N SER A 284 -41.17 30.73 7.93
CA SER A 284 -42.38 30.16 8.50
C SER A 284 -43.43 31.26 8.66
N ALA A 285 -44.64 30.87 9.04
CA ALA A 285 -45.64 31.81 9.52
C ALA A 285 -45.23 32.25 10.93
N GLU A 286 -45.96 33.21 11.49
CA GLU A 286 -45.52 33.84 12.71
C GLU A 286 -45.96 33.02 13.90
N LEU A 287 -45.28 33.23 15.02
CA LEU A 287 -45.58 32.48 16.22
C LEU A 287 -47.05 32.50 16.57
N SER A 288 -47.73 33.65 16.43
CA SER A 288 -49.15 33.73 16.79
C SER A 288 -49.98 32.67 16.06
N GLU A 289 -49.61 32.44 14.82
CA GLU A 289 -50.29 31.51 13.96
C GLU A 289 -49.85 30.09 14.27
N ILE A 290 -48.59 29.91 14.65
CA ILE A 290 -48.10 28.57 14.95
C ILE A 290 -48.69 28.03 16.26
N LEU A 291 -49.07 28.93 17.16
CA LEU A 291 -49.63 28.52 18.47
C LEU A 291 -50.86 27.66 18.35
N VAL A 292 -51.58 27.85 17.24
CA VAL A 292 -52.84 27.14 17.01
C VAL A 292 -52.63 25.62 16.97
N PRO A 293 -51.91 25.09 15.96
CA PRO A 293 -51.71 23.62 15.95
C PRO A 293 -50.90 23.09 17.14
N PHE A 294 -50.00 23.91 17.65
CA PHE A 294 -49.21 23.54 18.79
C PHE A 294 -50.13 23.32 20.01
N MET A 295 -50.89 24.35 20.37
CA MET A 295 -51.71 24.28 21.56
C MET A 295 -53.01 23.49 21.35
N LYS A 296 -53.72 23.66 20.24
CA LYS A 296 -54.97 22.87 19.98
C LYS A 296 -54.77 21.36 20.06
N PHE A 297 -53.62 20.88 19.61
CA PHE A 297 -53.38 19.44 19.54
C PHE A 297 -52.25 18.97 20.46
N SER A 298 -51.65 19.90 21.20
CA SER A 298 -50.66 19.50 22.20
C SER A 298 -49.45 18.87 21.47
N ASN A 299 -48.82 19.65 20.60
CA ASN A 299 -47.65 19.17 19.87
C ASN A 299 -46.41 19.25 20.75
N ASN A 300 -45.82 18.09 21.05
CA ASN A 300 -44.61 17.99 21.91
C ASN A 300 -43.32 18.49 21.20
N GLY A 301 -43.15 18.14 19.93
CA GLY A 301 -42.06 18.71 19.11
C GLY A 301 -42.04 20.23 19.16
N HIS A 302 -43.21 20.84 18.95
CA HIS A 302 -43.29 22.31 18.91
C HIS A 302 -42.83 22.86 20.24
N ALA A 303 -43.24 22.19 21.32
CA ALA A 303 -42.90 22.69 22.66
C ALA A 303 -41.38 22.72 22.88
N GLU A 304 -40.73 21.57 22.69
CA GLU A 304 -39.29 21.52 22.92
C GLU A 304 -38.54 22.51 22.02
N MET A 305 -38.87 22.53 20.74
CA MET A 305 -38.29 23.49 19.81
C MET A 305 -38.48 24.91 20.28
N LEU A 306 -39.64 25.24 20.83
CA LEU A 306 -39.82 26.59 21.35
C LEU A 306 -38.84 26.85 22.49
N VAL A 307 -38.67 25.84 23.34
CA VAL A 307 -37.74 25.96 24.44
C VAL A 307 -36.33 26.25 23.87
N LYS A 308 -35.85 25.34 23.03
CA LYS A 308 -34.54 25.54 22.46
C LYS A 308 -34.44 26.89 21.71
N SER A 309 -35.46 27.28 20.95
CA SER A 309 -35.53 28.64 20.40
C SER A 309 -35.41 29.77 21.42
N ILE A 310 -35.95 29.56 22.62
CA ILE A 310 -35.84 30.57 23.68
C ILE A 310 -34.40 30.61 24.12
N GLY A 311 -33.77 29.42 24.19
CA GLY A 311 -32.35 29.31 24.59
C GLY A 311 -31.50 30.09 23.63
N GLN A 312 -31.79 29.89 22.34
CA GLN A 312 -31.21 30.74 21.29
C GLN A 312 -31.43 32.22 21.47
N GLU A 313 -32.66 32.66 21.72
CA GLU A 313 -32.85 34.12 21.89
C GLU A 313 -32.15 34.71 23.12
N THR A 314 -32.20 34.01 24.24
CA THR A 314 -31.74 34.60 25.47
C THR A 314 -30.25 34.43 25.66
N ALA A 315 -29.62 33.59 24.86
CA ALA A 315 -28.26 33.14 25.16
C ALA A 315 -27.52 32.54 23.97
N GLY A 316 -28.14 32.58 22.80
CA GLY A 316 -27.54 31.94 21.63
C GLY A 316 -27.10 30.53 21.99
N ALA A 317 -27.99 29.77 22.65
CA ALA A 317 -27.73 28.39 23.01
C ALA A 317 -29.02 27.63 22.82
N GLY A 318 -29.11 26.81 21.77
CA GLY A 318 -30.34 26.08 21.43
C GLY A 318 -30.33 24.81 22.22
N THR A 319 -30.76 24.91 23.47
CA THR A 319 -30.42 23.96 24.51
C THR A 319 -31.53 23.91 25.54
N TRP A 320 -31.72 22.73 26.14
CA TRP A 320 -32.70 22.59 27.17
C TRP A 320 -32.30 23.37 28.42
N ASP A 321 -31.05 23.23 28.84
CA ASP A 321 -30.59 23.90 30.06
C ASP A 321 -30.81 25.39 29.95
N ALA A 322 -30.39 25.91 28.80
CA ALA A 322 -30.49 27.32 28.48
C ALA A 322 -31.94 27.73 28.30
N GLY A 323 -32.72 26.94 27.58
CA GLY A 323 -34.11 27.33 27.33
C GLY A 323 -35.05 27.28 28.54
N LEU A 324 -34.81 26.33 29.44
CA LEU A 324 -35.66 26.18 30.58
C LEU A 324 -35.49 27.35 31.55
N VAL A 325 -34.24 27.71 31.83
CA VAL A 325 -33.93 28.94 32.54
C VAL A 325 -34.60 30.12 31.85
N GLY A 326 -34.45 30.20 30.52
CA GLY A 326 -35.21 31.17 29.73
C GLY A 326 -36.71 31.23 30.02
N VAL A 327 -37.37 30.08 30.11
CA VAL A 327 -38.80 30.01 30.40
C VAL A 327 -39.12 30.55 31.80
N GLU A 328 -38.35 30.09 32.78
CA GLU A 328 -38.53 30.48 34.18
C GLU A 328 -38.32 31.99 34.34
N GLU A 329 -37.26 32.52 33.70
CA GLU A 329 -37.01 33.96 33.67
C GLU A 329 -38.18 34.72 33.05
N ALA A 330 -38.55 34.34 31.83
CA ALA A 330 -39.70 34.96 31.22
C ALA A 330 -40.93 34.97 32.15
N LEU A 331 -41.27 33.83 32.73
CA LEU A 331 -42.44 33.75 33.61
C LEU A 331 -42.37 34.69 34.81
N SER A 332 -41.18 34.81 35.41
CA SER A 332 -40.95 35.77 36.48
C SER A 332 -41.21 37.17 35.96
N GLY A 333 -40.69 37.44 34.75
CA GLY A 333 -40.83 38.75 34.14
C GLY A 333 -42.28 39.12 34.00
N LEU A 334 -43.10 38.09 33.97
CA LEU A 334 -44.53 38.19 33.74
C LEU A 334 -45.27 38.53 35.03
N GLY A 335 -44.69 38.13 36.16
CA GLY A 335 -45.27 38.39 37.45
C GLY A 335 -45.63 37.10 38.17
N VAL A 336 -45.27 35.98 37.55
CA VAL A 336 -45.63 34.64 38.06
C VAL A 336 -44.65 34.25 39.14
N ASP A 337 -45.16 33.76 40.26
CA ASP A 337 -44.30 33.19 41.29
C ASP A 337 -43.86 31.78 40.86
N THR A 338 -42.59 31.59 40.55
CA THR A 338 -42.22 30.27 40.05
C THR A 338 -41.61 29.37 41.14
N ALA A 339 -41.81 29.72 42.41
CA ALA A 339 -41.49 28.82 43.52
C ALA A 339 -41.80 27.31 43.26
N GLY A 340 -43.06 26.98 43.03
CA GLY A 340 -43.49 25.59 43.00
C GLY A 340 -43.12 24.87 41.71
N LEU A 341 -42.61 25.61 40.73
CA LEU A 341 -42.36 25.07 39.42
C LEU A 341 -41.05 24.37 39.35
N VAL A 342 -41.05 23.17 38.80
CA VAL A 342 -39.82 22.51 38.46
C VAL A 342 -39.98 22.20 37.00
N LEU A 343 -39.04 22.75 36.22
CA LEU A 343 -39.07 22.69 34.77
C LEU A 343 -38.04 21.67 34.27
N ASN A 344 -38.49 20.65 33.54
CA ASN A 344 -37.60 19.65 32.98
C ASN A 344 -37.79 19.51 31.50
N ASP A 345 -38.85 20.13 30.98
CA ASP A 345 -39.04 20.21 29.53
C ASP A 345 -40.16 21.18 29.19
N GLY A 346 -40.34 21.44 27.90
CA GLY A 346 -41.35 22.40 27.46
C GLY A 346 -42.71 21.76 27.28
N SER A 347 -42.71 20.47 26.90
CA SER A 347 -43.93 19.78 26.47
C SER A 347 -44.75 19.21 27.61
N GLY A 348 -44.09 18.80 28.67
CA GLY A 348 -44.76 18.09 29.74
C GLY A 348 -44.61 16.58 29.62
N LEU A 349 -44.00 16.09 28.54
CA LEU A 349 -43.83 14.67 28.41
C LEU A 349 -43.08 14.15 29.64
N SER A 350 -42.13 14.94 30.15
CA SER A 350 -41.25 14.50 31.22
C SER A 350 -41.95 14.37 32.58
N ARG A 351 -41.65 13.27 33.28
CA ARG A 351 -42.14 13.03 34.63
C ARG A 351 -41.34 13.76 35.70
N GLY A 352 -40.30 14.48 35.24
CA GLY A 352 -39.53 15.37 36.11
C GLY A 352 -40.18 16.75 36.26
N ASN A 353 -41.29 17.00 35.59
CA ASN A 353 -41.92 18.31 35.71
C ASN A 353 -42.78 18.43 36.98
N LEU A 354 -42.87 19.60 37.57
CA LEU A 354 -43.81 19.77 38.67
C LEU A 354 -44.45 21.11 38.52
N VAL A 355 -45.76 21.16 38.73
CA VAL A 355 -46.47 22.45 38.90
C VAL A 355 -47.29 22.41 40.19
N THR A 356 -47.96 23.52 40.48
CA THR A 356 -49.01 23.52 41.47
C THR A 356 -50.22 24.15 40.78
N ALA A 357 -51.41 23.84 41.27
CA ALA A 357 -52.58 24.46 40.70
C ALA A 357 -52.62 26.01 40.87
N ASP A 358 -52.15 26.51 42.01
CA ASP A 358 -51.99 27.97 42.24
C ASP A 358 -51.11 28.62 41.19
N THR A 359 -50.01 27.95 40.86
CA THR A 359 -49.10 28.55 39.89
C THR A 359 -49.80 28.63 38.55
N VAL A 360 -50.50 27.56 38.18
CA VAL A 360 -51.16 27.53 36.90
C VAL A 360 -52.12 28.72 36.81
N VAL A 361 -52.99 28.84 37.81
CA VAL A 361 -53.96 29.93 37.86
C VAL A 361 -53.25 31.28 37.85
N ASP A 362 -52.20 31.38 38.65
CA ASP A 362 -51.31 32.53 38.61
C ASP A 362 -50.97 32.90 37.15
N LEU A 363 -50.44 31.92 36.40
CA LEU A 363 -50.05 32.13 35.00
C LEU A 363 -51.25 32.56 34.17
N LEU A 364 -52.38 31.90 34.41
CA LEU A 364 -53.58 32.21 33.67
C LEU A 364 -53.95 33.66 33.86
N GLY A 365 -53.80 34.14 35.09
CA GLY A 365 -54.07 35.55 35.41
C GLY A 365 -53.16 36.50 34.63
N GLN A 366 -51.85 36.25 34.71
CA GLN A 366 -50.86 37.13 34.08
C GLN A 366 -51.00 37.12 32.58
N ALA A 367 -51.15 35.93 32.00
CA ALA A 367 -51.32 35.85 30.56
C ALA A 367 -52.53 36.66 30.08
N GLY A 368 -53.59 36.71 30.89
CA GLY A 368 -54.80 37.51 30.59
C GLY A 368 -54.57 39.00 30.35
N SER A 369 -53.61 39.60 31.03
CA SER A 369 -53.36 41.05 30.87
C SER A 369 -52.09 41.38 30.10
N ALA A 370 -51.46 40.33 29.54
CA ALA A 370 -50.30 40.51 28.68
C ALA A 370 -50.76 41.05 27.35
N PRO A 371 -49.88 41.80 26.64
CA PRO A 371 -50.34 42.36 25.39
C PRO A 371 -50.72 41.28 24.38
N TRP A 372 -50.14 40.07 24.51
CA TRP A 372 -50.41 38.96 23.57
C TRP A 372 -51.54 38.03 24.06
N ALA A 373 -52.34 38.52 25.01
CA ALA A 373 -53.48 37.77 25.56
C ALA A 373 -54.36 37.04 24.53
N GLN A 374 -54.80 37.77 23.51
CA GLN A 374 -55.78 37.23 22.55
C GLN A 374 -55.32 36.06 21.69
N THR A 375 -54.11 36.18 21.15
CA THR A 375 -53.45 35.19 20.32
C THR A 375 -53.13 33.96 21.20
N TRP A 376 -53.10 34.22 22.51
CA TRP A 376 -52.83 33.21 23.52
C TRP A 376 -54.09 32.41 23.77
N SER A 377 -55.21 33.06 24.05
CA SER A 377 -56.44 32.28 24.27
C SER A 377 -56.94 31.65 22.98
N ALA A 378 -56.71 32.33 21.87
CA ALA A 378 -57.14 31.80 20.58
C ALA A 378 -56.53 30.43 20.35
N SER A 379 -55.34 30.20 20.91
CA SER A 379 -54.64 28.92 20.76
C SER A 379 -55.23 27.74 21.58
N LEU A 380 -55.92 28.06 22.67
CA LEU A 380 -56.49 27.05 23.54
C LEU A 380 -57.72 26.36 22.91
N PRO A 381 -57.85 25.05 23.12
CA PRO A 381 -59.06 24.29 22.80
C PRO A 381 -60.29 24.95 23.37
N VAL A 382 -61.36 24.95 22.59
CA VAL A 382 -62.65 25.43 23.02
C VAL A 382 -63.56 24.21 23.17
N ALA A 383 -64.12 24.06 24.36
CA ALA A 383 -64.92 22.86 24.70
C ALA A 383 -66.01 22.52 23.68
N GLY A 384 -66.04 21.25 23.27
CA GLY A 384 -67.12 20.73 22.44
C GLY A 384 -67.24 21.32 21.04
N GLU A 385 -66.19 21.98 20.57
CA GLU A 385 -66.18 22.51 19.22
C GLU A 385 -65.67 21.46 18.24
N SER A 386 -66.45 21.14 17.23
CA SER A 386 -66.19 19.91 16.47
C SER A 386 -65.17 20.06 15.35
N ASP A 387 -64.95 21.30 14.87
CA ASP A 387 -63.84 21.64 13.97
C ASP A 387 -62.54 21.46 14.72
N PRO A 388 -61.74 20.45 14.32
CA PRO A 388 -60.52 20.11 15.06
C PRO A 388 -59.60 21.31 15.38
N PHE A 389 -59.43 22.25 14.46
CA PHE A 389 -58.56 23.40 14.72
C PHE A 389 -59.19 24.42 15.66
N VAL A 390 -60.40 24.12 16.15
CA VAL A 390 -61.06 24.98 17.11
C VAL A 390 -61.19 24.20 18.43
N GLY A 391 -61.68 22.97 18.34
CA GLY A 391 -61.93 22.14 19.50
C GLY A 391 -60.69 21.46 20.03
N GLY A 392 -59.76 21.11 19.14
CA GLY A 392 -58.52 20.46 19.55
C GLY A 392 -58.82 19.26 20.42
N THR A 393 -58.03 19.08 21.48
CA THR A 393 -58.24 17.95 22.36
C THR A 393 -59.54 18.04 23.20
N LEU A 394 -60.28 19.15 23.08
CA LEU A 394 -61.57 19.25 23.76
C LEU A 394 -62.76 19.09 22.82
N ALA A 395 -62.48 18.73 21.56
CA ALA A 395 -63.51 18.65 20.50
C ALA A 395 -64.71 17.78 20.89
N ASN A 396 -64.44 16.63 21.51
CA ASN A 396 -65.49 15.68 21.87
C ASN A 396 -65.73 15.59 23.38
N ARG A 397 -65.53 16.70 24.08
CA ARG A 397 -65.86 16.74 25.49
C ARG A 397 -66.83 17.88 25.74
N MET A 398 -67.75 17.68 26.68
CA MET A 398 -68.68 18.73 27.14
C MET A 398 -69.68 19.26 26.11
N ARG A 399 -69.86 18.55 24.99
CA ARG A 399 -70.88 18.97 24.01
C ARG A 399 -72.27 19.02 24.68
N GLY A 400 -73.13 19.92 24.25
CA GLY A 400 -74.46 20.05 24.82
C GLY A 400 -74.46 20.47 26.28
N THR A 401 -73.43 21.20 26.72
CA THR A 401 -73.39 21.70 28.10
C THR A 401 -73.05 23.18 28.13
N ALA A 402 -73.31 23.84 29.26
CA ALA A 402 -72.99 25.26 29.38
C ALA A 402 -71.54 25.58 28.99
N ALA A 403 -70.66 24.60 29.10
CA ALA A 403 -69.25 24.78 28.79
C ALA A 403 -68.98 24.82 27.27
N GLU A 404 -69.88 24.25 26.47
CA GLU A 404 -69.70 24.19 25.03
C GLU A 404 -69.56 25.57 24.38
N GLY A 405 -68.44 25.78 23.69
CA GLY A 405 -68.19 27.06 23.00
C GLY A 405 -67.63 28.16 23.89
N VAL A 406 -67.60 27.92 25.19
CA VAL A 406 -67.25 28.94 26.16
C VAL A 406 -65.91 28.64 26.84
N VAL A 407 -65.83 27.46 27.47
CA VAL A 407 -64.61 27.07 28.19
C VAL A 407 -63.41 26.89 27.23
N GLU A 408 -62.33 27.59 27.53
CA GLU A 408 -61.07 27.49 26.81
C GLU A 408 -60.07 26.91 27.81
N ALA A 409 -59.55 25.72 27.54
CA ALA A 409 -58.62 25.11 28.48
C ALA A 409 -57.62 24.16 27.83
N LYS A 410 -56.51 23.90 28.53
CA LYS A 410 -55.53 22.98 27.99
C LYS A 410 -55.63 21.69 28.76
N THR A 411 -55.44 20.58 28.06
CA THR A 411 -55.54 19.26 28.60
C THR A 411 -54.18 18.67 28.92
N GLY A 412 -54.18 17.51 29.57
CA GLY A 412 -52.93 16.94 30.02
C GLY A 412 -53.22 15.55 30.45
N THR A 413 -52.61 14.57 29.80
CA THR A 413 -52.85 13.18 30.17
C THR A 413 -51.63 12.27 29.92
N MET A 414 -51.31 11.45 30.93
CA MET A 414 -50.51 10.21 30.78
C MET A 414 -50.88 9.27 31.94
N SER A 415 -50.26 8.08 32.08
CA SER A 415 -50.55 7.23 33.25
C SER A 415 -50.64 8.06 34.53
N GLY A 416 -51.75 7.95 35.24
CA GLY A 416 -51.91 8.54 36.57
C GLY A 416 -51.72 10.05 36.66
N VAL A 417 -51.90 10.73 35.52
CA VAL A 417 -51.87 12.19 35.44
C VAL A 417 -52.86 12.67 34.40
N SER A 418 -53.68 13.64 34.80
CA SER A 418 -54.64 14.28 33.94
C SER A 418 -54.76 15.69 34.48
N ALA A 419 -55.03 16.64 33.59
CA ALA A 419 -55.10 18.03 33.96
C ALA A 419 -55.98 18.76 32.98
N LEU A 420 -56.64 19.81 33.48
CA LEU A 420 -57.47 20.68 32.67
C LEU A 420 -57.40 22.05 33.31
N SER A 421 -56.97 23.06 32.56
CA SER A 421 -56.86 24.42 33.10
C SER A 421 -57.09 25.44 32.02
N GLY A 422 -57.80 26.51 32.36
CA GLY A 422 -58.07 27.55 31.43
C GLY A 422 -59.10 28.52 31.94
N TYR A 423 -59.94 28.97 31.02
CA TYR A 423 -60.86 30.03 31.33
C TYR A 423 -62.33 29.66 31.18
N VAL A 424 -63.14 30.32 32.00
CA VAL A 424 -64.59 30.37 31.83
C VAL A 424 -64.99 31.85 31.78
N PRO A 425 -65.35 32.36 30.59
CA PRO A 425 -65.80 33.75 30.53
C PRO A 425 -67.29 33.87 30.80
N GLY A 426 -67.77 35.05 31.15
CA GLY A 426 -69.23 35.22 31.17
C GLY A 426 -69.92 36.47 31.68
N PRO A 427 -71.26 36.49 31.55
CA PRO A 427 -72.23 37.39 32.22
C PRO A 427 -71.85 37.71 33.67
N GLU A 428 -70.94 36.95 34.25
CA GLU A 428 -70.38 37.28 35.56
C GLU A 428 -68.97 37.91 35.39
N GLY A 429 -67.91 37.11 35.56
CA GLY A 429 -66.52 37.53 35.24
C GLY A 429 -65.81 36.49 34.39
N GLU A 430 -64.57 36.78 33.97
CA GLU A 430 -63.71 35.80 33.29
C GLU A 430 -63.00 34.96 34.36
N LEU A 431 -63.35 33.68 34.43
CA LEU A 431 -62.82 32.79 35.45
C LEU A 431 -61.60 32.05 34.97
N ALA A 432 -60.59 31.93 35.82
CA ALA A 432 -59.44 31.09 35.54
C ALA A 432 -59.48 29.90 36.49
N PHE A 433 -59.37 28.69 35.96
CA PHE A 433 -59.35 27.51 36.81
C PHE A 433 -58.22 26.58 36.42
N SER A 434 -57.77 25.77 37.37
CA SER A 434 -56.81 24.68 37.15
C SER A 434 -57.20 23.43 37.93
N ILE A 435 -57.20 22.30 37.22
CA ILE A 435 -57.51 21.00 37.81
C ILE A 435 -56.38 20.06 37.43
N VAL A 436 -55.62 19.63 38.44
CA VAL A 436 -54.54 18.68 38.20
C VAL A 436 -54.69 17.44 39.10
N ASN A 437 -54.81 16.28 38.46
CA ASN A 437 -55.03 15.04 39.17
C ASN A 437 -53.81 14.18 38.99
N ASN A 438 -53.36 13.61 40.11
CA ASN A 438 -52.20 12.77 40.14
C ASN A 438 -52.54 11.54 40.97
N GLY A 439 -52.19 10.35 40.46
CA GLY A 439 -52.22 9.14 41.29
C GLY A 439 -53.48 8.29 41.23
N HIS A 440 -54.51 8.75 40.52
CA HIS A 440 -55.62 7.90 40.16
C HIS A 440 -55.10 6.62 39.52
N SER A 441 -55.87 5.55 39.60
CA SER A 441 -55.36 4.28 39.09
C SER A 441 -56.04 3.82 37.80
N GLY A 442 -57.30 4.16 37.60
CA GLY A 442 -58.00 3.75 36.39
C GLY A 442 -57.72 4.67 35.22
N PRO A 443 -58.76 4.94 34.42
CA PRO A 443 -58.78 5.99 33.38
C PRO A 443 -58.66 7.41 33.91
N ALA A 444 -58.11 8.31 33.10
CA ALA A 444 -58.08 9.72 33.47
C ALA A 444 -59.48 10.20 33.89
N PRO A 445 -59.58 10.98 34.99
CA PRO A 445 -60.88 11.41 35.49
C PRO A 445 -61.52 12.53 34.66
N LEU A 446 -61.77 12.26 33.38
CA LEU A 446 -62.23 13.29 32.44
C LEU A 446 -63.64 13.81 32.76
N ALA A 447 -64.52 12.89 33.16
CA ALA A 447 -65.86 13.23 33.60
C ALA A 447 -65.84 14.18 34.78
N VAL A 448 -64.89 13.94 35.68
CA VAL A 448 -64.73 14.74 36.89
C VAL A 448 -64.33 16.18 36.55
N GLN A 449 -63.33 16.31 35.68
CA GLN A 449 -62.91 17.62 35.15
C GLN A 449 -64.04 18.31 34.38
N ASP A 450 -64.69 17.59 33.47
CA ASP A 450 -65.86 18.12 32.78
C ASP A 450 -66.86 18.72 33.77
N ALA A 451 -67.23 17.96 34.79
CA ALA A 451 -68.25 18.40 35.75
C ALA A 451 -67.89 19.74 36.34
N ILE A 452 -66.64 19.86 36.78
CA ILE A 452 -66.19 21.11 37.34
C ILE A 452 -66.31 22.21 36.28
N ALA A 453 -65.72 21.99 35.11
CA ALA A 453 -65.72 22.99 34.02
C ALA A 453 -67.13 23.48 33.74
N VAL A 454 -68.04 22.52 33.60
CA VAL A 454 -69.44 22.78 33.31
C VAL A 454 -70.12 23.61 34.42
N ARG A 455 -69.96 23.21 35.69
CA ARG A 455 -70.51 23.98 36.82
C ARG A 455 -69.99 25.40 36.95
N LEU A 456 -68.76 25.62 36.50
CA LEU A 456 -68.17 26.95 36.48
C LEU A 456 -68.77 27.79 35.36
N ALA A 457 -69.01 27.15 34.21
CA ALA A 457 -69.74 27.74 33.11
C ALA A 457 -71.14 28.15 33.56
N GLU A 458 -71.83 27.26 34.28
CA GLU A 458 -73.15 27.56 34.83
C GLU A 458 -73.06 28.66 35.90
N TYR A 459 -72.02 28.65 36.71
CA TYR A 459 -71.84 29.67 37.73
C TYR A 459 -71.58 31.03 37.12
N ALA A 460 -70.85 31.05 36.01
CA ALA A 460 -70.62 32.30 35.25
C ALA A 460 -71.84 32.72 34.40
N GLY A 461 -72.91 31.93 34.49
CA GLY A 461 -74.19 32.25 33.88
C GLY A 461 -74.33 31.75 32.45
N HIS A 462 -73.91 30.51 32.22
CA HIS A 462 -74.11 29.89 30.91
C HIS A 462 -75.11 28.75 30.98
N GLN A 463 -75.64 28.37 29.83
CA GLN A 463 -76.60 27.28 29.70
C GLN A 463 -76.25 26.40 28.51
N ALA A 464 -76.46 25.10 28.67
CA ALA A 464 -76.28 24.11 27.62
C ALA A 464 -77.04 24.50 26.34
N PRO A 465 -76.32 24.61 25.21
CA PRO A 465 -77.06 24.78 23.98
C PRO A 465 -77.87 23.52 23.64
N GLU A 466 -79.15 23.72 23.33
CA GLU A 466 -79.97 22.69 22.72
C GLU A 466 -80.25 23.13 21.27
N ARG B 1 24.28 8.16 -9.05
CA ARG B 1 23.34 7.49 -8.11
C ARG B 1 22.45 8.49 -7.36
N LEU B 2 21.23 8.03 -7.08
CA LEU B 2 20.19 8.75 -6.33
C LEU B 2 20.66 9.22 -4.94
N THR B 3 21.30 8.34 -4.17
CA THR B 3 21.72 8.68 -2.81
C THR B 3 22.92 9.62 -2.78
N GLU B 4 23.60 9.78 -3.91
CA GLU B 4 24.65 10.79 -4.04
C GLU B 4 24.02 12.18 -4.18
N LEU B 5 22.93 12.24 -4.93
CA LEU B 5 22.13 13.46 -5.02
C LEU B 5 21.62 13.83 -3.64
N ARG B 6 21.09 12.85 -2.93
CA ARG B 6 20.52 13.06 -1.61
C ARG B 6 21.49 13.65 -0.58
N GLU B 7 22.74 13.20 -0.58
CA GLU B 7 23.72 13.76 0.37
C GLU B 7 24.17 15.15 -0.05
N ASP B 8 24.32 15.37 -1.36
CA ASP B 8 24.71 16.69 -1.88
C ASP B 8 23.72 17.79 -1.55
N ILE B 9 22.42 17.49 -1.67
CA ILE B 9 21.37 18.45 -1.32
C ILE B 9 21.38 18.68 0.19
N ASP B 10 21.29 17.59 0.96
CA ASP B 10 21.44 17.66 2.41
C ASP B 10 22.53 18.65 2.80
N ALA B 11 23.70 18.50 2.17
CA ALA B 11 24.91 19.31 2.48
C ALA B 11 24.70 20.79 2.23
N ILE B 12 24.03 21.09 1.11
CA ILE B 12 23.73 22.45 0.74
C ILE B 12 22.75 23.01 1.74
N LEU B 13 21.82 22.17 2.19
CA LEU B 13 20.81 22.59 3.15
C LEU B 13 21.39 22.93 4.51
N GLU B 14 22.62 22.48 4.74
CA GLU B 14 23.40 22.85 5.91
C GLU B 14 24.21 24.08 5.58
N ASP B 15 23.55 25.22 5.44
CA ASP B 15 24.19 26.43 4.96
C ASP B 15 23.88 27.45 6.03
N PRO B 16 24.85 28.28 6.42
CA PRO B 16 24.57 29.26 7.47
C PRO B 16 23.29 30.07 7.27
N ALA B 17 22.88 30.31 6.03
CA ALA B 17 21.71 31.16 5.77
C ALA B 17 20.39 30.49 6.16
N LEU B 18 20.40 29.17 6.32
CA LEU B 18 19.21 28.39 6.71
C LEU B 18 19.21 27.99 8.19
N GLU B 19 20.22 28.42 8.94
CA GLU B 19 20.32 27.99 10.31
C GLU B 19 19.07 28.40 11.09
N GLY B 20 18.38 27.40 11.63
CA GLY B 20 17.12 27.65 12.35
C GLY B 20 15.86 27.79 11.51
N ALA B 21 15.98 27.54 10.21
CA ALA B 21 14.85 27.72 9.29
C ALA B 21 14.22 26.37 8.95
N VAL B 22 13.04 26.41 8.35
CA VAL B 22 12.36 25.22 7.84
C VAL B 22 12.30 25.33 6.33
N SER B 23 12.75 24.27 5.66
CA SER B 23 12.82 24.26 4.22
C SER B 23 12.17 23.02 3.61
N GLY B 24 11.00 23.21 3.01
CA GLY B 24 10.37 22.14 2.26
C GLY B 24 11.07 21.97 0.94
N VAL B 25 11.64 20.79 0.70
CA VAL B 25 12.37 20.54 -0.54
C VAL B 25 11.98 19.19 -1.11
N VAL B 26 11.29 19.25 -2.24
CA VAL B 26 10.87 18.07 -2.98
C VAL B 26 11.28 18.15 -4.45
N VAL B 27 11.75 17.02 -4.99
CA VAL B 27 12.30 16.88 -6.35
C VAL B 27 11.75 15.57 -6.94
N VAL B 28 11.25 15.62 -8.16
CA VAL B 28 10.60 14.47 -8.76
C VAL B 28 10.96 14.36 -10.24
N ASP B 29 11.29 13.15 -10.68
CA ASP B 29 11.52 12.84 -12.09
C ASP B 29 10.18 12.76 -12.82
N THR B 30 9.93 13.74 -13.69
CA THR B 30 8.63 13.87 -14.36
C THR B 30 8.29 12.72 -15.28
N ALA B 31 9.32 12.11 -15.90
CA ALA B 31 9.12 10.92 -16.72
C ALA B 31 8.91 9.70 -15.82
N THR B 32 9.97 9.23 -15.18
CA THR B 32 9.87 8.05 -14.32
C THR B 32 8.85 8.19 -13.17
N GLY B 33 8.39 9.42 -12.93
CA GLY B 33 7.48 9.69 -11.81
C GLY B 33 8.13 9.49 -10.44
N GLU B 34 9.42 9.15 -10.45
CA GLU B 34 10.13 8.81 -9.21
C GLU B 34 10.50 10.04 -8.38
N GLU B 35 10.62 9.84 -7.07
CA GLU B 35 10.85 10.91 -6.13
C GLU B 35 12.32 10.99 -5.76
N LEU B 36 13.05 11.85 -6.46
CA LEU B 36 14.50 11.96 -6.26
C LEU B 36 14.92 12.48 -4.89
N TYR B 37 14.26 13.54 -4.40
CA TYR B 37 14.56 14.12 -3.09
C TYR B 37 13.29 14.59 -2.41
N SER B 38 13.18 14.38 -1.10
CA SER B 38 12.05 14.91 -0.31
C SER B 38 12.37 15.19 1.16
N ARG B 39 12.48 16.46 1.54
CA ARG B 39 12.56 16.84 2.94
C ARG B 39 11.43 17.81 3.31
N ASP B 40 10.79 17.55 4.44
CA ASP B 40 9.68 18.36 4.95
C ASP B 40 8.64 18.69 3.88
N GLY B 41 8.28 17.68 3.10
CA GLY B 41 7.47 17.88 1.90
C GLY B 41 6.02 18.14 2.20
N GLY B 42 5.60 17.76 3.40
CA GLY B 42 4.20 17.91 3.77
C GLY B 42 4.02 19.07 4.72
N GLU B 43 5.09 19.84 4.89
CA GLU B 43 5.07 20.99 5.79
C GLU B 43 4.37 22.21 5.14
N GLN B 44 3.42 22.79 5.86
CA GLN B 44 2.77 24.02 5.39
C GLN B 44 3.66 25.28 5.60
N LEU B 45 3.81 26.08 4.56
CA LEU B 45 4.86 27.07 4.51
C LEU B 45 4.33 28.19 3.64
N LEU B 46 4.59 29.44 4.03
CA LEU B 46 4.24 30.59 3.22
C LEU B 46 5.05 30.43 1.93
N PRO B 47 4.42 30.59 0.76
CA PRO B 47 5.02 30.52 -0.58
C PRO B 47 5.53 31.83 -1.20
N ALA B 48 5.11 32.98 -0.65
CA ALA B 48 5.34 34.27 -1.29
C ALA B 48 4.93 34.17 -2.76
N SER B 49 5.73 34.73 -3.65
CA SER B 49 5.39 34.81 -5.09
C SER B 49 5.13 33.45 -5.79
N ASN B 50 5.51 32.34 -5.16
CA ASN B 50 5.26 31.03 -5.82
C ASN B 50 3.79 30.67 -5.91
N MET B 51 2.94 31.34 -5.15
CA MET B 51 1.48 31.21 -5.32
C MET B 51 1.03 31.51 -6.75
N LYS B 52 1.73 32.39 -7.44
CA LYS B 52 1.42 32.68 -8.86
C LYS B 52 1.43 31.45 -9.78
N LEU B 53 2.06 30.36 -9.37
CA LEU B 53 2.03 29.16 -10.20
C LEU B 53 0.64 28.57 -10.16
N PHE B 54 0.01 28.62 -8.98
CA PHE B 54 -1.30 28.04 -8.82
C PHE B 54 -2.26 28.94 -9.57
N THR B 55 -2.19 30.23 -9.30
CA THR B 55 -3.04 31.20 -9.97
C THR B 55 -2.99 31.10 -11.49
N ALA B 56 -1.78 30.96 -12.04
CA ALA B 56 -1.60 30.86 -13.50
C ALA B 56 -2.26 29.63 -14.03
N ALA B 57 -2.08 28.52 -13.32
CA ALA B 57 -2.61 27.22 -13.75
C ALA B 57 -4.15 27.25 -13.70
N ALA B 58 -4.71 27.85 -12.66
CA ALA B 58 -6.17 28.00 -12.52
C ALA B 58 -6.73 28.87 -13.62
N ALA B 59 -6.04 29.95 -13.95
CA ALA B 59 -6.44 30.86 -15.04
C ALA B 59 -6.48 30.17 -16.40
N LEU B 60 -5.50 29.32 -16.69
CA LEU B 60 -5.48 28.64 -17.99
C LEU B 60 -6.62 27.64 -18.01
N GLU B 61 -6.73 26.89 -16.91
CA GLU B 61 -7.78 25.93 -16.72
C GLU B 61 -9.15 26.59 -16.85
N VAL B 62 -9.37 27.73 -16.18
CA VAL B 62 -10.69 28.35 -16.23
C VAL B 62 -10.93 29.19 -17.49
N LEU B 63 -9.95 29.99 -17.87
CA LEU B 63 -10.21 31.03 -18.86
C LEU B 63 -9.74 30.63 -20.23
N GLY B 64 -8.90 29.60 -20.29
CA GLY B 64 -8.32 29.18 -21.55
C GLY B 64 -7.13 30.05 -21.90
N ALA B 65 -6.14 29.45 -22.56
CA ALA B 65 -4.98 30.17 -23.04
C ALA B 65 -5.35 31.20 -24.09
N ASP B 66 -6.48 31.00 -24.76
CA ASP B 66 -6.91 31.90 -25.82
C ASP B 66 -7.80 33.03 -25.30
N HIS B 67 -8.12 33.00 -24.00
CA HIS B 67 -8.99 34.02 -23.41
C HIS B 67 -8.42 35.41 -23.62
N SER B 68 -9.30 36.38 -23.83
CA SER B 68 -8.86 37.74 -23.96
C SER B 68 -9.76 38.70 -23.17
N PHE B 69 -9.24 39.90 -22.94
CA PHE B 69 -9.92 40.84 -22.06
C PHE B 69 -10.33 42.08 -22.83
N GLY B 70 -11.57 42.49 -22.59
CA GLY B 70 -12.17 43.58 -23.32
C GLY B 70 -12.31 44.81 -22.47
N THR B 71 -12.22 45.97 -23.13
CA THR B 71 -12.57 47.26 -22.55
C THR B 71 -13.47 47.94 -23.59
N GLU B 72 -14.44 48.72 -23.12
CA GLU B 72 -15.29 49.49 -24.03
C GLU B 72 -15.74 50.86 -23.54
N VAL B 73 -16.31 51.64 -24.46
CA VAL B 73 -16.78 52.96 -24.10
C VAL B 73 -18.24 53.01 -24.52
N ALA B 74 -19.12 53.30 -23.58
CA ALA B 74 -20.56 53.24 -23.86
C ALA B 74 -21.26 54.56 -23.56
N ALA B 75 -22.29 54.86 -24.36
CA ALA B 75 -23.23 55.96 -24.12
C ALA B 75 -24.64 55.43 -24.31
N GLU B 76 -25.66 56.14 -23.84
CA GLU B 76 -27.03 55.60 -23.92
C GLU B 76 -27.51 55.47 -25.38
N SER B 77 -27.03 56.40 -26.21
CA SER B 77 -27.40 56.50 -27.60
C SER B 77 -26.23 56.94 -28.45
N ALA B 78 -26.28 56.63 -29.74
CA ALA B 78 -25.44 57.30 -30.73
C ALA B 78 -25.51 58.82 -30.50
N PRO B 79 -24.43 59.52 -30.81
CA PRO B 79 -24.42 60.96 -30.61
C PRO B 79 -25.54 61.57 -31.43
N GLY B 80 -26.17 62.61 -30.88
CA GLY B 80 -27.29 63.27 -31.54
C GLY B 80 -26.88 64.24 -32.63
N ARG B 81 -27.79 65.16 -32.98
CA ARG B 81 -27.62 66.05 -34.14
C ARG B 81 -26.40 66.97 -34.06
N ARG B 82 -26.11 67.48 -32.86
CA ARG B 82 -24.98 68.37 -32.63
C ARG B 82 -23.66 67.64 -32.35
N GLY B 83 -23.68 66.30 -32.41
CA GLY B 83 -22.49 65.49 -32.19
C GLY B 83 -22.29 65.26 -30.71
N GLU B 84 -23.37 65.34 -29.96
CA GLU B 84 -23.30 65.36 -28.51
C GLU B 84 -23.83 64.05 -27.91
N VAL B 85 -23.18 63.58 -26.85
CA VAL B 85 -23.80 62.56 -26.01
C VAL B 85 -23.94 63.18 -24.64
N GLN B 86 -24.71 62.51 -23.78
CA GLN B 86 -24.92 63.01 -22.44
C GLN B 86 -23.78 62.51 -21.52
N ASP B 87 -24.02 61.42 -20.77
CA ASP B 87 -22.95 60.73 -20.03
C ASP B 87 -22.18 59.72 -20.88
N LEU B 88 -20.93 59.46 -20.49
CA LEU B 88 -20.10 58.48 -21.18
C LEU B 88 -19.46 57.56 -20.17
N TYR B 89 -19.32 56.27 -20.51
CA TYR B 89 -18.77 55.29 -19.58
C TYR B 89 -17.59 54.61 -20.18
N LEU B 90 -16.52 54.57 -19.42
CA LEU B 90 -15.38 53.79 -19.79
C LEU B 90 -15.46 52.50 -18.97
N VAL B 91 -15.71 51.39 -19.65
CA VAL B 91 -16.01 50.12 -18.98
C VAL B 91 -14.87 49.11 -19.10
N GLY B 92 -14.20 48.84 -17.98
CA GLY B 92 -13.17 47.81 -17.93
C GLY B 92 -13.77 46.46 -17.54
N ARG B 93 -13.39 45.40 -18.24
CA ARG B 93 -13.73 44.10 -17.72
C ARG B 93 -12.47 43.29 -17.53
N GLY B 94 -11.53 43.85 -16.75
CA GLY B 94 -10.31 43.16 -16.25
C GLY B 94 -9.08 42.96 -17.12
N ASP B 95 -8.93 43.77 -18.16
CA ASP B 95 -7.71 43.75 -18.96
C ASP B 95 -6.53 44.25 -18.12
N PRO B 96 -5.53 43.38 -17.90
CA PRO B 96 -4.38 43.75 -17.09
C PRO B 96 -3.28 44.41 -17.89
N THR B 97 -3.55 44.70 -19.16
CA THR B 97 -2.57 45.27 -20.06
C THR B 97 -3.14 46.45 -20.83
N LEU B 98 -4.11 47.13 -20.24
CA LEU B 98 -4.70 48.30 -20.86
C LEU B 98 -3.70 49.42 -20.74
N SER B 99 -3.34 50.08 -21.83
CA SER B 99 -2.33 51.15 -21.77
C SER B 99 -2.93 52.52 -22.10
N ALA B 100 -2.16 53.59 -21.88
CA ALA B 100 -2.53 54.94 -22.28
C ALA B 100 -2.74 55.03 -23.79
N GLU B 101 -1.87 54.37 -24.54
CA GLU B 101 -2.00 54.35 -26.01
C GLU B 101 -3.33 53.69 -26.39
N ASP B 102 -3.69 52.60 -25.71
CA ASP B 102 -5.00 51.96 -25.94
C ASP B 102 -6.14 52.94 -25.68
N LEU B 103 -6.02 53.71 -24.58
CA LEU B 103 -7.01 54.70 -24.23
C LEU B 103 -7.09 55.73 -25.32
N ASP B 104 -5.93 56.13 -25.85
CA ASP B 104 -5.91 57.07 -26.95
C ASP B 104 -6.57 56.55 -28.22
N ALA B 105 -6.32 55.28 -28.54
CA ALA B 105 -6.91 54.66 -29.72
C ALA B 105 -8.46 54.65 -29.59
N MET B 106 -8.95 54.29 -28.39
CA MET B 106 -10.40 54.34 -28.13
C MET B 106 -10.95 55.76 -28.14
N ALA B 107 -10.13 56.74 -27.73
CA ALA B 107 -10.49 58.15 -27.87
C ALA B 107 -10.72 58.48 -29.34
N ALA B 108 -9.81 58.10 -30.22
CA ALA B 108 -10.03 58.28 -31.67
C ALA B 108 -11.32 57.61 -32.18
N GLU B 109 -11.64 56.44 -31.65
CA GLU B 109 -12.83 55.72 -32.08
C GLU B 109 -14.10 56.50 -31.75
N VAL B 110 -14.09 57.20 -30.62
CA VAL B 110 -15.25 57.96 -30.17
C VAL B 110 -15.49 59.16 -31.08
N ALA B 111 -14.42 59.90 -31.36
CA ALA B 111 -14.44 61.03 -32.29
C ALA B 111 -14.98 60.57 -33.63
N ALA B 112 -14.37 59.52 -34.17
CA ALA B 112 -14.80 58.88 -35.42
C ALA B 112 -16.22 58.25 -35.41
N SER B 113 -16.85 58.15 -34.24
CA SER B 113 -18.26 57.76 -34.15
C SER B 113 -19.18 58.97 -34.36
N GLY B 114 -18.59 60.16 -34.35
CA GLY B 114 -19.34 61.38 -34.55
C GLY B 114 -19.67 62.05 -33.23
N VAL B 115 -18.94 61.68 -32.18
CA VAL B 115 -19.01 62.39 -30.91
C VAL B 115 -18.03 63.57 -30.94
N ARG B 116 -18.54 64.75 -30.59
CA ARG B 116 -17.73 65.96 -30.51
C ARG B 116 -17.74 66.50 -29.09
N THR B 117 -18.77 66.16 -28.33
CA THR B 117 -18.98 66.74 -27.01
C THR B 117 -19.65 65.76 -26.07
N VAL B 118 -19.05 65.59 -24.91
CA VAL B 118 -19.71 64.92 -23.79
C VAL B 118 -20.31 66.03 -22.92
N ARG B 119 -21.65 66.12 -22.92
CA ARG B 119 -22.33 67.18 -22.20
C ARG B 119 -22.53 66.86 -20.71
N GLY B 120 -22.46 65.58 -20.36
CA GLY B 120 -22.67 65.16 -18.97
C GLY B 120 -21.36 64.72 -18.36
N ASP B 121 -21.38 63.66 -17.60
CA ASP B 121 -20.15 63.24 -16.92
C ASP B 121 -19.41 62.10 -17.64
N LEU B 122 -18.11 61.99 -17.35
CA LEU B 122 -17.33 60.84 -17.77
C LEU B 122 -17.09 59.92 -16.59
N TYR B 123 -17.72 58.74 -16.61
CA TYR B 123 -17.61 57.75 -15.54
C TYR B 123 -16.68 56.64 -15.91
N ALA B 124 -15.78 56.32 -14.99
CA ALA B 124 -14.97 55.11 -15.07
C ALA B 124 -15.74 53.97 -14.37
N ASP B 125 -15.94 52.88 -15.11
CA ASP B 125 -16.78 51.79 -14.65
C ASP B 125 -15.91 50.57 -14.43
N ASP B 126 -15.64 50.25 -13.19
CA ASP B 126 -14.96 49.00 -12.91
C ASP B 126 -15.83 48.05 -12.10
N THR B 127 -17.14 48.08 -12.32
CA THR B 127 -18.04 47.25 -11.52
C THR B 127 -17.95 45.75 -11.89
N TRP B 128 -17.25 45.43 -12.99
CA TRP B 128 -16.98 44.04 -13.38
C TRP B 128 -16.35 43.22 -12.23
N PHE B 129 -15.43 43.86 -11.49
CA PHE B 129 -14.89 43.30 -10.24
C PHE B 129 -15.56 44.10 -9.11
N ASP B 130 -15.48 43.60 -7.88
CA ASP B 130 -15.95 44.38 -6.75
C ASP B 130 -14.92 45.47 -6.43
N SER B 131 -15.28 46.40 -5.55
CA SER B 131 -14.45 47.54 -5.26
C SER B 131 -13.56 47.27 -4.03
N GLU B 132 -13.26 46.00 -3.76
CA GLU B 132 -12.32 45.66 -2.69
C GLU B 132 -10.91 45.78 -3.29
N ARG B 133 -10.16 46.80 -2.86
CA ARG B 133 -8.95 47.21 -3.56
C ARG B 133 -7.72 46.39 -3.17
N LEU B 134 -7.71 45.96 -1.91
CA LEU B 134 -6.58 45.24 -1.34
C LEU B 134 -7.06 44.09 -0.44
N VAL B 135 -6.23 43.07 -0.27
CA VAL B 135 -6.52 41.97 0.65
C VAL B 135 -6.33 42.49 2.07
N ASP B 136 -7.22 42.11 2.98
CA ASP B 136 -7.18 42.53 4.38
C ASP B 136 -5.82 42.42 5.06
N ASP B 137 -5.17 41.27 4.86
CA ASP B 137 -3.90 41.02 5.54
C ASP B 137 -2.70 41.56 4.80
N TRP B 138 -2.89 42.25 3.67
CA TRP B 138 -1.77 43.03 3.09
C TRP B 138 -1.34 44.16 4.03
N TRP B 139 -0.09 44.58 3.90
CA TRP B 139 0.47 45.57 4.79
C TRP B 139 0.35 46.97 4.18
N PRO B 140 -0.37 47.87 4.90
CA PRO B 140 -0.57 49.26 4.48
C PRO B 140 0.76 49.96 4.12
N GLU B 141 1.83 49.56 4.80
CA GLU B 141 3.16 50.07 4.54
C GLU B 141 3.63 49.71 3.14
N ASP B 142 3.04 48.69 2.53
CA ASP B 142 3.47 48.36 1.18
C ASP B 142 2.73 49.13 0.13
N GLU B 143 1.68 49.84 0.52
CA GLU B 143 0.72 50.34 -0.45
C GLU B 143 1.27 51.33 -1.50
N PRO B 144 2.33 52.10 -1.17
CA PRO B 144 2.82 52.97 -2.26
C PRO B 144 3.54 52.26 -3.40
N TYR B 145 4.01 51.03 -3.17
CA TYR B 145 4.86 50.39 -4.18
C TYR B 145 4.10 49.53 -5.19
N ALA B 146 4.62 49.46 -6.41
CA ALA B 146 3.90 48.88 -7.53
C ALA B 146 3.36 47.48 -7.26
N TYR B 147 4.14 46.71 -6.52
CA TYR B 147 3.82 45.33 -6.25
C TYR B 147 2.54 45.16 -5.42
N SER B 148 2.02 46.28 -4.90
CA SER B 148 0.82 46.32 -4.10
C SER B 148 -0.21 47.39 -4.60
N ALA B 149 -0.25 47.58 -5.92
CA ALA B 149 -1.25 48.45 -6.54
C ALA B 149 -2.64 47.97 -6.15
N GLN B 150 -3.59 48.90 -6.11
CA GLN B 150 -4.98 48.57 -5.80
C GLN B 150 -5.54 47.76 -6.95
N ILE B 151 -6.46 46.85 -6.63
CA ILE B 151 -7.03 45.95 -7.65
C ILE B 151 -8.34 46.47 -8.20
N SER B 152 -8.45 46.50 -9.53
CA SER B 152 -9.61 47.06 -10.20
C SER B 152 -9.89 46.36 -11.54
N ALA B 153 -11.16 46.25 -11.91
CA ALA B 153 -11.48 45.71 -13.23
C ALA B 153 -11.08 46.71 -14.33
N LEU B 154 -11.00 48.02 -13.99
CA LEU B 154 -10.56 49.08 -14.92
C LEU B 154 -9.27 49.77 -14.44
N THR B 155 -8.15 49.40 -15.05
CA THR B 155 -6.84 49.85 -14.59
C THR B 155 -5.84 50.12 -15.74
N VAL B 156 -4.99 51.13 -15.56
CA VAL B 156 -3.98 51.45 -16.56
C VAL B 156 -2.63 50.82 -16.26
N ALA B 157 -2.17 49.98 -17.19
CA ALA B 157 -0.88 49.31 -17.09
C ALA B 157 0.15 50.21 -17.75
N HIS B 158 1.30 50.35 -17.08
CA HIS B 158 2.39 51.22 -17.51
C HIS B 158 3.50 50.37 -18.08
N GLY B 159 4.09 50.83 -19.18
CA GLY B 159 5.26 50.21 -19.76
C GLY B 159 5.02 48.84 -20.36
N GLU B 160 6.08 48.24 -20.89
CA GLU B 160 5.93 46.95 -21.50
C GLU B 160 5.80 45.79 -20.53
N ARG B 161 6.13 46.03 -19.25
CA ARG B 161 5.88 45.02 -18.22
C ARG B 161 4.45 45.12 -17.69
N PHE B 162 3.73 46.14 -18.14
CA PHE B 162 2.33 46.32 -17.79
C PHE B 162 2.07 46.36 -16.27
N ASP B 163 2.80 47.20 -15.54
CA ASP B 163 2.55 47.44 -14.13
C ASP B 163 1.32 48.33 -14.04
N THR B 164 0.31 47.87 -13.31
CA THR B 164 -1.03 48.47 -13.24
C THR B 164 -1.27 49.34 -12.00
N GLY B 165 -2.29 50.21 -12.08
CA GLY B 165 -2.71 51.06 -10.98
C GLY B 165 -1.59 51.91 -10.44
N VAL B 166 -0.55 52.14 -11.24
CA VAL B 166 0.56 53.00 -10.82
C VAL B 166 0.73 54.22 -11.72
N THR B 167 1.64 55.10 -11.33
CA THR B 167 2.07 56.26 -12.10
C THR B 167 3.57 56.39 -11.99
N GLU B 168 4.19 57.03 -12.98
CA GLU B 168 5.63 57.27 -12.97
C GLU B 168 6.02 58.65 -12.43
N VAL B 169 6.77 58.64 -11.32
CA VAL B 169 7.19 59.83 -10.66
C VAL B 169 8.67 60.06 -10.97
N SER B 170 9.00 61.24 -11.49
CA SER B 170 10.42 61.61 -11.61
C SER B 170 10.71 62.88 -10.84
N VAL B 171 11.77 62.79 -10.06
CA VAL B 171 12.27 63.90 -9.30
C VAL B 171 13.64 64.26 -9.86
N THR B 172 13.82 65.52 -10.24
CA THR B 172 15.12 65.96 -10.74
C THR B 172 15.61 67.13 -9.88
N PRO B 173 16.93 67.30 -9.71
CA PRO B 173 17.40 68.37 -8.83
C PRO B 173 17.24 69.74 -9.46
N ALA B 174 17.11 70.77 -8.66
CA ALA B 174 17.19 72.13 -9.17
C ALA B 174 18.53 72.64 -8.73
N ALA B 175 18.54 73.81 -8.08
CA ALA B 175 19.77 74.37 -7.54
C ALA B 175 19.90 74.06 -6.04
N GLU B 176 21.13 73.97 -5.57
CA GLU B 176 21.33 73.53 -4.22
C GLU B 176 20.55 74.47 -3.33
N GLY B 177 19.70 73.90 -2.47
CA GLY B 177 18.88 74.70 -1.59
C GLY B 177 17.43 74.91 -2.02
N GLU B 178 17.17 74.86 -3.33
CA GLU B 178 15.80 74.98 -3.89
C GLU B 178 15.08 73.66 -3.64
N PRO B 179 13.72 73.67 -3.68
CA PRO B 179 13.03 72.37 -3.72
C PRO B 179 13.40 71.61 -4.99
N ALA B 180 13.31 70.29 -4.97
CA ALA B 180 13.56 69.50 -6.17
C ALA B 180 12.31 69.61 -7.01
N ASP B 181 12.40 69.21 -8.26
CA ASP B 181 11.30 69.36 -9.16
C ASP B 181 10.64 68.03 -9.37
N VAL B 182 9.34 67.98 -9.12
CA VAL B 182 8.67 66.70 -9.14
C VAL B 182 7.66 66.71 -10.25
N ASP B 183 7.68 65.66 -11.06
CA ASP B 183 6.64 65.45 -12.02
C ASP B 183 5.94 64.14 -11.71
N LEU B 184 4.62 64.21 -11.58
CA LEU B 184 3.84 63.03 -11.23
C LEU B 184 3.54 62.02 -12.35
N GLY B 185 3.97 62.27 -13.59
CA GLY B 185 3.64 61.42 -14.76
C GLY B 185 2.13 61.37 -15.04
N ALA B 186 1.63 60.23 -15.52
CA ALA B 186 0.22 60.07 -15.82
C ALA B 186 -0.72 60.70 -14.76
N ALA B 187 -0.37 60.54 -13.49
CA ALA B 187 -1.16 61.08 -12.37
C ALA B 187 -1.14 62.60 -12.21
N GLU B 188 -0.55 63.33 -13.16
CA GLU B 188 -0.48 64.80 -13.05
C GLU B 188 -1.90 65.33 -13.00
N GLY B 189 -2.18 66.19 -12.06
CA GLY B 189 -3.53 66.75 -11.95
C GLY B 189 -4.57 65.72 -11.58
N TYR B 190 -4.11 64.57 -11.08
CA TYR B 190 -5.03 63.58 -10.57
C TYR B 190 -4.76 63.31 -9.10
N ALA B 191 -3.50 63.02 -8.76
CA ALA B 191 -3.05 62.89 -7.36
C ALA B 191 -2.54 64.25 -6.89
N GLU B 192 -2.37 64.42 -5.58
CA GLU B 192 -1.84 65.66 -5.09
C GLU B 192 -0.37 65.52 -4.81
N LEU B 193 0.32 66.65 -4.80
CA LEU B 193 1.75 66.67 -4.59
C LEU B 193 2.09 67.39 -3.30
N ASP B 194 2.81 66.68 -2.44
CA ASP B 194 3.29 67.24 -1.21
C ASP B 194 4.82 67.16 -1.29
N ASN B 195 5.41 68.16 -1.95
CA ASN B 195 6.83 68.21 -2.22
C ASN B 195 7.59 68.98 -1.16
N ARG B 196 8.17 68.25 -0.22
CA ARG B 196 9.00 68.82 0.86
C ARG B 196 10.49 68.38 0.80
N ALA B 197 10.97 68.01 -0.38
CA ALA B 197 12.37 67.66 -0.62
C ALA B 197 13.20 68.85 -1.14
N VAL B 198 14.48 68.88 -0.76
CA VAL B 198 15.47 69.81 -1.30
C VAL B 198 16.42 69.18 -2.30
N THR B 199 17.03 70.03 -3.11
CA THR B 199 18.23 69.71 -3.84
C THR B 199 19.36 69.92 -2.86
N GLY B 200 20.18 68.89 -2.72
CA GLY B 200 21.36 68.99 -1.87
C GLY B 200 22.58 69.39 -2.65
N ALA B 201 23.71 69.54 -1.96
CA ALA B 201 24.94 69.97 -2.62
C ALA B 201 25.41 68.89 -3.60
N ALA B 202 25.92 69.32 -4.73
CA ALA B 202 26.55 68.39 -5.63
C ALA B 202 27.42 67.43 -4.81
N GLY B 203 27.31 66.15 -5.10
CA GLY B 203 28.16 65.13 -4.50
C GLY B 203 27.81 64.70 -3.09
N SER B 204 26.64 65.13 -2.60
CA SER B 204 26.14 64.78 -1.26
C SER B 204 25.33 63.47 -1.24
N ALA B 205 25.01 62.94 -0.05
CA ALA B 205 24.15 61.75 0.06
C ALA B 205 22.76 61.97 -0.57
N ASN B 206 22.31 61.03 -1.38
CA ASN B 206 20.96 61.06 -1.92
C ASN B 206 20.00 60.41 -0.93
N THR B 207 19.23 61.22 -0.18
CA THR B 207 18.28 60.65 0.79
C THR B 207 16.84 60.83 0.38
N LEU B 208 16.57 60.90 -0.92
CA LEU B 208 15.22 61.17 -1.41
C LEU B 208 14.27 60.02 -1.06
N VAL B 209 13.06 60.36 -0.62
CA VAL B 209 12.04 59.37 -0.32
C VAL B 209 10.81 59.84 -1.09
N ILE B 210 10.19 58.92 -1.82
CA ILE B 210 8.96 59.20 -2.55
C ILE B 210 7.91 58.23 -1.99
N ASP B 211 6.89 58.79 -1.35
CA ASP B 211 5.94 58.00 -0.56
C ASP B 211 4.51 58.29 -0.99
N ARG B 212 3.57 57.43 -0.60
CA ARG B 212 2.15 57.81 -0.64
C ARG B 212 1.50 57.59 0.72
N PRO B 213 1.40 58.65 1.53
CA PRO B 213 0.86 58.39 2.87
C PRO B 213 -0.41 57.57 2.81
N VAL B 214 -0.49 56.55 3.65
CA VAL B 214 -1.62 55.65 3.71
C VAL B 214 -2.97 56.39 3.74
N GLY B 215 -3.91 55.94 2.89
CA GLY B 215 -5.24 56.49 2.92
C GLY B 215 -5.38 57.80 2.15
N THR B 216 -4.29 58.32 1.61
CA THR B 216 -4.36 59.54 0.80
C THR B 216 -4.16 59.20 -0.67
N ASN B 217 -4.51 60.14 -1.55
CA ASN B 217 -4.09 60.14 -2.96
C ASN B 217 -2.97 61.15 -3.15
N THR B 218 -2.07 61.24 -2.16
CA THR B 218 -0.98 62.21 -2.20
C THR B 218 0.35 61.50 -2.36
N ILE B 219 1.13 61.93 -3.35
CA ILE B 219 2.55 61.61 -3.38
C ILE B 219 3.32 62.60 -2.47
N ALA B 220 4.03 62.06 -1.49
CA ALA B 220 4.81 62.90 -0.60
C ALA B 220 6.28 62.66 -0.86
N VAL B 221 7.02 63.72 -1.18
CA VAL B 221 8.43 63.61 -1.52
C VAL B 221 9.27 64.32 -0.46
N THR B 222 10.22 63.58 0.13
CA THR B 222 11.02 64.11 1.20
C THR B 222 12.49 63.77 1.01
N GLY B 223 13.33 64.38 1.84
CA GLY B 223 14.75 64.10 1.82
C GLY B 223 15.48 64.99 0.86
N SER B 224 16.71 64.60 0.54
CA SER B 224 17.60 65.46 -0.22
C SER B 224 18.02 64.73 -1.46
N LEU B 225 17.91 65.41 -2.60
CA LEU B 225 18.43 64.94 -3.87
C LEU B 225 19.63 65.84 -4.27
N PRO B 226 20.82 65.26 -4.48
CA PRO B 226 21.98 66.08 -4.79
C PRO B 226 21.90 66.71 -6.19
N ALA B 227 22.48 67.91 -6.32
CA ALA B 227 22.37 68.72 -7.53
C ALA B 227 22.89 68.03 -8.78
N ASP B 228 23.88 67.17 -8.60
CA ASP B 228 24.53 66.47 -9.71
C ASP B 228 23.96 65.07 -9.95
N ALA B 229 22.93 64.70 -9.18
CA ALA B 229 22.30 63.41 -9.38
C ALA B 229 21.48 63.39 -10.66
N ALA B 230 21.43 62.22 -11.30
CA ALA B 230 20.57 61.94 -12.43
C ALA B 230 19.12 61.97 -11.93
N PRO B 231 18.15 62.28 -12.80
CA PRO B 231 16.77 62.29 -12.32
C PRO B 231 16.44 60.98 -11.63
N VAL B 232 15.55 61.00 -10.64
CA VAL B 232 15.05 59.75 -10.02
C VAL B 232 13.71 59.36 -10.61
N THR B 233 13.62 58.15 -11.14
CA THR B 233 12.36 57.68 -11.73
C THR B 233 11.84 56.49 -10.93
N ALA B 234 10.58 56.59 -10.51
CA ALA B 234 9.97 55.57 -9.66
C ALA B 234 8.48 55.40 -9.89
N LEU B 235 8.02 54.15 -9.84
CA LEU B 235 6.61 53.82 -9.95
C LEU B 235 6.00 53.91 -8.59
N ARG B 236 4.92 54.66 -8.47
CA ARG B 236 4.18 54.68 -7.20
C ARG B 236 2.71 54.42 -7.47
N THR B 237 2.02 53.77 -6.55
CA THR B 237 0.63 53.50 -6.78
C THR B 237 -0.22 54.77 -6.54
N VAL B 238 -1.39 54.77 -7.17
CA VAL B 238 -2.41 55.79 -6.91
C VAL B 238 -3.64 55.11 -6.33
N ASP B 239 -4.45 55.91 -5.64
CA ASP B 239 -5.76 55.50 -5.11
C ASP B 239 -6.71 55.43 -6.27
N GLU B 240 -7.55 54.39 -6.30
CA GLU B 240 -8.58 54.24 -7.33
C GLU B 240 -8.03 54.17 -8.76
N PRO B 241 -7.39 53.04 -9.08
CA PRO B 241 -6.83 52.97 -10.43
C PRO B 241 -7.83 53.40 -11.49
N ALA B 242 -9.09 52.99 -11.33
CA ALA B 242 -10.11 53.28 -12.31
C ALA B 242 -10.34 54.76 -12.56
N ALA B 243 -10.35 55.60 -11.51
CA ALA B 243 -10.52 57.02 -11.72
C ALA B 243 -9.27 57.62 -12.31
N LEU B 244 -8.11 57.03 -12.05
CA LEU B 244 -6.91 57.45 -12.78
C LEU B 244 -7.16 57.26 -14.26
N ALA B 245 -7.68 56.08 -14.63
CA ALA B 245 -7.99 55.77 -16.03
C ALA B 245 -9.04 56.75 -16.55
N GLY B 246 -10.03 57.05 -15.71
CA GLY B 246 -10.99 58.10 -16.02
C GLY B 246 -10.26 59.39 -16.38
N HIS B 247 -9.43 59.85 -15.46
CA HIS B 247 -8.61 61.06 -15.65
C HIS B 247 -7.84 60.97 -16.98
N LEU B 248 -7.19 59.85 -17.26
CA LEU B 248 -6.44 59.72 -18.51
C LEU B 248 -7.29 59.68 -19.78
N PHE B 249 -8.52 59.19 -19.65
CA PHE B 249 -9.38 59.06 -20.80
C PHE B 249 -9.92 60.39 -21.19
N GLU B 250 -10.26 61.17 -20.15
CA GLU B 250 -10.68 62.54 -20.37
C GLU B 250 -9.65 63.25 -21.25
N GLU B 251 -8.40 63.21 -20.80
CA GLU B 251 -7.30 63.83 -21.52
C GLU B 251 -7.19 63.33 -22.96
N ALA B 252 -7.38 62.02 -23.14
CA ALA B 252 -7.23 61.44 -24.46
C ALA B 252 -8.36 61.95 -25.36
N LEU B 253 -9.57 62.04 -24.79
CA LEU B 253 -10.71 62.62 -25.48
C LEU B 253 -10.44 64.06 -25.95
N GLU B 254 -9.95 64.91 -25.04
CA GLU B 254 -9.63 66.30 -25.42
C GLU B 254 -8.62 66.38 -26.57
N SER B 255 -7.62 65.48 -26.56
CA SER B 255 -6.60 65.38 -27.63
C SER B 255 -7.23 65.06 -28.98
N ASN B 256 -8.20 64.13 -28.96
CA ASN B 256 -8.84 63.66 -30.17
C ASN B 256 -10.07 64.51 -30.52
N GLY B 257 -10.14 65.70 -29.93
CA GLY B 257 -11.18 66.68 -30.21
C GLY B 257 -12.56 66.44 -29.62
N VAL B 258 -12.62 65.76 -28.48
CA VAL B 258 -13.89 65.59 -27.78
C VAL B 258 -13.83 66.35 -26.48
N THR B 259 -14.71 67.34 -26.34
CA THR B 259 -14.77 68.15 -25.14
C THR B 259 -15.62 67.43 -24.10
N VAL B 260 -15.16 67.39 -22.85
CA VAL B 260 -15.95 66.83 -21.76
C VAL B 260 -16.45 67.94 -20.83
N LYS B 261 -17.77 68.14 -20.75
CA LYS B 261 -18.27 69.28 -19.99
C LYS B 261 -18.30 69.03 -18.47
N GLY B 262 -18.69 67.82 -18.08
CA GLY B 262 -18.96 67.47 -16.69
C GLY B 262 -17.73 66.96 -15.97
N ASP B 263 -17.96 66.06 -15.01
CA ASP B 263 -16.90 65.60 -14.12
C ASP B 263 -16.44 64.18 -14.46
N VAL B 264 -15.25 63.85 -14.01
CA VAL B 264 -14.71 62.51 -14.13
C VAL B 264 -14.83 61.83 -12.76
N GLY B 265 -15.39 60.61 -12.73
CA GLY B 265 -15.58 59.89 -11.47
C GLY B 265 -15.89 58.43 -11.72
N LEU B 266 -16.16 57.69 -10.64
CA LEU B 266 -16.50 56.26 -10.74
C LEU B 266 -18.01 56.08 -10.85
N GLY B 267 -18.44 55.11 -11.65
CA GLY B 267 -19.86 54.84 -11.87
C GLY B 267 -20.14 53.66 -12.79
N GLY B 268 -21.20 52.94 -12.47
CA GLY B 268 -21.65 51.82 -13.30
C GLY B 268 -22.58 52.25 -14.42
N VAL B 269 -22.47 51.63 -15.59
CA VAL B 269 -23.45 51.80 -16.65
C VAL B 269 -24.78 51.50 -15.97
N PRO B 270 -25.73 52.44 -16.08
CA PRO B 270 -27.02 52.23 -15.42
C PRO B 270 -27.75 51.01 -15.98
N ALA B 271 -28.43 50.29 -15.09
CA ALA B 271 -29.18 49.10 -15.48
C ALA B 271 -30.41 49.40 -16.38
N ASP B 272 -31.04 50.54 -16.18
CA ASP B 272 -32.17 50.92 -17.02
C ASP B 272 -31.82 51.20 -18.51
N TRP B 273 -30.54 51.42 -18.83
CA TRP B 273 -30.10 51.54 -20.23
C TRP B 273 -30.29 50.23 -20.98
N GLN B 274 -30.96 50.26 -22.12
CA GLN B 274 -31.21 49.00 -22.84
C GLN B 274 -30.54 48.86 -24.23
N ASP B 275 -30.36 49.99 -24.91
CA ASP B 275 -29.78 49.99 -26.25
C ASP B 275 -28.46 50.70 -26.25
N ALA B 276 -27.62 50.40 -25.25
CA ALA B 276 -26.38 51.12 -25.03
C ALA B 276 -25.56 51.14 -26.30
N GLU B 277 -25.12 52.33 -26.65
CA GLU B 277 -24.32 52.51 -27.84
C GLU B 277 -22.88 52.26 -27.46
N VAL B 278 -22.26 51.27 -28.08
CA VAL B 278 -20.84 51.04 -27.85
C VAL B 278 -20.04 51.85 -28.88
N LEU B 279 -19.44 52.93 -28.44
CA LEU B 279 -18.75 53.91 -29.29
C LEU B 279 -17.29 53.58 -29.63
N ALA B 280 -16.65 52.79 -28.77
CA ALA B 280 -15.25 52.42 -28.91
C ALA B 280 -15.02 51.19 -28.03
N ASP B 281 -14.15 50.30 -28.49
CA ASP B 281 -13.71 49.17 -27.69
C ASP B 281 -12.22 48.81 -27.92
N HIS B 282 -11.75 47.85 -27.13
CA HIS B 282 -10.39 47.34 -27.21
C HIS B 282 -10.38 45.92 -26.71
N THR B 283 -9.45 45.14 -27.25
CA THR B 283 -9.34 43.72 -26.94
C THR B 283 -7.87 43.43 -26.62
N SER B 284 -7.61 42.87 -25.44
CA SER B 284 -6.24 42.54 -25.03
C SER B 284 -5.67 41.43 -25.90
N ALA B 285 -4.36 41.26 -25.86
CA ALA B 285 -3.76 40.05 -26.39
C ALA B 285 -4.36 38.88 -25.62
N GLU B 286 -4.16 37.67 -26.11
CA GLU B 286 -4.73 36.49 -25.46
C GLU B 286 -3.93 36.09 -24.24
N LEU B 287 -4.60 35.52 -23.24
CA LEU B 287 -3.93 35.10 -22.01
C LEU B 287 -2.52 34.52 -22.20
N SER B 288 -2.35 33.62 -23.18
CA SER B 288 -1.09 32.95 -23.43
C SER B 288 0.07 33.93 -23.57
N GLU B 289 -0.20 35.04 -24.25
CA GLU B 289 0.82 36.05 -24.48
C GLU B 289 1.02 36.87 -23.22
N ILE B 290 -0.08 37.20 -22.55
CA ILE B 290 -0.09 37.93 -21.29
C ILE B 290 0.67 37.20 -20.19
N LEU B 291 0.73 35.88 -20.27
CA LEU B 291 1.41 35.10 -19.21
C LEU B 291 2.88 35.45 -19.03
N VAL B 292 3.51 35.96 -20.10
CA VAL B 292 4.94 36.17 -20.10
C VAL B 292 5.30 37.27 -19.13
N PRO B 293 4.89 38.53 -19.43
CA PRO B 293 5.13 39.61 -18.47
C PRO B 293 4.64 39.33 -17.05
N PHE B 294 3.67 38.43 -16.91
CA PHE B 294 3.08 38.10 -15.61
C PHE B 294 4.01 37.23 -14.77
N MET B 295 4.48 36.12 -15.35
CA MET B 295 5.33 35.20 -14.58
C MET B 295 6.84 35.57 -14.60
N LYS B 296 7.30 36.14 -15.72
CA LYS B 296 8.70 36.55 -15.82
C LYS B 296 9.06 37.59 -14.77
N PHE B 297 8.18 38.57 -14.58
CA PHE B 297 8.50 39.67 -13.69
C PHE B 297 7.72 39.61 -12.40
N SER B 298 6.84 38.62 -12.28
CA SER B 298 6.06 38.35 -11.08
C SER B 298 5.15 39.52 -10.77
N ASN B 299 4.10 39.67 -11.56
CA ASN B 299 3.22 40.81 -11.44
C ASN B 299 2.00 40.58 -10.50
N ASN B 300 1.99 41.25 -9.35
CA ASN B 300 0.95 40.97 -8.36
C ASN B 300 -0.50 41.36 -8.81
N GLY B 301 -0.65 42.58 -9.32
CA GLY B 301 -1.90 43.04 -9.92
C GLY B 301 -2.44 42.01 -10.91
N HIS B 302 -1.62 41.59 -11.86
CA HIS B 302 -2.01 40.52 -12.80
C HIS B 302 -2.64 39.35 -12.02
N ALA B 303 -1.91 38.81 -11.04
CA ALA B 303 -2.37 37.64 -10.34
C ALA B 303 -3.75 37.86 -9.70
N GLU B 304 -3.93 38.97 -8.95
CA GLU B 304 -5.22 39.20 -8.30
C GLU B 304 -6.30 39.36 -9.38
N MET B 305 -6.00 40.11 -10.45
CA MET B 305 -6.99 40.36 -11.47
C MET B 305 -7.46 39.03 -12.04
N LEU B 306 -6.53 38.15 -12.40
CA LEU B 306 -6.93 36.80 -12.79
C LEU B 306 -7.80 36.12 -11.73
N VAL B 307 -7.42 36.19 -10.46
CA VAL B 307 -8.33 35.64 -9.46
C VAL B 307 -9.74 36.21 -9.58
N LYS B 308 -9.90 37.52 -9.75
CA LYS B 308 -11.27 38.06 -9.86
C LYS B 308 -11.96 37.72 -11.20
N SER B 309 -11.17 37.56 -12.26
CA SER B 309 -11.72 37.04 -13.50
C SER B 309 -12.28 35.65 -13.22
N ILE B 310 -11.50 34.85 -12.50
CA ILE B 310 -11.89 33.47 -12.23
C ILE B 310 -13.22 33.47 -11.44
N GLY B 311 -13.37 34.41 -10.51
CA GLY B 311 -14.63 34.63 -9.84
C GLY B 311 -15.75 34.91 -10.83
N GLN B 312 -15.50 35.82 -11.77
CA GLN B 312 -16.51 36.14 -12.76
C GLN B 312 -16.90 34.91 -13.57
N GLU B 313 -15.92 34.20 -14.11
CA GLU B 313 -16.23 33.08 -15.00
C GLU B 313 -16.89 31.92 -14.25
N THR B 314 -16.44 31.63 -13.03
CA THR B 314 -16.98 30.50 -12.30
C THR B 314 -18.18 30.83 -11.36
N ALA B 315 -18.46 32.11 -11.13
CA ALA B 315 -19.57 32.44 -10.25
C ALA B 315 -20.27 33.77 -10.55
N GLY B 316 -19.86 34.45 -11.64
CA GLY B 316 -20.41 35.77 -11.96
C GLY B 316 -20.20 36.72 -10.79
N ALA B 317 -19.08 36.54 -10.10
CA ALA B 317 -18.69 37.43 -9.02
C ALA B 317 -17.18 37.70 -9.06
N GLY B 318 -16.81 38.90 -9.53
CA GLY B 318 -15.41 39.34 -9.49
C GLY B 318 -14.96 39.65 -8.06
N THR B 319 -14.73 38.59 -7.29
CA THR B 319 -14.37 38.78 -5.90
C THR B 319 -13.23 37.85 -5.58
N TRP B 320 -12.52 38.18 -4.51
CA TRP B 320 -11.55 37.26 -3.93
C TRP B 320 -12.27 36.03 -3.40
N ASP B 321 -13.29 36.22 -2.54
CA ASP B 321 -14.04 35.08 -1.98
C ASP B 321 -14.43 34.10 -3.07
N ALA B 322 -15.01 34.58 -4.16
CA ALA B 322 -15.41 33.67 -5.24
C ALA B 322 -14.25 33.19 -6.12
N GLY B 323 -13.30 34.07 -6.39
CA GLY B 323 -12.22 33.67 -7.27
C GLY B 323 -11.35 32.58 -6.68
N LEU B 324 -11.21 32.59 -5.36
CA LEU B 324 -10.35 31.63 -4.69
C LEU B 324 -10.99 30.21 -4.55
N VAL B 325 -12.29 30.15 -4.29
CA VAL B 325 -13.04 28.89 -4.44
C VAL B 325 -12.83 28.35 -5.86
N GLY B 326 -12.89 29.28 -6.83
CA GLY B 326 -12.70 28.95 -8.23
C GLY B 326 -11.33 28.37 -8.52
N VAL B 327 -10.28 29.02 -8.00
CA VAL B 327 -8.91 28.53 -8.09
C VAL B 327 -8.79 27.11 -7.50
N GLU B 328 -9.23 26.92 -6.26
CA GLU B 328 -9.09 25.63 -5.57
C GLU B 328 -9.83 24.50 -6.33
N GLU B 329 -11.04 24.81 -6.80
CA GLU B 329 -11.85 23.89 -7.55
C GLU B 329 -11.14 23.54 -8.87
N ALA B 330 -10.59 24.54 -9.54
CA ALA B 330 -9.88 24.29 -10.81
C ALA B 330 -8.63 23.43 -10.62
N LEU B 331 -7.96 23.57 -9.48
CA LEU B 331 -6.76 22.82 -9.25
C LEU B 331 -7.07 21.37 -8.94
N SER B 332 -8.08 21.16 -8.12
CA SER B 332 -8.47 19.79 -7.78
C SER B 332 -9.02 19.08 -9.04
N GLY B 333 -9.69 19.84 -9.92
CA GLY B 333 -10.17 19.32 -11.21
C GLY B 333 -9.05 19.07 -12.20
N LEU B 334 -7.91 19.71 -11.99
CA LEU B 334 -6.72 19.49 -12.80
C LEU B 334 -5.89 18.30 -12.29
N GLY B 335 -6.28 17.77 -11.12
CA GLY B 335 -5.67 16.58 -10.52
C GLY B 335 -4.76 16.83 -9.32
N VAL B 336 -4.58 18.09 -8.95
CA VAL B 336 -3.79 18.45 -7.77
C VAL B 336 -4.55 18.08 -6.50
N ASP B 337 -3.82 17.55 -5.52
CA ASP B 337 -4.36 17.38 -4.18
C ASP B 337 -4.13 18.69 -3.40
N THR B 338 -5.22 19.39 -3.11
CA THR B 338 -5.18 20.73 -2.51
C THR B 338 -5.52 20.75 -1.02
N ALA B 339 -5.38 19.60 -0.36
CA ALA B 339 -5.72 19.48 1.06
C ALA B 339 -4.87 20.36 1.98
N GLY B 340 -3.58 20.50 1.63
CA GLY B 340 -2.64 21.30 2.39
C GLY B 340 -2.48 22.73 1.90
N LEU B 341 -3.36 23.14 0.98
CA LEU B 341 -3.35 24.50 0.43
C LEU B 341 -4.21 25.45 1.25
N VAL B 342 -3.68 26.63 1.57
CA VAL B 342 -4.58 27.71 2.01
C VAL B 342 -4.41 28.88 1.04
N LEU B 343 -5.53 29.38 0.52
CA LEU B 343 -5.48 30.42 -0.49
C LEU B 343 -6.03 31.71 0.10
N ASN B 344 -5.18 32.73 0.18
CA ASN B 344 -5.66 34.03 0.60
C ASN B 344 -5.58 35.09 -0.50
N ASP B 345 -4.75 34.84 -1.51
CA ASP B 345 -4.69 35.72 -2.67
C ASP B 345 -4.10 35.00 -3.89
N GLY B 346 -4.09 35.70 -5.03
CA GLY B 346 -3.51 35.15 -6.22
C GLY B 346 -2.03 35.35 -6.27
N SER B 347 -1.53 36.44 -5.70
CA SER B 347 -0.13 36.88 -5.95
C SER B 347 0.89 36.20 -5.09
N GLY B 348 0.45 35.76 -3.91
CA GLY B 348 1.33 35.23 -2.91
C GLY B 348 1.91 36.30 -2.02
N LEU B 349 1.35 37.52 -2.07
CA LEU B 349 1.87 38.62 -1.27
C LEU B 349 1.39 38.44 0.17
N SER B 350 0.25 37.77 0.33
CA SER B 350 -0.41 37.63 1.64
C SER B 350 0.30 36.59 2.44
N ARG B 351 0.52 36.90 3.70
CA ARG B 351 1.14 35.95 4.62
C ARG B 351 0.08 34.98 5.19
N GLY B 352 -1.11 35.00 4.58
CA GLY B 352 -2.16 34.09 4.95
C GLY B 352 -2.23 32.91 4.01
N ASN B 353 -1.37 32.91 2.99
CA ASN B 353 -1.30 31.81 2.08
C ASN B 353 -0.47 30.75 2.74
N LEU B 354 -0.62 29.51 2.27
CA LEU B 354 0.15 28.36 2.74
C LEU B 354 0.15 27.29 1.65
N VAL B 355 1.33 26.72 1.39
CA VAL B 355 1.48 25.56 0.49
C VAL B 355 2.34 24.46 1.10
N THR B 356 2.45 23.33 0.43
CA THR B 356 3.50 22.37 0.79
C THR B 356 4.35 22.19 -0.44
N ALA B 357 5.59 21.79 -0.23
CA ALA B 357 6.45 21.49 -1.35
C ALA B 357 5.81 20.35 -2.16
N ASP B 358 5.26 19.35 -1.46
CA ASP B 358 4.62 18.24 -2.19
C ASP B 358 3.51 18.73 -3.12
N THR B 359 2.80 19.77 -2.69
CA THR B 359 1.71 20.30 -3.47
C THR B 359 2.19 21.04 -4.73
N VAL B 360 3.35 21.68 -4.64
CA VAL B 360 3.83 22.52 -5.73
C VAL B 360 4.31 21.59 -6.87
N VAL B 361 4.96 20.53 -6.46
CA VAL B 361 5.51 19.53 -7.38
C VAL B 361 4.34 18.73 -7.98
N ASP B 362 3.34 18.42 -7.15
CA ASP B 362 2.08 17.87 -7.61
C ASP B 362 1.58 18.77 -8.75
N LEU B 363 1.40 20.06 -8.46
CA LEU B 363 0.97 21.03 -9.48
C LEU B 363 1.84 21.06 -10.72
N LEU B 364 3.16 21.04 -10.55
CA LEU B 364 4.10 21.10 -11.66
C LEU B 364 4.01 19.88 -12.60
N GLY B 365 3.70 18.74 -12.02
CA GLY B 365 3.56 17.51 -12.78
C GLY B 365 2.31 17.57 -13.61
N GLN B 366 1.20 17.86 -12.95
CA GLN B 366 -0.07 18.01 -13.62
C GLN B 366 0.03 19.02 -14.77
N ALA B 367 0.61 20.18 -14.48
CA ALA B 367 0.79 21.22 -15.49
C ALA B 367 1.63 20.79 -16.70
N GLY B 368 2.62 19.92 -16.46
CA GLY B 368 3.52 19.43 -17.52
C GLY B 368 2.82 18.69 -18.66
N SER B 369 1.58 18.26 -18.42
CA SER B 369 0.85 17.42 -19.36
C SER B 369 -0.55 17.92 -19.78
N ALA B 370 -0.97 19.06 -19.21
CA ALA B 370 -2.16 19.78 -19.69
C ALA B 370 -1.87 20.32 -21.09
N PRO B 371 -2.91 20.69 -21.86
CA PRO B 371 -2.63 21.05 -23.26
C PRO B 371 -1.73 22.29 -23.34
N TRP B 372 -2.08 23.29 -22.52
CA TRP B 372 -1.41 24.57 -22.44
C TRP B 372 0.00 24.51 -21.85
N ALA B 373 0.41 23.31 -21.43
CA ALA B 373 1.74 23.07 -20.84
C ALA B 373 2.88 23.85 -21.47
N GLN B 374 2.81 24.09 -22.77
CA GLN B 374 3.90 24.75 -23.51
C GLN B 374 4.02 26.28 -23.28
N THR B 375 2.91 27.03 -23.29
CA THR B 375 2.97 28.45 -22.92
C THR B 375 3.32 28.59 -21.46
N TRP B 376 2.70 27.73 -20.65
CA TRP B 376 2.88 27.70 -19.21
C TRP B 376 4.34 27.73 -18.85
N SER B 377 5.11 26.79 -19.39
CA SER B 377 6.54 26.70 -19.15
C SER B 377 7.33 27.79 -19.85
N ALA B 378 6.81 28.29 -20.96
CA ALA B 378 7.46 29.40 -21.67
C ALA B 378 7.44 30.65 -20.81
N SER B 379 6.41 30.76 -19.97
CA SER B 379 6.22 31.98 -19.20
C SER B 379 7.12 32.05 -17.99
N LEU B 380 7.76 30.94 -17.61
CA LEU B 380 8.56 30.95 -16.40
C LEU B 380 9.94 31.54 -16.62
N PRO B 381 10.47 32.26 -15.61
CA PRO B 381 11.85 32.75 -15.71
C PRO B 381 12.82 31.62 -16.03
N VAL B 382 13.80 31.94 -16.87
CA VAL B 382 14.84 30.98 -17.21
C VAL B 382 16.14 31.44 -16.59
N ALA B 383 16.77 30.56 -15.80
CA ALA B 383 18.03 30.89 -15.12
C ALA B 383 19.04 31.56 -16.04
N GLY B 384 19.63 32.66 -15.59
CA GLY B 384 20.82 33.20 -16.25
C GLY B 384 20.67 33.99 -17.56
N GLU B 385 19.46 34.01 -18.13
CA GLU B 385 19.20 34.70 -19.40
C GLU B 385 19.10 36.21 -19.22
N SER B 386 19.98 36.96 -19.89
CA SER B 386 20.09 38.39 -19.54
C SER B 386 19.03 39.27 -20.23
N ASP B 387 18.28 38.68 -21.16
CA ASP B 387 17.12 39.34 -21.75
C ASP B 387 15.97 39.32 -20.74
N PRO B 388 15.62 40.50 -20.19
CA PRO B 388 14.60 40.60 -19.15
C PRO B 388 13.41 39.70 -19.44
N PHE B 389 12.95 39.71 -20.68
CA PHE B 389 11.76 38.95 -21.09
C PHE B 389 11.99 37.45 -21.20
N VAL B 390 13.24 37.00 -21.06
CA VAL B 390 13.53 35.57 -20.99
C VAL B 390 13.99 35.20 -19.56
N GLY B 391 14.94 35.94 -19.04
CA GLY B 391 15.49 35.64 -17.71
C GLY B 391 14.54 35.98 -16.59
N GLY B 392 13.81 37.09 -16.76
CA GLY B 392 12.91 37.55 -15.71
C GLY B 392 13.62 37.70 -14.39
N THR B 393 12.97 37.28 -13.32
CA THR B 393 13.49 37.41 -11.97
C THR B 393 14.71 36.51 -11.72
N LEU B 394 15.13 35.76 -12.74
CA LEU B 394 16.28 34.87 -12.64
C LEU B 394 17.39 35.30 -13.57
N ALA B 395 17.17 36.40 -14.27
CA ALA B 395 18.16 36.93 -15.22
C ALA B 395 19.58 36.90 -14.67
N ASN B 396 19.72 37.23 -13.39
CA ASN B 396 21.05 37.40 -12.80
C ASN B 396 21.51 36.30 -11.88
N ARG B 397 20.83 35.16 -11.95
CA ARG B 397 21.16 34.02 -11.09
C ARG B 397 21.60 32.82 -11.93
N MET B 398 22.58 32.07 -11.43
CA MET B 398 23.04 30.81 -12.05
C MET B 398 23.72 31.01 -13.39
N ARG B 399 24.30 32.19 -13.59
CA ARG B 399 25.11 32.46 -14.78
C ARG B 399 26.44 31.74 -14.70
N GLY B 400 26.76 30.98 -15.74
CA GLY B 400 28.01 30.23 -15.81
C GLY B 400 27.90 28.93 -15.03
N THR B 401 26.67 28.51 -14.78
CA THR B 401 26.41 27.24 -14.14
C THR B 401 25.76 26.25 -15.15
N ALA B 402 25.71 24.96 -14.79
CA ALA B 402 24.93 23.96 -15.54
C ALA B 402 23.54 24.49 -15.79
N ALA B 403 22.96 25.18 -14.81
CA ALA B 403 21.56 25.64 -14.86
C ALA B 403 21.25 26.75 -15.86
N GLU B 404 22.26 27.52 -16.26
CA GLU B 404 22.05 28.65 -17.17
C GLU B 404 21.31 28.19 -18.42
N GLY B 405 20.28 28.91 -18.81
CA GLY B 405 19.49 28.59 -19.99
C GLY B 405 18.65 27.33 -19.91
N VAL B 406 18.64 26.68 -18.75
CA VAL B 406 17.99 25.38 -18.59
C VAL B 406 16.86 25.50 -17.57
N VAL B 407 17.18 25.85 -16.33
CA VAL B 407 16.17 25.87 -15.27
C VAL B 407 15.09 26.90 -15.59
N GLU B 408 13.84 26.46 -15.56
CA GLU B 408 12.66 27.33 -15.64
C GLU B 408 11.95 27.32 -14.26
N ALA B 409 11.85 28.48 -13.60
CA ALA B 409 11.42 28.47 -12.21
C ALA B 409 10.89 29.82 -11.72
N LYS B 410 9.87 29.76 -10.86
CA LYS B 410 9.24 30.96 -10.33
C LYS B 410 9.90 31.24 -9.01
N THR B 411 10.42 32.47 -8.89
CA THR B 411 11.05 32.98 -7.67
C THR B 411 9.99 33.55 -6.72
N GLY B 412 10.45 34.15 -5.61
CA GLY B 412 9.54 34.74 -4.64
C GLY B 412 10.22 34.97 -3.30
N THR B 413 10.31 36.24 -2.90
CA THR B 413 10.98 36.63 -1.67
C THR B 413 10.29 37.77 -0.94
N MET B 414 10.09 37.57 0.36
CA MET B 414 9.83 38.61 1.34
C MET B 414 10.47 38.13 2.66
N SER B 415 10.38 38.91 3.73
CA SER B 415 11.19 38.65 4.94
C SER B 415 10.81 37.32 5.59
N GLY B 416 11.81 36.51 5.91
CA GLY B 416 11.55 35.15 6.40
C GLY B 416 10.86 34.20 5.44
N VAL B 417 10.76 34.56 4.15
CA VAL B 417 10.13 33.71 3.14
C VAL B 417 10.80 33.82 1.78
N SER B 418 11.12 32.67 1.20
CA SER B 418 11.77 32.65 -0.10
C SER B 418 11.56 31.31 -0.71
N ALA B 419 11.42 31.33 -2.04
CA ALA B 419 10.98 30.13 -2.72
C ALA B 419 11.45 30.07 -4.17
N LEU B 420 11.71 28.84 -4.63
CA LEU B 420 12.10 28.59 -5.98
C LEU B 420 11.48 27.26 -6.38
N SER B 421 10.66 27.28 -7.44
CA SER B 421 10.05 26.06 -7.90
C SER B 421 9.94 26.08 -9.40
N GLY B 422 10.17 24.93 -10.02
CA GLY B 422 10.08 24.85 -11.46
C GLY B 422 10.51 23.55 -12.09
N TYR B 423 11.01 23.67 -13.31
CA TYR B 423 11.38 22.53 -14.12
C TYR B 423 12.87 22.55 -14.40
N VAL B 424 13.40 21.35 -14.52
CA VAL B 424 14.75 21.15 -15.00
C VAL B 424 14.61 20.25 -16.24
N PRO B 425 14.43 20.88 -17.43
CA PRO B 425 14.31 20.11 -18.68
C PRO B 425 15.55 19.26 -18.93
N GLY B 426 15.33 18.10 -19.51
CA GLY B 426 16.41 17.19 -19.78
C GLY B 426 16.23 16.44 -21.08
N PRO B 427 17.35 15.96 -21.66
CA PRO B 427 17.30 14.98 -22.74
C PRO B 427 16.65 13.69 -22.21
N GLU B 428 16.99 13.36 -20.96
CA GLU B 428 16.45 12.21 -20.21
C GLU B 428 14.94 12.33 -19.98
N GLY B 429 14.53 13.56 -19.69
CA GLY B 429 13.20 13.88 -19.22
C GLY B 429 13.32 14.97 -18.16
N GLU B 430 12.26 15.77 -18.06
CA GLU B 430 12.16 16.89 -17.14
C GLU B 430 12.14 16.47 -15.65
N LEU B 431 12.78 17.28 -14.80
CA LEU B 431 12.62 17.19 -13.34
C LEU B 431 11.69 18.30 -12.84
N ALA B 432 10.97 18.02 -11.75
CA ALA B 432 10.18 19.04 -11.09
C ALA B 432 10.68 19.20 -9.66
N PHE B 433 10.74 20.45 -9.23
CA PHE B 433 11.23 20.76 -7.89
C PHE B 433 10.52 21.97 -7.29
N SER B 434 10.36 21.91 -5.97
CA SER B 434 9.93 23.02 -5.16
C SER B 434 10.86 23.19 -3.97
N ILE B 435 11.40 24.40 -3.83
CA ILE B 435 12.15 24.80 -2.66
C ILE B 435 11.41 25.97 -2.01
N VAL B 436 10.92 25.76 -0.79
CA VAL B 436 10.25 26.80 0.00
C VAL B 436 10.90 26.89 1.37
N ASN B 437 11.57 28.02 1.61
CA ASN B 437 12.26 28.34 2.87
C ASN B 437 11.47 29.33 3.74
N ASN B 438 11.29 29.02 5.02
CA ASN B 438 10.62 29.90 6.00
C ASN B 438 11.43 29.95 7.32
N GLY B 439 11.42 31.09 7.98
CA GLY B 439 11.98 31.18 9.30
C GLY B 439 13.48 31.33 9.37
N HIS B 440 14.16 31.43 8.22
CA HIS B 440 15.57 31.84 8.21
C HIS B 440 15.60 33.27 8.78
N SER B 441 16.65 33.64 9.50
CA SER B 441 16.67 34.93 10.19
C SER B 441 17.27 36.10 9.41
N GLY B 442 18.02 35.80 8.33
CA GLY B 442 18.72 36.82 7.54
C GLY B 442 18.18 37.07 6.12
N PRO B 443 19.08 37.45 5.19
CA PRO B 443 18.70 37.63 3.79
C PRO B 443 18.27 36.29 3.20
N ALA B 444 17.50 36.35 2.12
CA ALA B 444 16.96 35.16 1.51
C ALA B 444 18.12 34.30 0.99
N PRO B 445 18.01 32.97 1.19
CA PRO B 445 19.06 32.05 0.84
C PRO B 445 19.08 31.82 -0.66
N LEU B 446 19.17 32.87 -1.44
CA LEU B 446 19.10 32.72 -2.90
C LEU B 446 20.21 31.83 -3.44
N ALA B 447 21.41 31.93 -2.86
CA ALA B 447 22.54 31.10 -3.30
C ALA B 447 22.34 29.63 -3.00
N VAL B 448 21.63 29.32 -1.93
CA VAL B 448 21.29 27.94 -1.60
C VAL B 448 20.38 27.38 -2.69
N GLN B 449 19.40 28.19 -3.06
CA GLN B 449 18.40 27.82 -4.04
C GLN B 449 19.08 27.52 -5.37
N ASP B 450 20.00 28.39 -5.78
CA ASP B 450 20.78 28.20 -6.99
C ASP B 450 21.56 26.90 -6.94
N ALA B 451 22.09 26.56 -5.77
CA ALA B 451 23.03 25.43 -5.66
C ALA B 451 22.29 24.12 -5.80
N ILE B 452 21.09 24.05 -5.23
CA ILE B 452 20.22 22.90 -5.38
C ILE B 452 19.83 22.79 -6.86
N ALA B 453 19.49 23.93 -7.43
CA ALA B 453 19.06 24.00 -8.83
C ALA B 453 20.18 23.57 -9.75
N VAL B 454 21.39 24.03 -9.48
CA VAL B 454 22.53 23.61 -10.27
C VAL B 454 22.74 22.10 -10.11
N ARG B 455 22.89 21.61 -8.88
CA ARG B 455 23.09 20.19 -8.67
C ARG B 455 22.02 19.40 -9.41
N LEU B 456 20.78 19.87 -9.37
CA LEU B 456 19.70 19.23 -10.12
C LEU B 456 19.96 19.25 -11.62
N ALA B 457 20.37 20.41 -12.13
CA ALA B 457 20.72 20.58 -13.55
C ALA B 457 21.80 19.58 -14.00
N GLU B 458 22.83 19.38 -13.18
CA GLU B 458 23.87 18.39 -13.42
C GLU B 458 23.29 16.97 -13.51
N TYR B 459 22.50 16.61 -12.50
CA TYR B 459 21.85 15.29 -12.46
C TYR B 459 21.11 15.03 -13.76
N ALA B 460 20.45 16.09 -14.26
CA ALA B 460 19.66 16.05 -15.50
C ALA B 460 20.50 16.04 -16.78
N GLY B 461 21.82 16.13 -16.64
CA GLY B 461 22.72 15.88 -17.75
C GLY B 461 23.19 17.13 -18.44
N HIS B 462 23.26 18.22 -17.69
CA HIS B 462 23.76 19.48 -18.21
C HIS B 462 25.11 19.86 -17.59
N GLN B 463 25.86 20.66 -18.33
CA GLN B 463 27.11 21.23 -17.85
C GLN B 463 27.11 22.73 -18.08
N ALA B 464 28.08 23.39 -17.45
CA ALA B 464 28.28 24.83 -17.59
C ALA B 464 28.67 25.24 -19.03
N PRO B 465 27.83 26.10 -19.69
CA PRO B 465 28.08 26.69 -21.02
C PRO B 465 29.55 27.10 -21.31
N GLU B 466 29.98 27.10 -22.46
N ARG C 1 39.38 -67.67 8.90
CA ARG C 1 38.17 -67.54 8.03
C ARG C 1 37.16 -66.59 8.67
N LEU C 2 36.27 -67.15 9.47
CA LEU C 2 35.33 -66.43 10.30
C LEU C 2 35.95 -66.23 11.69
N THR C 3 36.45 -67.32 12.28
CA THR C 3 37.03 -67.30 13.63
C THR C 3 38.11 -66.23 13.72
N GLU C 4 38.68 -65.89 12.57
CA GLU C 4 39.67 -64.83 12.43
C GLU C 4 39.03 -63.45 12.64
N LEU C 5 37.98 -63.15 11.90
CA LEU C 5 37.19 -61.94 12.11
C LEU C 5 36.68 -61.85 13.56
N ARG C 6 36.26 -62.99 14.10
CA ARG C 6 35.80 -63.07 15.48
C ARG C 6 36.86 -62.64 16.51
N GLU C 7 38.01 -63.32 16.50
CA GLU C 7 39.17 -62.93 17.33
C GLU C 7 39.43 -61.43 17.23
N ASP C 8 39.70 -60.99 16.00
CA ASP C 8 39.90 -59.60 15.65
C ASP C 8 38.91 -58.63 16.32
N ILE C 9 37.61 -58.93 16.30
CA ILE C 9 36.64 -58.04 16.89
C ILE C 9 36.68 -58.14 18.42
N ASP C 10 36.89 -59.33 18.97
CA ASP C 10 37.06 -59.47 20.42
C ASP C 10 38.16 -58.59 20.96
N ALA C 11 39.25 -58.50 20.20
CA ALA C 11 40.43 -57.74 20.63
C ALA C 11 40.16 -56.23 20.57
N ILE C 12 39.52 -55.80 19.48
CA ILE C 12 39.07 -54.43 19.34
C ILE C 12 38.19 -54.08 20.54
N LEU C 13 37.31 -55.01 20.94
CA LEU C 13 36.45 -54.77 22.08
C LEU C 13 37.22 -54.69 23.41
N GLU C 14 38.45 -55.16 23.39
CA GLU C 14 39.26 -55.09 24.60
C GLU C 14 39.93 -53.72 24.69
N ASP C 15 39.12 -52.68 24.72
CA ASP C 15 39.66 -51.35 24.62
C ASP C 15 39.42 -50.58 25.89
N PRO C 16 40.44 -49.86 26.36
CA PRO C 16 40.30 -49.01 27.53
C PRO C 16 39.05 -48.11 27.56
N ALA C 17 38.59 -47.62 26.40
CA ALA C 17 37.42 -46.73 26.37
C ALA C 17 36.16 -47.52 26.76
N LEU C 18 36.25 -48.85 26.73
CA LEU C 18 35.13 -49.68 27.06
C LEU C 18 35.32 -50.36 28.41
N GLU C 19 36.33 -49.91 29.13
CA GLU C 19 36.59 -50.41 30.47
C GLU C 19 35.27 -50.32 31.24
N GLY C 20 34.76 -51.49 31.61
CA GLY C 20 33.61 -51.60 32.53
C GLY C 20 32.27 -51.34 31.91
N ALA C 21 32.18 -51.47 30.58
CA ALA C 21 31.00 -51.10 29.80
C ALA C 21 30.27 -52.32 29.25
N VAL C 22 29.10 -52.12 28.66
CA VAL C 22 28.34 -53.20 28.00
C VAL C 22 28.19 -52.83 26.53
N SER C 23 28.60 -53.74 25.67
CA SER C 23 28.51 -53.48 24.25
C SER C 23 27.74 -54.57 23.53
N GLY C 24 26.63 -54.19 22.93
CA GLY C 24 25.88 -55.08 22.03
C GLY C 24 26.42 -54.93 20.62
N VAL C 25 26.90 -56.04 20.08
CA VAL C 25 27.58 -56.05 18.79
C VAL C 25 27.09 -57.23 17.98
N VAL C 26 26.47 -56.95 16.84
CA VAL C 26 25.93 -58.00 15.99
C VAL C 26 26.22 -57.68 14.53
N VAL C 27 26.77 -58.68 13.85
CA VAL C 27 27.08 -58.59 12.43
C VAL C 27 26.51 -59.83 11.68
N VAL C 28 25.64 -59.56 10.70
CA VAL C 28 24.97 -60.56 9.88
C VAL C 28 25.36 -60.36 8.42
N ASP C 29 25.55 -61.46 7.69
CA ASP C 29 25.67 -61.36 6.25
C ASP C 29 24.24 -61.30 5.74
N THR C 30 23.87 -60.22 5.05
CA THR C 30 22.44 -60.09 4.69
C THR C 30 22.04 -60.91 3.47
N ALA C 31 23.03 -61.38 2.71
CA ALA C 31 22.81 -62.37 1.65
C ALA C 31 22.39 -63.73 2.19
N THR C 32 23.10 -64.22 3.20
CA THR C 32 22.96 -65.61 3.65
C THR C 32 22.13 -65.74 4.93
N GLY C 33 22.16 -64.68 5.73
CA GLY C 33 21.55 -64.69 7.05
C GLY C 33 22.56 -65.17 8.06
N GLU C 34 23.77 -65.44 7.60
CA GLU C 34 24.82 -65.87 8.49
C GLU C 34 25.19 -64.75 9.46
N GLU C 35 25.37 -65.15 10.71
CA GLU C 35 25.71 -64.27 11.79
C GLU C 35 27.20 -64.30 12.01
N LEU C 36 27.93 -63.44 11.31
CA LEU C 36 29.37 -63.30 11.50
C LEU C 36 29.81 -63.00 12.94
N TYR C 37 28.94 -62.40 13.75
CA TYR C 37 29.33 -62.00 15.09
C TYR C 37 28.16 -61.56 15.94
N SER C 38 28.20 -61.99 17.21
CA SER C 38 27.20 -61.62 18.19
C SER C 38 27.77 -61.65 19.61
N ARG C 39 27.54 -60.55 20.31
CA ARG C 39 27.95 -60.43 21.69
C ARG C 39 26.89 -59.58 22.35
N ASP C 40 26.28 -60.14 23.37
CA ASP C 40 25.33 -59.38 24.16
C ASP C 40 24.27 -58.75 23.26
N GLY C 41 23.96 -59.44 22.17
CA GLY C 41 23.03 -58.92 21.18
C GLY C 41 21.57 -59.00 21.58
N GLY C 42 21.30 -59.71 22.67
CA GLY C 42 19.96 -59.80 23.23
C GLY C 42 19.76 -58.84 24.41
N GLU C 43 20.73 -57.97 24.68
CA GLU C 43 20.69 -57.06 25.83
C GLU C 43 20.03 -55.73 25.49
N GLN C 44 19.17 -55.28 26.40
CA GLN C 44 18.48 -54.03 26.22
C GLN C 44 19.38 -52.87 26.62
N LEU C 45 19.54 -51.92 25.69
CA LEU C 45 20.51 -50.85 25.76
C LEU C 45 19.87 -49.58 25.21
N LEU C 46 20.30 -48.42 25.71
CA LEU C 46 19.84 -47.13 25.15
C LEU C 46 20.47 -47.01 23.75
N PRO C 47 19.65 -46.64 22.75
CA PRO C 47 20.18 -46.44 21.40
C PRO C 47 20.71 -45.05 21.09
N ALA C 48 20.38 -44.03 21.88
CA ALA C 48 20.67 -42.64 21.46
C ALA C 48 20.11 -42.41 20.07
N SER C 49 20.86 -41.78 19.21
CA SER C 49 20.28 -41.40 17.92
C SER C 49 20.03 -42.60 17.00
N ASN C 50 20.51 -43.79 17.36
CA ASN C 50 20.23 -44.98 16.53
C ASN C 50 18.74 -45.29 16.38
N MET C 51 17.97 -44.93 17.41
CA MET C 51 16.52 -45.01 17.40
C MET C 51 15.92 -44.45 16.12
N LYS C 52 16.51 -43.39 15.59
CA LYS C 52 16.04 -42.80 14.32
C LYS C 52 15.97 -43.81 13.17
N LEU C 53 16.72 -44.92 13.26
CA LEU C 53 16.60 -45.98 12.25
C LEU C 53 15.20 -46.59 12.33
N PHE C 54 14.70 -46.84 13.53
CA PHE C 54 13.36 -47.35 13.66
C PHE C 54 12.33 -46.32 13.15
N THR C 55 12.44 -45.07 13.60
CA THR C 55 11.46 -44.04 13.26
C THR C 55 11.41 -43.78 11.76
N ALA C 56 12.59 -43.80 11.13
CA ALA C 56 12.70 -43.60 9.71
C ALA C 56 12.02 -44.71 8.90
N ALA C 57 12.08 -45.95 9.37
CA ALA C 57 11.41 -47.03 8.65
C ALA C 57 9.89 -47.01 8.83
N ALA C 58 9.42 -46.93 10.08
CA ALA C 58 7.99 -46.75 10.31
C ALA C 58 7.42 -45.63 9.43
N ALA C 59 8.08 -44.47 9.41
CA ALA C 59 7.68 -43.38 8.54
C ALA C 59 7.55 -43.83 7.08
N LEU C 60 8.58 -44.49 6.57
CA LEU C 60 8.53 -44.99 5.19
C LEU C 60 7.38 -45.96 4.98
N GLU C 61 7.21 -46.91 5.90
CA GLU C 61 6.11 -47.86 5.81
C GLU C 61 4.75 -47.16 5.84
N VAL C 62 4.55 -46.29 6.84
CA VAL C 62 3.24 -45.72 7.14
C VAL C 62 2.88 -44.56 6.23
N LEU C 63 3.86 -43.69 5.98
CA LEU C 63 3.60 -42.45 5.24
C LEU C 63 3.86 -42.57 3.75
N GLY C 64 4.80 -43.46 3.40
CA GLY C 64 5.22 -43.67 2.03
C GLY C 64 6.43 -42.82 1.64
N ALA C 65 7.37 -43.44 0.92
CA ALA C 65 8.52 -42.71 0.37
C ALA C 65 8.13 -41.45 -0.41
N ASP C 66 6.85 -41.26 -0.67
CA ASP C 66 6.43 -40.12 -1.47
C ASP C 66 5.45 -39.18 -0.76
N HIS C 67 5.27 -39.36 0.55
CA HIS C 67 4.39 -38.47 1.30
C HIS C 67 4.96 -37.07 1.30
N SER C 68 4.11 -36.07 1.16
CA SER C 68 4.57 -34.69 1.30
C SER C 68 3.70 -33.95 2.32
N PHE C 69 4.15 -32.78 2.78
CA PHE C 69 3.50 -32.13 3.92
C PHE C 69 2.92 -30.77 3.55
N GLY C 70 1.68 -30.52 4.00
CA GLY C 70 0.99 -29.29 3.66
C GLY C 70 1.10 -28.21 4.72
N THR C 71 1.17 -26.96 4.26
CA THR C 71 0.97 -25.76 5.08
C THR C 71 -0.02 -24.89 4.31
N GLU C 72 -0.90 -24.17 5.01
CA GLU C 72 -2.02 -23.44 4.40
C GLU C 72 -2.35 -22.14 5.11
N VAL C 73 -2.80 -21.16 4.35
CA VAL C 73 -3.32 -19.93 4.91
C VAL C 73 -4.82 -19.84 4.62
N ALA C 74 -5.63 -19.57 5.66
CA ALA C 74 -7.09 -19.60 5.48
C ALA C 74 -7.79 -18.40 6.11
N ALA C 75 -8.82 -17.92 5.42
CA ALA C 75 -9.74 -16.92 6.00
C ALA C 75 -11.19 -17.41 5.84
N GLU C 76 -12.15 -16.76 6.51
CA GLU C 76 -13.55 -17.22 6.47
C GLU C 76 -14.17 -17.21 5.07
N SER C 77 -13.69 -16.30 4.24
CA SER C 77 -14.05 -16.25 2.84
C SER C 77 -13.08 -15.31 2.16
N ALA C 78 -13.11 -15.26 0.83
CA ALA C 78 -12.26 -14.38 0.03
C ALA C 78 -12.41 -12.92 0.46
N PRO C 79 -11.35 -12.10 0.25
CA PRO C 79 -11.37 -10.72 0.74
C PRO C 79 -12.50 -9.85 0.19
N GLY C 80 -12.94 -8.89 1.02
CA GLY C 80 -14.04 -7.98 0.73
C GLY C 80 -13.78 -7.08 -0.46
N ARG C 81 -14.71 -6.17 -0.73
CA ARG C 81 -14.54 -5.24 -1.85
C ARG C 81 -13.33 -4.33 -1.61
N ARG C 82 -12.91 -4.24 -0.34
CA ARG C 82 -11.78 -3.38 0.05
C ARG C 82 -10.47 -4.17 0.17
N GLY C 83 -10.50 -5.45 -0.20
CA GLY C 83 -9.38 -6.34 0.02
C GLY C 83 -9.24 -6.70 1.49
N GLU C 84 -10.31 -6.50 2.25
CA GLU C 84 -10.28 -6.80 3.67
C GLU C 84 -10.66 -8.25 3.97
N VAL C 85 -10.01 -8.74 5.02
CA VAL C 85 -10.27 -10.03 5.60
C VAL C 85 -10.33 -9.77 7.10
N GLN C 86 -11.11 -10.57 7.81
CA GLN C 86 -11.21 -10.46 9.25
C GLN C 86 -10.00 -11.22 9.87
N ASP C 87 -10.19 -12.48 10.26
CA ASP C 87 -9.09 -13.22 10.88
C ASP C 87 -8.43 -14.12 9.89
N LEU C 88 -7.13 -14.29 10.08
CA LEU C 88 -6.32 -15.13 9.21
C LEU C 88 -5.60 -16.27 9.98
N TYR C 89 -5.58 -17.47 9.39
CA TYR C 89 -4.96 -18.64 10.00
C TYR C 89 -3.86 -19.23 9.11
N LEU C 90 -2.65 -19.30 9.64
CA LEU C 90 -1.58 -20.05 9.01
C LEU C 90 -1.62 -21.46 9.63
N VAL C 91 -1.78 -22.48 8.79
CA VAL C 91 -2.08 -23.83 9.28
C VAL C 91 -1.01 -24.81 8.88
N GLY C 92 -0.37 -25.38 9.90
CA GLY C 92 0.73 -26.28 9.68
C GLY C 92 0.26 -27.70 9.83
N ARG C 93 0.69 -28.57 8.93
CA ARG C 93 0.39 -29.99 9.08
C ARG C 93 1.65 -30.83 9.07
N GLY C 94 2.63 -30.40 9.86
CA GLY C 94 3.82 -31.18 10.10
C GLY C 94 4.90 -31.17 9.04
N ASP C 95 4.97 -30.10 8.26
CA ASP C 95 6.09 -29.91 7.34
C ASP C 95 7.38 -29.63 8.14
N PRO C 96 8.33 -30.58 8.12
CA PRO C 96 9.50 -30.32 8.92
C PRO C 96 10.49 -29.46 8.18
N THR C 97 10.11 -28.97 7.00
CA THR C 97 11.04 -28.21 6.17
C THR C 97 10.49 -26.86 5.72
N LEU C 98 9.55 -26.33 6.47
CA LEU C 98 8.99 -25.03 6.14
C LEU C 98 10.01 -23.89 6.38
N SER C 99 10.44 -23.22 5.30
CA SER C 99 11.40 -22.11 5.41
C SER C 99 10.72 -20.75 5.56
N ALA C 100 11.46 -19.75 6.04
CA ALA C 100 11.06 -18.34 6.07
C ALA C 100 10.73 -17.83 4.67
N GLU C 101 11.45 -18.36 3.67
CA GLU C 101 11.21 -18.06 2.27
C GLU C 101 9.84 -18.59 1.89
N ASP C 102 9.54 -19.81 2.32
CA ASP C 102 8.20 -20.36 2.06
C ASP C 102 7.10 -19.46 2.64
N LEU C 103 7.34 -18.87 3.81
CA LEU C 103 6.33 -18.03 4.44
C LEU C 103 6.14 -16.76 3.61
N ASP C 104 7.24 -16.31 3.01
CA ASP C 104 7.24 -15.12 2.18
C ASP C 104 6.43 -15.34 0.91
N ALA C 105 6.74 -16.45 0.24
CA ALA C 105 6.00 -16.95 -0.91
C ALA C 105 4.53 -17.06 -0.58
N MET C 106 4.21 -17.63 0.56
CA MET C 106 2.81 -17.70 0.98
C MET C 106 2.26 -16.32 1.26
N ALA C 107 3.12 -15.40 1.70
CA ALA C 107 2.71 -14.01 1.89
C ALA C 107 2.36 -13.40 0.54
N ALA C 108 3.15 -13.70 -0.48
CA ALA C 108 2.87 -13.20 -1.84
C ALA C 108 1.51 -13.71 -2.37
N GLU C 109 1.23 -15.00 -2.22
CA GLU C 109 -0.06 -15.51 -2.66
C GLU C 109 -1.21 -14.77 -1.98
N VAL C 110 -1.08 -14.50 -0.68
CA VAL C 110 -2.16 -13.82 0.04
C VAL C 110 -2.50 -12.41 -0.51
N ALA C 111 -1.48 -11.58 -0.66
CA ALA C 111 -1.59 -10.34 -1.41
C ALA C 111 -1.98 -10.57 -2.87
N ALA C 112 -1.51 -11.65 -3.49
CA ALA C 112 -1.84 -11.91 -4.90
C ALA C 112 -3.30 -12.35 -5.09
N SER C 113 -4.04 -12.52 -4.00
CA SER C 113 -5.43 -12.91 -4.13
C SER C 113 -6.31 -11.72 -3.72
N GLY C 114 -5.68 -10.59 -3.48
CA GLY C 114 -6.41 -9.34 -3.35
C GLY C 114 -6.48 -8.78 -1.95
N VAL C 115 -5.82 -9.44 -1.00
CA VAL C 115 -5.84 -8.99 0.39
C VAL C 115 -5.05 -7.68 0.59
N ARG C 116 -5.77 -6.61 0.92
CA ARG C 116 -5.18 -5.30 1.21
C ARG C 116 -4.84 -5.24 2.69
N THR C 117 -5.75 -5.77 3.52
CA THR C 117 -5.65 -5.63 4.96
C THR C 117 -6.20 -6.88 5.64
N VAL C 118 -5.56 -7.28 6.75
CA VAL C 118 -6.16 -8.17 7.76
C VAL C 118 -6.69 -7.32 8.90
N ARG C 119 -8.01 -7.23 8.98
CA ARG C 119 -8.67 -6.36 9.93
C ARG C 119 -8.67 -7.00 11.32
N GLY C 120 -8.68 -8.33 11.33
CA GLY C 120 -8.80 -9.12 12.56
C GLY C 120 -7.45 -9.56 13.07
N ASP C 121 -7.40 -10.72 13.73
CA ASP C 121 -6.13 -11.21 14.25
C ASP C 121 -5.50 -12.23 13.33
N LEU C 122 -4.20 -12.45 13.49
CA LEU C 122 -3.51 -13.48 12.74
C LEU C 122 -3.25 -14.63 13.70
N TYR C 123 -3.65 -15.82 13.28
CA TYR C 123 -3.52 -16.98 14.12
C TYR C 123 -2.56 -18.03 13.58
N ALA C 124 -1.73 -18.55 14.48
CA ALA C 124 -0.89 -19.68 14.18
C ALA C 124 -1.61 -20.95 14.63
N ASP C 125 -1.84 -21.88 13.68
CA ASP C 125 -2.60 -23.11 13.95
C ASP C 125 -1.72 -24.38 13.93
N ASP C 126 -1.44 -24.93 15.11
CA ASP C 126 -0.66 -26.17 15.15
C ASP C 126 -1.48 -27.34 15.66
N THR C 127 -2.79 -27.23 15.52
CA THR C 127 -3.70 -28.26 16.04
C THR C 127 -3.58 -29.65 15.37
N TRP C 128 -2.91 -29.74 14.24
CA TRP C 128 -2.69 -31.05 13.63
C TRP C 128 -1.89 -31.96 14.56
N PHE C 129 -0.97 -31.38 15.35
CA PHE C 129 -0.32 -32.13 16.42
C PHE C 129 -0.83 -31.71 17.79
N ASP C 130 -0.49 -32.50 18.81
CA ASP C 130 -0.36 -32.13 20.25
C ASP C 130 0.33 -30.81 20.55
N SER C 131 0.00 -30.27 21.71
CA SER C 131 0.81 -29.22 22.30
C SER C 131 1.79 -29.77 23.36
N GLU C 132 2.00 -31.08 23.42
CA GLU C 132 3.05 -31.62 24.28
C GLU C 132 4.33 -31.39 23.50
N ARG C 133 5.15 -30.45 23.97
CA ARG C 133 6.29 -29.93 23.19
C ARG C 133 7.55 -30.76 23.34
N LEU C 134 7.68 -31.39 24.51
CA LEU C 134 8.86 -32.16 24.86
C LEU C 134 8.46 -33.47 25.55
N VAL C 135 9.24 -34.51 25.34
CA VAL C 135 9.06 -35.78 26.01
C VAL C 135 9.35 -35.57 27.52
N ASP C 136 8.52 -36.14 28.39
CA ASP C 136 8.72 -36.00 29.84
C ASP C 136 10.16 -36.19 30.29
N ASP C 137 10.86 -37.18 29.75
CA ASP C 137 12.13 -37.54 30.36
C ASP C 137 13.34 -36.83 29.73
N TRP C 138 13.08 -35.89 28.83
CA TRP C 138 14.15 -35.05 28.28
C TRP C 138 14.62 -34.07 29.32
N TRP C 139 15.90 -33.74 29.24
CA TRP C 139 16.49 -32.86 30.21
C TRP C 139 16.20 -31.42 29.92
N PRO C 140 15.53 -30.72 30.87
CA PRO C 140 15.35 -29.26 30.78
C PRO C 140 16.65 -28.47 30.45
N GLU C 141 17.80 -28.93 30.94
CA GLU C 141 19.07 -28.24 30.62
C GLU C 141 19.43 -28.32 29.13
N ASP C 142 18.88 -29.33 28.42
CA ASP C 142 19.06 -29.46 26.97
C ASP C 142 18.17 -28.51 26.14
N GLU C 143 17.18 -27.93 26.80
CA GLU C 143 16.09 -27.24 26.08
C GLU C 143 16.50 -26.00 25.22
N PRO C 144 17.62 -25.33 25.55
CA PRO C 144 18.08 -24.24 24.65
C PRO C 144 18.70 -24.68 23.33
N TYR C 145 19.26 -25.90 23.26
CA TYR C 145 20.01 -26.35 22.07
C TYR C 145 19.12 -26.90 20.98
N ALA C 146 19.55 -26.70 19.75
CA ALA C 146 18.76 -27.12 18.58
C ALA C 146 18.26 -28.54 18.68
N TYR C 147 19.09 -29.46 19.18
CA TYR C 147 18.72 -30.89 19.22
C TYR C 147 17.50 -31.15 20.09
N SER C 148 17.10 -30.13 20.86
CA SER C 148 15.98 -30.25 21.77
C SER C 148 14.85 -29.23 21.53
N ALA C 149 14.74 -28.76 20.29
CA ALA C 149 13.62 -27.89 19.87
C ALA C 149 12.33 -28.57 20.25
N GLN C 150 11.39 -27.71 20.68
CA GLN C 150 10.02 -28.04 21.03
C GLN C 150 9.24 -28.49 19.81
N ILE C 151 8.29 -29.40 19.98
CA ILE C 151 7.66 -30.02 18.82
C ILE C 151 6.33 -29.41 18.50
N SER C 152 6.12 -29.10 17.22
CA SER C 152 4.85 -28.51 16.77
C SER C 152 4.51 -28.91 15.33
N ALA C 153 3.24 -28.90 14.96
CA ALA C 153 2.89 -29.12 13.56
C ALA C 153 3.13 -27.86 12.71
N LEU C 154 3.32 -26.73 13.37
CA LEU C 154 3.74 -25.53 12.65
C LEU C 154 5.06 -25.07 13.24
N THR C 155 6.14 -25.41 12.54
CA THR C 155 7.45 -24.93 12.89
C THR C 155 8.23 -24.43 11.66
N VAL C 156 9.17 -23.49 11.89
CA VAL C 156 9.99 -22.94 10.81
C VAL C 156 11.34 -23.60 10.89
N ALA C 157 11.76 -24.19 9.77
CA ALA C 157 13.01 -24.90 9.68
C ALA C 157 14.06 -23.90 9.21
N HIS C 158 15.16 -23.83 9.94
CA HIS C 158 16.25 -22.93 9.59
C HIS C 158 17.27 -23.64 8.72
N GLY C 159 17.71 -22.98 7.66
CA GLY C 159 18.84 -23.43 6.81
C GLY C 159 18.54 -24.63 5.94
N GLU C 160 19.53 -25.03 5.15
CA GLU C 160 19.39 -26.17 4.27
C GLU C 160 19.45 -27.51 5.01
N ARG C 161 19.82 -27.51 6.28
CA ARG C 161 19.69 -28.70 7.16
C ARG C 161 18.31 -28.79 7.81
N PHE C 162 17.52 -27.74 7.64
CA PHE C 162 16.15 -27.72 8.13
C PHE C 162 16.06 -27.96 9.64
N ASP C 163 16.85 -27.23 10.42
CA ASP C 163 16.72 -27.34 11.86
C ASP C 163 15.51 -26.54 12.29
N THR C 164 14.55 -27.22 12.92
CA THR C 164 13.28 -26.62 13.28
C THR C 164 13.33 -26.01 14.66
N GLY C 165 12.46 -25.05 14.91
CA GLY C 165 12.18 -24.59 16.25
C GLY C 165 13.15 -23.58 16.81
N VAL C 166 14.03 -23.08 15.96
CA VAL C 166 15.17 -22.27 16.36
C VAL C 166 15.30 -20.95 15.62
N THR C 167 16.12 -20.08 16.22
CA THR C 167 16.48 -18.78 15.69
C THR C 167 18.02 -18.66 15.72
N GLU C 168 18.60 -18.02 14.70
CA GLU C 168 20.03 -17.76 14.71
C GLU C 168 20.36 -16.56 15.59
N VAL C 169 21.16 -16.77 16.62
CA VAL C 169 21.66 -15.65 17.40
C VAL C 169 23.05 -15.31 16.92
N SER C 170 23.30 -14.08 16.53
CA SER C 170 24.68 -13.72 16.28
C SER C 170 25.17 -12.62 17.21
N VAL C 171 26.34 -12.83 17.77
CA VAL C 171 26.93 -11.94 18.73
C VAL C 171 28.25 -11.45 18.14
N THR C 172 28.40 -10.12 18.06
CA THR C 172 29.57 -9.53 17.47
C THR C 172 30.23 -8.54 18.45
N PRO C 173 31.58 -8.50 18.46
CA PRO C 173 32.27 -7.61 19.36
C PRO C 173 32.02 -6.17 19.00
N ALA C 174 31.97 -5.32 20.01
CA ALA C 174 32.01 -3.89 19.77
C ALA C 174 33.42 -3.42 20.13
N ALA C 175 33.51 -2.46 21.05
CA ALA C 175 34.79 -1.92 21.46
C ALA C 175 35.10 -2.45 22.84
N GLU C 176 36.38 -2.68 23.09
CA GLU C 176 36.76 -3.24 24.35
C GLU C 176 36.04 -2.51 25.50
N GLY C 177 35.33 -3.29 26.31
CA GLY C 177 34.66 -2.81 27.51
C GLY C 177 33.23 -2.37 27.24
N GLU C 178 32.86 -2.33 25.96
CA GLU C 178 31.48 -2.11 25.63
C GLU C 178 30.72 -3.43 25.57
N PRO C 179 29.39 -3.39 25.77
CA PRO C 179 28.61 -4.61 25.53
C PRO C 179 28.82 -5.18 24.12
N ALA C 180 28.64 -6.48 23.99
CA ALA C 180 28.62 -7.13 22.69
C ALA C 180 27.35 -6.71 21.96
N ASP C 181 27.39 -6.74 20.64
CA ASP C 181 26.17 -6.55 19.86
C ASP C 181 25.47 -7.86 19.62
N VAL C 182 24.21 -7.92 20.02
CA VAL C 182 23.39 -9.13 19.88
C VAL C 182 22.25 -8.94 18.90
N ASP C 183 22.13 -9.87 17.96
CA ASP C 183 21.00 -9.90 17.04
C ASP C 183 20.37 -11.28 17.16
N LEU C 184 19.07 -11.34 17.40
CA LEU C 184 18.38 -12.59 17.74
C LEU C 184 17.89 -13.38 16.53
N GLY C 185 18.13 -12.88 15.32
CA GLY C 185 17.78 -13.59 14.08
C GLY C 185 16.29 -13.47 13.84
N ALA C 186 15.67 -14.56 13.40
CA ALA C 186 14.21 -14.64 13.20
C ALA C 186 13.41 -14.14 14.42
N ALA C 187 13.98 -14.36 15.61
CA ALA C 187 13.24 -14.15 16.84
C ALA C 187 13.29 -12.70 17.31
N GLU C 188 13.92 -11.83 16.52
CA GLU C 188 13.90 -10.39 16.77
C GLU C 188 12.45 -9.96 16.79
N GLY C 189 12.07 -9.25 17.87
CA GLY C 189 10.69 -8.88 18.10
C GLY C 189 9.78 -10.00 18.58
N TYR C 190 10.34 -11.18 18.79
CA TYR C 190 9.58 -12.30 19.34
C TYR C 190 10.13 -12.73 20.69
N ALA C 191 11.37 -13.23 20.76
CA ALA C 191 12.01 -13.57 22.03
C ALA C 191 12.50 -12.32 22.67
N GLU C 192 12.67 -12.33 23.99
CA GLU C 192 13.26 -11.18 24.66
C GLU C 192 14.78 -11.28 24.76
N LEU C 193 15.45 -10.14 24.66
CA LEU C 193 16.91 -10.08 24.83
C LEU C 193 17.34 -9.71 26.25
N ASP C 194 18.17 -10.55 26.85
CA ASP C 194 18.79 -10.19 28.12
C ASP C 194 20.30 -10.22 27.88
N ASN C 195 20.88 -9.08 27.52
CA ASN C 195 22.28 -9.02 27.10
C ASN C 195 23.18 -8.48 28.20
N ARG C 196 23.87 -9.37 28.91
CA ARG C 196 24.82 -8.93 29.92
C ARG C 196 26.27 -9.29 29.48
N ALA C 197 26.50 -9.34 28.16
CA ALA C 197 27.82 -9.68 27.66
C ALA C 197 28.63 -8.42 27.34
N VAL C 198 29.93 -8.49 27.56
CA VAL C 198 30.87 -7.43 27.27
C VAL C 198 31.82 -7.86 26.15
N THR C 199 32.43 -6.87 25.50
CA THR C 199 33.56 -7.08 24.60
C THR C 199 34.85 -7.04 25.39
N GLY C 200 35.60 -8.13 25.33
CA GLY C 200 36.88 -8.20 26.02
C GLY C 200 37.96 -7.61 25.15
N ALA C 201 39.14 -7.46 25.71
CA ALA C 201 40.31 -6.99 24.98
C ALA C 201 40.68 -7.93 23.84
N ALA C 202 41.18 -7.37 22.74
CA ALA C 202 41.65 -8.20 21.64
C ALA C 202 42.58 -9.27 22.21
N GLY C 203 42.40 -10.52 21.82
CA GLY C 203 43.35 -11.55 22.27
C GLY C 203 43.02 -12.19 23.62
N SER C 204 41.95 -11.72 24.29
CA SER C 204 41.51 -12.30 25.57
C SER C 204 40.72 -13.62 25.36
N ALA C 205 40.35 -14.30 26.43
CA ALA C 205 39.62 -15.57 26.31
C ALA C 205 38.18 -15.31 25.88
N ASN C 206 37.63 -16.22 25.05
CA ASN C 206 36.24 -16.09 24.69
C ASN C 206 35.31 -16.93 25.57
N THR C 207 34.73 -16.28 26.58
CA THR C 207 33.85 -16.93 27.55
C THR C 207 32.38 -16.66 27.23
N LEU C 208 32.08 -16.33 25.98
CA LEU C 208 30.68 -15.99 25.63
C LEU C 208 29.73 -17.18 25.85
N VAL C 209 28.59 -16.88 26.49
CA VAL C 209 27.54 -17.87 26.69
C VAL C 209 26.20 -17.31 26.18
N ILE C 210 25.48 -18.13 25.41
CA ILE C 210 24.17 -17.79 24.84
C ILE C 210 23.19 -18.89 25.26
N ASP C 211 22.17 -18.50 26.02
CA ASP C 211 21.37 -19.42 26.78
C ASP C 211 19.95 -18.98 26.65
N ARG C 212 19.03 -19.90 26.86
CA ARG C 212 17.62 -19.56 27.17
C ARG C 212 17.33 -20.13 28.56
N PRO C 213 17.17 -19.26 29.58
CA PRO C 213 16.86 -19.77 30.91
C PRO C 213 15.59 -20.58 30.80
N VAL C 214 15.59 -21.74 31.48
CA VAL C 214 14.48 -22.70 31.38
C VAL C 214 13.15 -22.03 31.64
N GLY C 215 12.17 -22.40 30.84
CA GLY C 215 10.82 -21.92 31.02
C GLY C 215 10.54 -20.54 30.46
N THR C 216 11.55 -19.86 29.91
CA THR C 216 11.38 -18.49 29.43
C THR C 216 11.39 -18.40 27.92
N ASN C 217 11.12 -17.21 27.41
CA ASN C 217 11.32 -16.94 26.01
C ASN C 217 12.43 -15.92 25.86
N THR C 218 13.45 -16.01 26.72
CA THR C 218 14.51 -15.02 26.75
C THR C 218 15.85 -15.62 26.36
N ILE C 219 16.53 -14.98 25.40
CA ILE C 219 17.91 -15.32 25.08
C ILE C 219 18.81 -14.44 25.95
N ALA C 220 19.46 -15.10 26.91
CA ALA C 220 20.37 -14.48 27.86
C ALA C 220 21.82 -14.71 27.42
N VAL C 221 22.48 -13.61 27.08
CA VAL C 221 23.86 -13.60 26.63
C VAL C 221 24.77 -13.08 27.74
N THR C 222 25.82 -13.83 28.03
CA THR C 222 26.74 -13.49 29.10
C THR C 222 28.18 -13.75 28.70
N GLY C 223 29.10 -13.36 29.56
CA GLY C 223 30.50 -13.61 29.32
C GLY C 223 31.09 -12.55 28.47
N SER C 224 32.27 -12.84 27.94
CA SER C 224 33.13 -11.85 27.29
C SER C 224 33.58 -12.34 25.93
N LEU C 225 33.42 -11.47 24.94
CA LEU C 225 33.81 -11.76 23.56
C LEU C 225 34.92 -10.79 23.14
N PRO C 226 36.08 -11.31 22.72
CA PRO C 226 37.22 -10.46 22.35
C PRO C 226 36.92 -9.54 21.19
N ALA C 227 37.31 -8.28 21.35
CA ALA C 227 37.14 -7.25 20.33
C ALA C 227 37.60 -7.73 18.94
N ASP C 228 38.62 -8.58 18.90
CA ASP C 228 39.18 -9.05 17.63
C ASP C 228 38.57 -10.39 17.17
N ALA C 229 37.61 -10.92 17.91
CA ALA C 229 36.97 -12.17 17.55
C ALA C 229 36.01 -12.02 16.36
N ALA C 230 35.94 -13.07 15.54
CA ALA C 230 34.84 -13.26 14.60
C ALA C 230 33.51 -13.26 15.36
N PRO C 231 32.41 -12.90 14.69
CA PRO C 231 31.09 -13.01 15.31
C PRO C 231 30.84 -14.45 15.78
N VAL C 232 30.10 -14.61 16.87
CA VAL C 232 29.63 -15.92 17.29
C VAL C 232 28.19 -16.11 16.78
N THR C 233 27.94 -17.25 16.13
CA THR C 233 26.64 -17.49 15.55
C THR C 233 26.15 -18.81 16.09
N ALA C 234 24.99 -18.80 16.74
CA ALA C 234 24.50 -20.06 17.33
C ALA C 234 23.02 -20.21 17.17
N LEU C 235 22.57 -21.45 16.98
CA LEU C 235 21.12 -21.77 16.95
C LEU C 235 20.59 -22.00 18.35
N ARG C 236 19.55 -21.26 18.69
CA ARG C 236 18.92 -21.51 19.96
C ARG C 236 17.43 -21.74 19.81
N THR C 237 16.86 -22.61 20.62
CA THR C 237 15.43 -22.84 20.53
C THR C 237 14.67 -21.61 21.01
N VAL C 238 13.49 -21.39 20.45
CA VAL C 238 12.52 -20.51 21.11
C VAL C 238 11.39 -21.34 21.66
N ASP C 239 10.62 -20.68 22.55
CA ASP C 239 9.37 -21.23 23.07
C ASP C 239 8.23 -21.05 22.07
N GLU C 240 7.42 -22.10 21.90
CA GLU C 240 6.29 -22.08 20.95
C GLU C 240 6.75 -21.78 19.53
N PRO C 241 7.33 -22.78 18.84
CA PRO C 241 7.71 -22.57 17.46
C PRO C 241 6.59 -21.93 16.65
N ALA C 242 5.36 -22.45 16.78
CA ALA C 242 4.24 -22.00 15.97
C ALA C 242 4.01 -20.49 16.11
N ALA C 243 4.16 -19.95 17.33
CA ALA C 243 4.05 -18.51 17.49
C ALA C 243 5.21 -17.78 16.81
N LEU C 244 6.38 -18.39 16.77
CA LEU C 244 7.45 -17.77 16.02
C LEU C 244 7.05 -17.76 14.54
N ALA C 245 6.47 -18.87 14.06
CA ALA C 245 6.03 -18.92 12.67
C ALA C 245 5.03 -17.76 12.45
N GLY C 246 4.09 -17.62 13.37
CA GLY C 246 3.11 -16.56 13.30
C GLY C 246 3.79 -15.21 13.19
N HIS C 247 4.75 -14.96 14.08
CA HIS C 247 5.53 -13.74 14.07
C HIS C 247 6.13 -13.51 12.69
N LEU C 248 6.80 -14.54 12.17
CA LEU C 248 7.49 -14.45 10.89
C LEU C 248 6.55 -14.26 9.73
N PHE C 249 5.34 -14.79 9.87
CA PHE C 249 4.36 -14.68 8.82
C PHE C 249 3.71 -13.31 8.76
N GLU C 250 3.53 -12.73 9.94
CA GLU C 250 3.14 -11.35 10.07
C GLU C 250 4.12 -10.45 9.35
N GLU C 251 5.42 -10.66 9.59
CA GLU C 251 6.42 -9.87 8.92
C GLU C 251 6.42 -10.05 7.41
N ALA C 252 6.27 -11.29 6.94
CA ALA C 252 6.24 -11.56 5.52
C ALA C 252 5.03 -10.88 4.92
N LEU C 253 3.93 -10.90 5.67
CA LEU C 253 2.72 -10.30 5.20
C LEU C 253 2.90 -8.81 4.99
N GLU C 254 3.35 -8.10 6.03
CA GLU C 254 3.49 -6.66 5.91
C GLU C 254 4.51 -6.33 4.85
N SER C 255 5.52 -7.17 4.77
CA SER C 255 6.59 -7.04 3.78
C SER C 255 6.04 -7.17 2.36
N ASN C 256 4.93 -7.91 2.22
CA ASN C 256 4.23 -8.05 0.94
C ASN C 256 2.96 -7.18 0.77
N GLY C 257 2.91 -6.02 1.42
CA GLY C 257 1.82 -5.06 1.24
C GLY C 257 0.50 -5.36 1.93
N VAL C 258 0.54 -6.18 2.98
CA VAL C 258 -0.67 -6.61 3.69
C VAL C 258 -0.56 -6.19 5.13
N THR C 259 -1.27 -5.13 5.48
CA THR C 259 -1.31 -4.63 6.84
C THR C 259 -2.12 -5.60 7.72
N VAL C 260 -1.62 -5.87 8.92
CA VAL C 260 -2.30 -6.75 9.85
C VAL C 260 -2.61 -5.94 11.10
N LYS C 261 -3.87 -5.59 11.31
CA LYS C 261 -4.21 -4.71 12.42
C LYS C 261 -4.19 -5.41 13.80
N GLY C 262 -4.56 -6.69 13.85
CA GLY C 262 -4.77 -7.41 15.12
C GLY C 262 -3.50 -7.89 15.78
N ASP C 263 -3.63 -8.77 16.77
CA ASP C 263 -2.48 -9.36 17.43
C ASP C 263 -2.07 -10.61 16.66
N VAL C 264 -1.00 -11.26 17.11
CA VAL C 264 -0.56 -12.56 16.57
C VAL C 264 -0.58 -13.54 17.72
N GLY C 265 -1.05 -14.75 17.47
CA GLY C 265 -1.09 -15.77 18.52
C GLY C 265 -1.49 -17.12 17.99
N LEU C 266 -1.66 -18.06 18.91
CA LEU C 266 -1.98 -19.43 18.60
C LEU C 266 -3.49 -19.55 18.53
N GLY C 267 -3.98 -20.50 17.71
CA GLY C 267 -5.41 -20.64 17.51
C GLY C 267 -5.73 -21.67 16.45
N GLY C 268 -6.82 -22.39 16.66
CA GLY C 268 -7.27 -23.41 15.73
C GLY C 268 -8.32 -22.78 14.85
N VAL C 269 -8.25 -23.05 13.54
CA VAL C 269 -9.31 -22.61 12.62
C VAL C 269 -10.64 -23.04 13.22
N PRO C 270 -11.60 -22.10 13.35
CA PRO C 270 -12.91 -22.36 13.96
C PRO C 270 -13.67 -23.50 13.28
N ALA C 271 -14.32 -24.35 14.08
CA ALA C 271 -15.21 -25.37 13.54
C ALA C 271 -16.42 -24.71 12.87
N ASP C 272 -16.63 -23.45 13.28
CA ASP C 272 -17.55 -22.47 12.72
C ASP C 272 -17.62 -22.35 11.23
N TRP C 273 -16.44 -22.19 10.65
CA TRP C 273 -16.27 -21.78 9.27
C TRP C 273 -16.83 -22.84 8.36
N GLN C 274 -17.83 -22.43 7.59
CA GLN C 274 -18.63 -23.36 6.82
C GLN C 274 -17.89 -23.73 5.55
N ASP C 275 -17.13 -22.76 5.04
CA ASP C 275 -16.52 -22.87 3.73
C ASP C 275 -15.34 -21.92 3.72
N ALA C 276 -14.22 -22.45 4.17
CA ALA C 276 -13.02 -21.67 4.38
C ALA C 276 -12.32 -21.41 3.06
N GLU C 277 -11.89 -20.17 2.86
CA GLU C 277 -11.13 -19.78 1.67
C GLU C 277 -9.62 -19.93 1.85
N VAL C 278 -9.04 -20.88 1.12
CA VAL C 278 -7.59 -21.11 1.17
C VAL C 278 -6.90 -20.14 0.25
N LEU C 279 -6.11 -19.27 0.84
CA LEU C 279 -5.55 -18.14 0.14
C LEU C 279 -4.10 -18.34 -0.29
N ALA C 280 -3.39 -19.22 0.43
CA ALA C 280 -2.00 -19.55 0.14
C ALA C 280 -1.72 -20.94 0.67
N ASP C 281 -0.79 -21.64 0.03
CA ASP C 281 -0.37 -22.97 0.50
C ASP C 281 1.00 -23.32 -0.01
N HIS C 282 1.58 -24.37 0.56
CA HIS C 282 2.88 -24.83 0.14
C HIS C 282 2.93 -26.33 0.36
N THR C 283 3.53 -27.06 -0.56
CA THR C 283 3.81 -28.46 -0.34
C THR C 283 5.31 -28.65 -0.16
N SER C 284 5.72 -29.44 0.84
CA SER C 284 7.13 -29.78 0.99
C SER C 284 7.59 -30.75 -0.11
N ALA C 285 8.90 -30.91 -0.21
CA ALA C 285 9.50 -31.99 -0.95
C ALA C 285 8.95 -33.30 -0.38
N GLU C 286 9.10 -34.38 -1.14
CA GLU C 286 8.55 -35.68 -0.75
C GLU C 286 9.38 -36.31 0.37
N LEU C 287 8.82 -37.29 1.07
CA LEU C 287 9.49 -37.77 2.27
C LEU C 287 10.88 -38.30 2.00
N SER C 288 11.08 -38.91 0.83
CA SER C 288 12.36 -39.51 0.51
C SER C 288 13.44 -38.46 0.39
N GLU C 289 13.07 -37.26 -0.03
CA GLU C 289 14.06 -36.20 -0.17
C GLU C 289 14.42 -35.72 1.23
N ILE C 290 13.39 -35.60 2.07
CA ILE C 290 13.51 -35.18 3.46
C ILE C 290 14.45 -36.10 4.27
N LEU C 291 14.40 -37.40 3.99
CA LEU C 291 15.28 -38.37 4.65
C LEU C 291 16.75 -37.95 4.76
N VAL C 292 17.25 -37.29 3.71
CA VAL C 292 18.67 -36.99 3.59
C VAL C 292 19.12 -36.05 4.73
N PRO C 293 18.61 -34.80 4.77
CA PRO C 293 18.92 -33.94 5.92
C PRO C 293 18.47 -34.48 7.29
N PHE C 294 17.51 -35.40 7.30
CA PHE C 294 17.10 -36.01 8.54
C PHE C 294 18.16 -36.97 9.09
N MET C 295 18.58 -37.95 8.28
CA MET C 295 19.53 -38.99 8.76
C MET C 295 21.01 -38.59 8.64
N LYS C 296 21.35 -37.77 7.66
CA LYS C 296 22.75 -37.35 7.52
C LYS C 296 23.19 -36.59 8.75
N PHE C 297 22.34 -35.67 9.22
CA PHE C 297 22.70 -34.78 10.31
C PHE C 297 21.99 -35.14 11.62
N SER C 298 21.06 -36.09 11.55
CA SER C 298 20.34 -36.59 12.73
C SER C 298 19.45 -35.51 13.34
N ASN C 299 18.40 -35.15 12.62
CA ASN C 299 17.47 -34.12 13.08
C ASN C 299 16.46 -34.66 14.09
N ASN C 300 16.56 -34.18 15.34
CA ASN C 300 15.70 -34.68 16.38
C ASN C 300 14.25 -34.24 16.19
N GLY C 301 14.06 -33.01 15.71
CA GLY C 301 12.72 -32.48 15.39
C GLY C 301 12.08 -33.30 14.27
N HIS C 302 12.86 -33.57 13.21
CA HIS C 302 12.32 -34.31 12.07
C HIS C 302 11.71 -35.57 12.62
N ALA C 303 12.45 -36.26 13.48
CA ALA C 303 12.01 -37.53 14.08
C ALA C 303 10.73 -37.47 14.94
N GLU C 304 10.63 -36.52 15.86
CA GLU C 304 9.40 -36.40 16.69
C GLU C 304 8.16 -35.98 15.86
N MET C 305 8.36 -35.03 14.93
CA MET C 305 7.30 -34.66 13.99
C MET C 305 6.86 -35.87 13.18
N LEU C 306 7.78 -36.65 12.63
CA LEU C 306 7.37 -37.83 11.88
C LEU C 306 6.56 -38.81 12.75
N VAL C 307 6.94 -38.96 14.02
CA VAL C 307 6.19 -39.85 14.92
C VAL C 307 4.75 -39.39 15.05
N LYS C 308 4.54 -38.10 15.28
CA LYS C 308 3.19 -37.58 15.47
C LYS C 308 2.38 -37.66 14.16
N SER C 309 3.05 -37.43 13.03
CA SER C 309 2.47 -37.66 11.70
C SER C 309 2.10 -39.13 11.56
N ILE C 310 2.83 -40.03 12.23
CA ILE C 310 2.48 -41.44 12.22
C ILE C 310 1.22 -41.58 13.08
N GLY C 311 1.18 -40.91 14.23
CA GLY C 311 -0.07 -40.80 14.99
C GLY C 311 -1.22 -40.43 14.06
N GLN C 312 -1.08 -39.32 13.34
CA GLN C 312 -2.17 -38.83 12.49
C GLN C 312 -2.63 -39.85 11.43
N GLU C 313 -1.67 -40.41 10.69
CA GLU C 313 -2.01 -41.33 9.61
C GLU C 313 -2.69 -42.59 10.12
N THR C 314 -2.30 -43.02 11.32
CA THR C 314 -2.66 -44.27 11.93
C THR C 314 -3.92 -44.25 12.85
N ALA C 315 -4.11 -43.18 13.60
CA ALA C 315 -5.17 -43.16 14.58
C ALA C 315 -5.85 -41.81 14.59
N GLY C 316 -5.41 -40.93 13.70
CA GLY C 316 -5.98 -39.59 13.66
C GLY C 316 -5.76 -38.87 14.98
N ALA C 317 -4.61 -39.14 15.60
CA ALA C 317 -4.17 -38.33 16.72
C ALA C 317 -2.67 -38.04 16.61
N GLY C 318 -2.34 -36.76 16.59
CA GLY C 318 -0.93 -36.31 16.44
C GLY C 318 -0.25 -36.21 17.78
N THR C 319 0.13 -37.37 18.32
CA THR C 319 0.59 -37.46 19.68
C THR C 319 1.69 -38.51 19.78
N TRP C 320 2.48 -38.43 20.85
CA TRP C 320 3.51 -39.40 21.15
C TRP C 320 2.98 -40.82 21.38
N ASP C 321 1.93 -40.93 22.19
CA ASP C 321 1.38 -42.24 22.49
C ASP C 321 0.89 -42.95 21.22
N ALA C 322 0.02 -42.31 20.46
CA ALA C 322 -0.44 -42.84 19.17
C ALA C 322 0.66 -43.15 18.11
N GLY C 323 1.60 -42.22 17.90
CA GLY C 323 2.69 -42.43 16.95
C GLY C 323 3.65 -43.54 17.37
N LEU C 324 4.03 -43.57 18.63
CA LEU C 324 4.89 -44.65 19.09
C LEU C 324 4.19 -46.02 18.89
N VAL C 325 2.95 -46.13 19.36
CA VAL C 325 2.12 -47.28 19.05
C VAL C 325 2.24 -47.59 17.55
N GLY C 326 1.90 -46.60 16.70
CA GLY C 326 2.06 -46.72 15.24
C GLY C 326 3.42 -47.23 14.76
N VAL C 327 4.51 -46.69 15.32
CA VAL C 327 5.86 -47.13 14.98
C VAL C 327 6.01 -48.64 15.24
N GLU C 328 5.60 -49.09 16.43
CA GLU C 328 5.69 -50.49 16.82
C GLU C 328 4.97 -51.38 15.81
N GLU C 329 3.75 -51.00 15.43
CA GLU C 329 2.94 -51.82 14.50
C GLU C 329 3.57 -51.86 13.10
N ALA C 330 4.01 -50.69 12.62
CA ALA C 330 4.75 -50.61 11.38
C ALA C 330 5.99 -51.50 11.36
N LEU C 331 6.72 -51.55 12.48
CA LEU C 331 7.89 -52.41 12.57
C LEU C 331 7.54 -53.91 12.53
N SER C 332 6.49 -54.33 13.24
CA SER C 332 5.96 -55.70 13.10
C SER C 332 5.52 -55.96 11.67
N GLY C 333 4.73 -55.04 11.12
CA GLY C 333 4.31 -55.09 9.73
C GLY C 333 5.49 -55.29 8.79
N LEU C 334 6.62 -54.67 9.13
CA LEU C 334 7.84 -54.83 8.37
C LEU C 334 8.52 -56.19 8.55
N GLY C 335 8.13 -56.94 9.59
CA GLY C 335 8.70 -58.25 9.86
C GLY C 335 9.72 -58.29 10.97
N VAL C 336 9.94 -57.13 11.61
CA VAL C 336 10.89 -56.96 12.73
C VAL C 336 10.28 -57.51 14.01
N ASP C 337 11.07 -58.23 14.81
CA ASP C 337 10.59 -58.64 16.13
C ASP C 337 10.85 -57.52 17.16
N THR C 338 9.76 -56.89 17.61
CA THR C 338 9.82 -55.71 18.47
C THR C 338 9.73 -56.04 19.95
N ALA C 339 9.97 -57.31 20.28
CA ALA C 339 9.85 -57.82 21.65
C ALA C 339 10.73 -57.05 22.63
N GLY C 340 12.00 -56.85 22.27
CA GLY C 340 12.96 -56.16 23.13
C GLY C 340 13.07 -54.65 22.95
N LEU C 341 12.24 -54.10 22.08
CA LEU C 341 12.12 -52.67 21.86
C LEU C 341 11.28 -52.00 22.97
N VAL C 342 11.70 -50.84 23.41
CA VAL C 342 10.90 -50.03 24.32
C VAL C 342 10.98 -48.66 23.68
N LEU C 343 9.86 -48.20 23.12
CA LEU C 343 9.82 -46.93 22.41
C LEU C 343 9.30 -45.77 23.28
N ASN C 344 10.14 -44.76 23.51
CA ASN C 344 9.76 -43.58 24.31
C ASN C 344 9.74 -42.27 23.52
N ASP C 345 10.56 -42.21 22.47
CA ASP C 345 10.53 -41.11 21.50
C ASP C 345 10.98 -41.57 20.12
N GLY C 346 11.02 -40.63 19.18
CA GLY C 346 11.42 -40.93 17.82
C GLY C 346 12.86 -40.57 17.56
N SER C 347 13.37 -39.55 18.28
CA SER C 347 14.75 -39.07 18.02
C SER C 347 15.86 -39.94 18.58
N GLY C 348 15.58 -40.61 19.71
CA GLY C 348 16.61 -41.27 20.50
C GLY C 348 17.15 -40.40 21.64
N LEU C 349 16.77 -39.13 21.69
CA LEU C 349 17.18 -38.27 22.83
C LEU C 349 16.80 -38.90 24.19
N SER C 350 15.56 -39.42 24.27
CA SER C 350 15.04 -39.89 25.53
C SER C 350 15.83 -41.10 26.00
N ARG C 351 16.23 -41.04 27.27
CA ARG C 351 16.91 -42.14 27.90
C ARG C 351 15.94 -43.21 28.33
N GLY C 352 14.66 -43.08 27.95
CA GLY C 352 13.69 -44.15 28.25
C GLY C 352 13.63 -45.18 27.12
N ASN C 353 14.47 -45.01 26.10
CA ASN C 353 14.42 -45.85 24.92
C ASN C 353 15.25 -47.08 25.18
N LEU C 354 14.83 -48.25 24.69
CA LEU C 354 15.68 -49.42 24.78
C LEU C 354 15.62 -50.19 23.49
N VAL C 355 16.76 -50.72 23.07
CA VAL C 355 16.82 -51.59 21.90
C VAL C 355 17.72 -52.75 22.24
N THR C 356 17.77 -53.74 21.36
CA THR C 356 18.84 -54.73 21.44
C THR C 356 19.54 -54.67 20.08
N ALA C 357 20.83 -54.96 20.09
CA ALA C 357 21.59 -55.09 18.86
C ALA C 357 21.02 -56.13 17.85
N ASP C 358 20.47 -57.27 18.32
CA ASP C 358 19.78 -58.21 17.42
C ASP C 358 18.62 -57.53 16.69
N THR C 359 17.88 -56.70 17.42
CA THR C 359 16.74 -55.96 16.89
C THR C 359 17.15 -54.97 15.79
N VAL C 360 18.14 -54.16 16.09
CA VAL C 360 18.62 -53.20 15.13
C VAL C 360 19.05 -53.91 13.84
N VAL C 361 19.79 -55.00 14.00
CA VAL C 361 20.25 -55.75 12.84
C VAL C 361 19.04 -56.30 12.06
N ASP C 362 18.02 -56.77 12.78
CA ASP C 362 16.80 -57.27 12.13
C ASP C 362 16.19 -56.16 11.27
N LEU C 363 15.93 -55.01 11.87
CA LEU C 363 15.44 -53.86 11.11
C LEU C 363 16.26 -53.60 9.85
N LEU C 364 17.59 -53.59 9.99
CA LEU C 364 18.50 -53.38 8.86
C LEU C 364 18.33 -54.42 7.75
N GLY C 365 18.15 -55.69 8.13
CA GLY C 365 17.90 -56.76 7.15
C GLY C 365 16.64 -56.53 6.34
N GLN C 366 15.53 -56.28 7.05
CA GLN C 366 14.26 -56.05 6.42
C GLN C 366 14.29 -54.78 5.62
N ALA C 367 14.79 -53.70 6.22
CA ALA C 367 14.73 -52.41 5.58
C ALA C 367 15.38 -52.57 4.22
N GLY C 368 16.51 -53.29 4.21
CA GLY C 368 17.28 -53.54 2.99
C GLY C 368 16.53 -54.25 1.88
N SER C 369 15.44 -54.93 2.24
CA SER C 369 14.66 -55.64 1.25
C SER C 369 13.23 -55.09 1.06
N ALA C 370 12.95 -53.94 1.65
CA ALA C 370 11.68 -53.23 1.40
C ALA C 370 11.72 -52.38 0.10
N PRO C 371 10.54 -52.05 -0.47
CA PRO C 371 10.57 -51.26 -1.74
C PRO C 371 11.31 -49.91 -1.64
N TRP C 372 11.36 -49.34 -0.44
CA TRP C 372 12.08 -48.10 -0.21
C TRP C 372 13.58 -48.30 0.18
N ALA C 373 14.10 -49.53 0.01
CA ALA C 373 15.48 -49.87 0.43
C ALA C 373 16.53 -48.86 -0.04
N GLN C 374 16.45 -48.50 -1.33
CA GLN C 374 17.36 -47.54 -1.93
C GLN C 374 17.25 -46.09 -1.41
N THR C 375 16.04 -45.59 -1.16
CA THR C 375 15.94 -44.26 -0.56
C THR C 375 16.37 -44.24 0.91
N TRP C 376 16.24 -45.37 1.59
CA TRP C 376 16.67 -45.47 2.98
C TRP C 376 18.19 -45.45 3.12
N SER C 377 18.85 -46.40 2.43
CA SER C 377 20.30 -46.52 2.38
C SER C 377 20.97 -45.19 2.08
N ALA C 378 20.42 -44.48 1.09
CA ALA C 378 20.96 -43.22 0.60
C ALA C 378 20.92 -42.08 1.62
N SER C 379 20.08 -42.20 2.65
CA SER C 379 20.01 -41.17 3.69
C SER C 379 21.04 -41.41 4.77
N LEU C 380 21.59 -42.60 4.85
CA LEU C 380 22.53 -42.86 5.93
C LEU C 380 23.84 -42.17 5.63
N PRO C 381 24.49 -41.59 6.65
CA PRO C 381 25.87 -41.10 6.50
C PRO C 381 26.83 -42.11 5.86
N VAL C 382 27.80 -41.59 5.10
CA VAL C 382 28.83 -42.41 4.51
C VAL C 382 30.18 -42.17 5.16
N ALA C 383 30.72 -43.20 5.80
CA ALA C 383 32.05 -43.10 6.38
C ALA C 383 33.04 -42.25 5.54
N GLY C 384 33.62 -41.25 6.21
CA GLY C 384 34.78 -40.52 5.69
C GLY C 384 34.58 -39.81 4.37
N GLU C 385 33.34 -39.39 4.10
CA GLU C 385 33.06 -38.56 2.93
C GLU C 385 32.93 -37.14 3.42
N SER C 386 33.84 -36.28 2.98
CA SER C 386 34.01 -34.94 3.54
C SER C 386 32.83 -33.99 3.29
N ASP C 387 32.18 -34.18 2.14
CA ASP C 387 30.98 -33.43 1.72
C ASP C 387 29.84 -33.67 2.73
N PRO C 388 29.42 -32.62 3.48
CA PRO C 388 28.53 -32.82 4.62
C PRO C 388 27.25 -33.61 4.28
N PHE C 389 26.57 -33.25 3.19
CA PHE C 389 25.39 -34.00 2.75
C PHE C 389 25.64 -35.48 2.34
N VAL C 390 26.89 -35.90 2.26
CA VAL C 390 27.21 -37.31 1.96
C VAL C 390 27.75 -38.02 3.22
N GLY C 391 28.81 -37.46 3.82
CA GLY C 391 29.32 -37.98 5.08
C GLY C 391 28.52 -37.67 6.33
N GLY C 392 27.73 -36.59 6.32
CA GLY C 392 26.94 -36.26 7.47
C GLY C 392 27.75 -36.37 8.75
N THR C 393 27.20 -37.05 9.77
CA THR C 393 27.91 -37.18 11.04
C THR C 393 29.05 -38.20 10.94
N LEU C 394 29.26 -38.80 9.78
CA LEU C 394 30.39 -39.73 9.58
C LEU C 394 31.55 -39.12 8.81
N ALA C 395 31.44 -37.81 8.52
CA ALA C 395 32.32 -37.16 7.56
C ALA C 395 33.76 -37.11 8.00
N ASN C 396 34.00 -37.11 9.30
CA ASN C 396 35.35 -36.98 9.81
C ASN C 396 35.91 -38.32 10.26
N ARG C 397 35.14 -39.38 10.09
CA ARG C 397 35.59 -40.62 10.64
C ARG C 397 36.14 -41.57 9.58
N MET C 398 37.07 -42.43 9.93
CA MET C 398 37.43 -43.52 9.01
C MET C 398 37.94 -43.06 7.62
N ARG C 399 38.50 -41.84 7.56
CA ARG C 399 39.16 -41.37 6.34
C ARG C 399 40.43 -42.19 6.10
N GLY C 400 40.61 -42.61 4.85
CA GLY C 400 41.82 -43.35 4.45
C GLY C 400 41.79 -44.76 4.99
N THR C 401 40.59 -45.32 5.11
CA THR C 401 40.46 -46.68 5.59
C THR C 401 39.67 -47.49 4.58
N ALA C 402 39.69 -48.80 4.75
CA ALA C 402 38.83 -49.69 3.98
C ALA C 402 37.36 -49.22 3.98
N ALA C 403 36.95 -48.56 5.08
CA ALA C 403 35.58 -48.07 5.26
C ALA C 403 35.21 -46.81 4.47
N GLU C 404 36.20 -46.03 4.06
CA GLU C 404 35.93 -44.73 3.42
C GLU C 404 35.12 -44.88 2.14
N GLY C 405 33.99 -44.17 2.09
CA GLY C 405 33.15 -44.16 0.92
C GLY C 405 32.26 -45.38 0.85
N VAL C 406 32.36 -46.26 1.85
CA VAL C 406 31.71 -47.58 1.82
C VAL C 406 30.67 -47.78 2.93
N VAL C 407 31.12 -47.72 4.16
CA VAL C 407 30.25 -47.98 5.29
C VAL C 407 29.13 -46.91 5.28
N GLU C 408 27.89 -47.38 5.34
CA GLU C 408 26.72 -46.52 5.50
C GLU C 408 26.15 -46.79 6.90
N ALA C 409 26.12 -45.77 7.78
CA ALA C 409 25.64 -45.97 9.16
C ALA C 409 25.18 -44.73 9.92
N LYS C 410 24.30 -44.96 10.90
CA LYS C 410 23.77 -43.94 11.77
C LYS C 410 24.59 -43.90 13.06
N THR C 411 24.85 -42.68 13.55
CA THR C 411 25.67 -42.45 14.73
C THR C 411 24.79 -42.14 15.92
N GLY C 412 25.39 -41.69 17.02
CA GLY C 412 24.62 -41.50 18.23
C GLY C 412 25.45 -41.47 19.48
N THR C 413 25.44 -40.32 20.16
CA THR C 413 26.25 -40.13 21.35
C THR C 413 25.62 -39.22 22.38
N MET C 414 25.53 -39.73 23.60
CA MET C 414 25.36 -38.90 24.78
C MET C 414 26.08 -39.56 25.94
N SER C 415 26.10 -38.92 27.10
CA SER C 415 26.94 -39.44 28.17
C SER C 415 26.54 -40.88 28.43
N GLY C 416 27.51 -41.77 28.31
CA GLY C 416 27.35 -43.16 28.68
C GLY C 416 26.77 -44.01 27.58
N VAL C 417 26.49 -43.37 26.43
CA VAL C 417 25.81 -44.05 25.35
C VAL C 417 26.39 -43.67 24.03
N SER C 418 26.66 -44.66 23.19
CA SER C 418 27.21 -44.42 21.88
C SER C 418 26.90 -45.59 21.00
N ALA C 419 26.64 -45.32 19.73
CA ALA C 419 26.10 -46.31 18.86
C ALA C 419 26.44 -46.05 17.40
N LEU C 420 26.77 -47.13 16.70
CA LEU C 420 26.96 -47.11 15.26
C LEU C 420 26.25 -48.31 14.66
N SER C 421 25.38 -48.06 13.69
CA SER C 421 24.70 -49.17 13.01
C SER C 421 24.41 -48.88 11.56
N GLY C 422 24.51 -49.92 10.72
CA GLY C 422 24.22 -49.84 9.29
C GLY C 422 24.77 -50.98 8.46
N TYR C 423 25.24 -50.65 7.26
CA TYR C 423 25.60 -51.65 6.26
C TYR C 423 27.01 -51.50 5.81
N VAL C 424 27.57 -52.61 5.36
CA VAL C 424 28.86 -52.61 4.73
C VAL C 424 28.65 -53.26 3.39
N PRO C 425 28.36 -52.43 2.35
CA PRO C 425 28.26 -52.96 1.01
C PRO C 425 29.58 -53.50 0.54
N GLY C 426 29.53 -54.54 -0.28
CA GLY C 426 30.72 -55.07 -0.90
C GLY C 426 30.35 -56.12 -1.94
N PRO C 427 31.32 -56.45 -2.81
CA PRO C 427 31.12 -57.50 -3.82
C PRO C 427 30.54 -58.77 -3.18
N GLU C 428 31.15 -59.17 -2.05
CA GLU C 428 30.95 -60.50 -1.41
C GLU C 428 29.51 -60.75 -0.89
N GLY C 429 28.75 -59.68 -0.70
CA GLY C 429 27.40 -59.75 -0.15
C GLY C 429 27.26 -58.79 1.03
N GLU C 430 26.24 -57.95 0.98
CA GLU C 430 26.06 -56.86 1.94
C GLU C 430 25.99 -57.30 3.43
N LEU C 431 26.79 -56.64 4.28
CA LEU C 431 26.75 -56.87 5.72
C LEU C 431 25.88 -55.84 6.43
N ALA C 432 25.23 -56.27 7.51
CA ALA C 432 24.47 -55.37 8.36
C ALA C 432 25.02 -55.45 9.77
N PHE C 433 25.35 -54.31 10.37
CA PHE C 433 25.90 -54.36 11.71
C PHE C 433 25.22 -53.39 12.67
N SER C 434 25.28 -53.71 13.95
CA SER C 434 24.81 -52.83 15.00
C SER C 434 25.79 -52.91 16.14
N ILE C 435 26.32 -51.75 16.54
CA ILE C 435 27.21 -51.64 17.70
C ILE C 435 26.63 -50.61 18.67
N VAL C 436 26.26 -51.06 19.86
CA VAL C 436 25.61 -50.17 20.83
C VAL C 436 26.39 -50.24 22.14
N ASN C 437 26.99 -49.12 22.57
CA ASN C 437 27.82 -49.07 23.76
C ASN C 437 27.10 -48.31 24.90
N ASN C 438 27.01 -48.91 26.08
CA ASN C 438 26.43 -48.25 27.25
C ASN C 438 27.37 -48.34 28.47
N GLY C 439 27.27 -47.34 29.36
CA GLY C 439 27.95 -47.39 30.65
C GLY C 439 29.46 -47.27 30.66
N HIS C 440 30.07 -46.97 29.52
CA HIS C 440 31.49 -46.61 29.48
C HIS C 440 31.65 -45.32 30.25
N SER C 441 32.84 -45.03 30.77
CA SER C 441 32.98 -43.87 31.70
C SER C 441 33.51 -42.59 31.09
N GLY C 442 34.08 -42.69 29.89
CA GLY C 442 34.71 -41.55 29.25
C GLY C 442 34.00 -41.05 28.01
N PRO C 443 34.75 -40.36 27.13
CA PRO C 443 34.26 -39.96 25.83
C PRO C 443 33.76 -41.18 25.09
N ALA C 444 32.83 -40.94 24.17
CA ALA C 444 32.30 -41.98 23.31
C ALA C 444 33.44 -42.78 22.69
N PRO C 445 33.29 -44.12 22.66
CA PRO C 445 34.19 -45.05 22.01
C PRO C 445 34.09 -44.99 20.49
N LEU C 446 34.13 -43.77 19.92
CA LEU C 446 33.98 -43.56 18.49
C LEU C 446 35.00 -44.40 17.75
N ALA C 447 36.23 -44.38 18.27
CA ALA C 447 37.36 -45.00 17.60
C ALA C 447 37.29 -46.56 17.58
N VAL C 448 36.73 -47.13 18.63
CA VAL C 448 36.40 -48.55 18.71
C VAL C 448 35.37 -48.89 17.65
N GLN C 449 34.33 -48.07 17.53
CA GLN C 449 33.29 -48.27 16.54
C GLN C 449 33.89 -48.25 15.16
N ASP C 450 34.72 -47.24 14.90
CA ASP C 450 35.46 -47.15 13.65
C ASP C 450 36.19 -48.47 13.40
N ALA C 451 36.92 -48.97 14.40
CA ALA C 451 37.84 -50.08 14.17
C ALA C 451 37.12 -51.32 13.64
N ILE C 452 36.00 -51.64 14.30
CA ILE C 452 35.08 -52.71 13.89
C ILE C 452 34.54 -52.45 12.48
N ALA C 453 34.02 -51.24 12.26
CA ALA C 453 33.46 -50.90 10.96
C ALA C 453 34.51 -50.99 9.86
N VAL C 454 35.78 -50.80 10.23
CA VAL C 454 36.88 -50.85 9.28
C VAL C 454 37.22 -52.30 9.04
N ARG C 455 37.21 -53.09 10.12
CA ARG C 455 37.39 -54.52 10.06
C ARG C 455 36.37 -55.19 9.11
N LEU C 456 35.08 -55.00 9.34
CA LEU C 456 34.07 -55.53 8.42
C LEU C 456 34.30 -55.18 6.93
N ALA C 457 34.61 -53.91 6.67
CA ALA C 457 34.92 -53.43 5.31
C ALA C 457 36.01 -54.25 4.65
N GLU C 458 37.04 -54.59 5.44
CA GLU C 458 38.09 -55.50 4.99
C GLU C 458 37.53 -56.90 4.68
N TYR C 459 36.69 -57.39 5.59
CA TYR C 459 36.03 -58.66 5.38
C TYR C 459 35.30 -58.62 4.04
N ALA C 460 34.46 -57.60 3.86
CA ALA C 460 33.71 -57.39 2.61
C ALA C 460 34.61 -57.21 1.36
N GLY C 461 35.92 -57.14 1.57
CA GLY C 461 36.89 -57.05 0.49
C GLY C 461 37.17 -55.66 -0.06
N HIS C 462 37.19 -54.65 0.81
CA HIS C 462 37.66 -53.34 0.41
C HIS C 462 39.06 -53.07 0.95
N GLN C 463 39.77 -52.16 0.29
CA GLN C 463 41.01 -51.61 0.84
C GLN C 463 40.97 -50.07 0.93
N ALA C 464 41.83 -49.49 1.77
CA ALA C 464 41.91 -48.03 1.88
C ALA C 464 42.20 -47.36 0.53
N PRO C 465 41.43 -46.31 0.17
CA PRO C 465 41.66 -45.53 -1.08
C PRO C 465 43.07 -44.94 -1.13
N GLU C 466 43.66 -44.71 -2.20
N ARG D 1 29.10 12.32 -11.62
CA ARG D 1 29.74 11.35 -12.58
C ARG D 1 28.70 10.55 -13.38
N LEU D 2 27.42 10.82 -13.11
CA LEU D 2 26.28 10.23 -13.86
C LEU D 2 26.46 10.40 -15.38
N THR D 3 26.97 11.57 -15.77
CA THR D 3 26.99 12.03 -17.16
C THR D 3 28.40 11.92 -17.75
N GLU D 4 29.39 11.93 -16.86
CA GLU D 4 30.78 11.62 -17.21
C GLU D 4 30.86 10.18 -17.73
N LEU D 5 30.33 9.26 -16.92
CA LEU D 5 30.20 7.85 -17.29
C LEU D 5 29.69 7.67 -18.71
N ARG D 6 28.66 8.44 -19.07
CA ARG D 6 28.06 8.36 -20.40
C ARG D 6 29.07 8.60 -21.50
N GLU D 7 29.82 9.69 -21.40
CA GLU D 7 30.73 10.06 -22.48
C GLU D 7 31.95 9.14 -22.51
N ASP D 8 32.34 8.68 -21.31
CA ASP D 8 33.40 7.69 -21.15
C ASP D 8 33.09 6.47 -21.99
N ILE D 9 31.88 5.94 -21.83
CA ILE D 9 31.37 4.86 -22.67
C ILE D 9 31.19 5.32 -24.12
N ASP D 10 30.52 6.47 -24.31
CA ASP D 10 30.36 7.07 -25.65
C ASP D 10 31.69 6.98 -26.39
N ALA D 11 32.77 7.45 -25.74
CA ALA D 11 34.13 7.40 -26.29
C ALA D 11 34.60 5.97 -26.58
N ILE D 12 34.43 5.05 -25.62
CA ILE D 12 34.89 3.67 -25.76
C ILE D 12 34.45 3.09 -27.10
N LEU D 13 33.20 3.32 -27.48
CA LEU D 13 32.66 2.69 -28.67
C LEU D 13 33.02 3.39 -29.97
N GLU D 14 33.81 4.46 -29.87
CA GLU D 14 34.34 5.15 -31.06
C GLU D 14 35.44 4.35 -31.73
N ASP D 15 35.80 3.25 -31.08
CA ASP D 15 36.96 2.44 -31.41
C ASP D 15 37.00 1.93 -32.85
N PRO D 16 38.17 2.07 -33.51
CA PRO D 16 38.50 1.39 -34.75
C PRO D 16 37.97 -0.04 -34.83
N ALA D 17 38.16 -0.85 -33.79
CA ALA D 17 37.74 -2.26 -33.80
C ALA D 17 36.24 -2.49 -34.12
N LEU D 18 35.39 -1.52 -33.72
CA LEU D 18 33.95 -1.59 -33.96
C LEU D 18 33.53 -1.04 -35.33
N GLU D 19 34.49 -0.95 -36.26
CA GLU D 19 34.23 -0.53 -37.64
C GLU D 19 33.22 -1.40 -38.35
N GLY D 20 32.12 -0.77 -38.79
CA GLY D 20 31.07 -1.45 -39.51
C GLY D 20 30.24 -2.34 -38.60
N ALA D 21 30.51 -2.27 -37.31
CA ALA D 21 29.82 -3.08 -36.33
C ALA D 21 28.65 -2.35 -35.67
N VAL D 22 27.64 -3.14 -35.29
CA VAL D 22 26.47 -2.71 -34.53
C VAL D 22 26.68 -3.14 -33.08
N SER D 23 26.22 -2.35 -32.12
CA SER D 23 26.52 -2.69 -30.72
C SER D 23 25.41 -2.42 -29.72
N GLY D 24 24.77 -3.49 -29.27
CA GLY D 24 23.79 -3.37 -28.22
C GLY D 24 24.51 -3.18 -26.90
N VAL D 25 24.32 -2.02 -26.28
CA VAL D 25 24.77 -1.77 -24.90
C VAL D 25 23.68 -1.17 -23.99
N VAL D 26 23.44 -1.82 -22.85
CA VAL D 26 22.46 -1.37 -21.89
C VAL D 26 23.06 -1.59 -20.49
N VAL D 27 22.92 -0.57 -19.63
CA VAL D 27 23.25 -0.67 -18.19
C VAL D 27 22.08 -0.14 -17.39
N VAL D 28 21.84 -0.71 -16.21
CA VAL D 28 20.66 -0.42 -15.39
C VAL D 28 20.95 -0.56 -13.90
N ASP D 29 20.34 0.29 -13.09
CA ASP D 29 20.47 0.15 -11.64
C ASP D 29 19.43 -0.84 -11.13
N THR D 30 19.91 -1.85 -10.39
CA THR D 30 19.06 -2.91 -9.86
C THR D 30 18.39 -2.49 -8.55
N ALA D 31 18.97 -1.50 -7.88
CA ALA D 31 18.29 -0.84 -6.76
C ALA D 31 17.14 0.03 -7.32
N THR D 32 17.48 1.15 -7.95
CA THR D 32 16.44 2.10 -8.43
C THR D 32 15.63 1.52 -9.59
N GLY D 33 16.31 1.09 -10.65
CA GLY D 33 15.65 0.62 -11.87
C GLY D 33 15.92 1.54 -13.04
N GLU D 34 16.82 2.49 -12.87
CA GLU D 34 17.12 3.45 -13.93
C GLU D 34 17.99 2.85 -15.05
N GLU D 35 17.65 3.22 -16.29
CA GLU D 35 18.54 3.02 -17.44
C GLU D 35 19.72 3.96 -17.32
N LEU D 36 20.87 3.44 -16.91
CA LEU D 36 22.08 4.28 -16.78
C LEU D 36 22.76 4.56 -18.12
N TYR D 37 22.76 3.58 -19.01
CA TYR D 37 23.27 3.75 -20.36
C TYR D 37 22.49 2.91 -21.37
N SER D 38 22.15 3.53 -22.50
CA SER D 38 21.45 2.82 -23.58
C SER D 38 21.84 3.23 -25.00
N ARG D 39 22.22 2.25 -25.79
CA ARG D 39 22.34 2.42 -27.22
C ARG D 39 22.05 1.10 -27.91
N ASP D 40 21.08 1.16 -28.82
CA ASP D 40 20.66 0.01 -29.62
C ASP D 40 20.33 -1.23 -28.79
N GLY D 41 19.65 -1.00 -27.68
CA GLY D 41 19.17 -2.07 -26.82
C GLY D 41 18.04 -2.84 -27.45
N GLY D 42 17.52 -2.29 -28.56
CA GLY D 42 16.40 -2.86 -29.29
C GLY D 42 16.79 -3.44 -30.64
N GLU D 43 18.11 -3.62 -30.83
CA GLU D 43 18.65 -4.25 -32.04
C GLU D 43 18.68 -5.78 -31.85
N GLN D 44 18.25 -6.53 -32.86
CA GLN D 44 18.37 -8.00 -32.84
C GLN D 44 19.76 -8.46 -33.28
N LEU D 45 20.54 -8.92 -32.31
CA LEU D 45 21.91 -9.37 -32.56
C LEU D 45 22.11 -10.86 -32.22
N LEU D 46 23.11 -11.50 -32.82
CA LEU D 46 23.46 -12.86 -32.41
C LEU D 46 24.10 -12.84 -31.03
N PRO D 47 23.57 -13.65 -30.08
CA PRO D 47 24.07 -13.64 -28.70
C PRO D 47 25.32 -14.52 -28.41
N ALA D 48 25.75 -15.34 -29.37
CA ALA D 48 26.67 -16.46 -29.07
C ALA D 48 26.34 -17.07 -27.72
N SER D 49 27.34 -17.37 -26.88
CA SER D 49 27.12 -18.04 -25.58
C SER D 49 26.28 -17.27 -24.56
N ASN D 50 25.91 -16.03 -24.84
CA ASN D 50 25.05 -15.31 -23.91
C ASN D 50 23.63 -15.90 -23.97
N MET D 51 23.35 -16.66 -25.02
CA MET D 51 22.12 -17.43 -25.09
C MET D 51 21.97 -18.40 -23.89
N LYS D 52 23.10 -18.84 -23.34
CA LYS D 52 23.07 -19.67 -22.14
C LYS D 52 22.51 -18.94 -20.94
N LEU D 53 22.45 -17.61 -21.02
CA LEU D 53 21.89 -16.82 -19.95
C LEU D 53 20.41 -17.14 -19.81
N PHE D 54 19.75 -17.20 -20.96
CA PHE D 54 18.35 -17.57 -21.07
C PHE D 54 18.08 -19.01 -20.68
N THR D 55 18.86 -19.93 -21.26
CA THR D 55 18.74 -21.33 -20.97
C THR D 55 18.86 -21.60 -19.50
N ALA D 56 19.87 -20.97 -18.88
CA ALA D 56 20.15 -21.17 -17.45
C ALA D 56 19.00 -20.71 -16.61
N ALA D 57 18.47 -19.55 -16.94
CA ALA D 57 17.29 -19.07 -16.24
C ALA D 57 16.10 -20.05 -16.45
N ALA D 58 15.77 -20.36 -17.70
CA ALA D 58 14.63 -21.23 -17.94
C ALA D 58 14.85 -22.51 -17.15
N ALA D 59 16.05 -23.09 -17.26
CA ALA D 59 16.35 -24.35 -16.58
C ALA D 59 16.21 -24.19 -15.07
N LEU D 60 16.44 -22.99 -14.54
CA LEU D 60 16.24 -22.77 -13.09
C LEU D 60 14.76 -22.83 -12.71
N GLU D 61 13.98 -21.89 -13.27
CA GLU D 61 12.51 -21.90 -13.24
C GLU D 61 11.90 -23.29 -13.39
N VAL D 62 12.24 -23.96 -14.48
CA VAL D 62 11.54 -25.17 -14.90
C VAL D 62 12.04 -26.41 -14.17
N LEU D 63 13.33 -26.43 -13.86
CA LEU D 63 13.84 -27.64 -13.22
C LEU D 63 13.96 -27.49 -11.71
N GLY D 64 14.35 -26.31 -11.26
CA GLY D 64 14.61 -26.06 -9.85
C GLY D 64 16.09 -26.18 -9.52
N ALA D 65 16.53 -25.36 -8.55
CA ALA D 65 17.91 -25.36 -8.10
C ALA D 65 18.37 -26.73 -7.59
N ASP D 66 17.46 -27.57 -7.13
CA ASP D 66 17.86 -28.85 -6.58
C ASP D 66 17.54 -30.02 -7.48
N HIS D 67 17.36 -29.73 -8.75
CA HIS D 67 17.09 -30.80 -9.68
C HIS D 67 18.34 -31.69 -9.87
N SER D 68 18.15 -32.99 -9.92
CA SER D 68 19.24 -33.94 -10.04
C SER D 68 18.94 -34.88 -11.20
N PHE D 69 19.96 -35.41 -11.86
CA PHE D 69 19.70 -36.25 -13.02
C PHE D 69 20.14 -37.67 -12.75
N GLY D 70 19.30 -38.63 -13.09
CA GLY D 70 19.57 -40.00 -12.77
C GLY D 70 20.01 -40.84 -13.95
N THR D 71 20.73 -41.91 -13.65
CA THR D 71 21.17 -42.91 -14.62
C THR D 71 20.97 -44.26 -13.97
N GLU D 72 20.45 -45.24 -14.72
CA GLU D 72 20.10 -46.53 -14.15
C GLU D 72 20.65 -47.67 -14.97
N VAL D 73 20.62 -48.86 -14.38
CA VAL D 73 20.90 -50.10 -15.07
C VAL D 73 19.78 -51.09 -14.71
N ALA D 74 19.25 -51.79 -15.71
CA ALA D 74 18.05 -52.61 -15.53
C ALA D 74 18.08 -53.95 -16.25
N ALA D 75 17.52 -54.99 -15.62
CA ALA D 75 17.30 -56.29 -16.31
C ALA D 75 15.84 -56.70 -16.27
N GLU D 76 15.46 -57.67 -17.11
CA GLU D 76 14.06 -58.11 -17.27
C GLU D 76 13.35 -58.43 -15.95
N SER D 77 14.05 -59.21 -15.12
CA SER D 77 13.69 -59.38 -13.72
C SER D 77 14.95 -59.69 -12.89
N ALA D 78 14.76 -59.91 -11.59
CA ALA D 78 15.84 -60.22 -10.64
C ALA D 78 16.90 -61.18 -11.20
N PRO D 79 18.17 -61.03 -10.77
CA PRO D 79 19.14 -62.03 -11.21
C PRO D 79 18.84 -63.42 -10.59
N GLY D 80 19.20 -64.50 -11.29
CA GLY D 80 19.01 -65.86 -10.79
C GLY D 80 20.09 -66.23 -9.79
N ARG D 81 19.95 -67.40 -9.15
CA ARG D 81 20.97 -67.94 -8.22
C ARG D 81 22.26 -68.38 -8.94
N ARG D 82 22.11 -68.90 -10.16
CA ARG D 82 23.23 -69.19 -11.05
C ARG D 82 23.92 -67.87 -11.52
N GLY D 83 23.36 -66.73 -11.11
CA GLY D 83 23.99 -65.42 -11.31
C GLY D 83 23.89 -64.85 -12.71
N GLU D 84 22.78 -65.15 -13.39
CA GLU D 84 22.62 -64.84 -14.82
C GLU D 84 21.54 -63.81 -15.09
N VAL D 85 21.83 -62.93 -16.04
CA VAL D 85 20.80 -62.16 -16.73
C VAL D 85 20.96 -62.39 -18.25
N GLN D 86 19.94 -61.99 -19.01
CA GLN D 86 20.01 -62.12 -20.46
C GLN D 86 20.57 -60.82 -21.03
N ASP D 87 19.68 -59.90 -21.38
CA ASP D 87 20.05 -58.59 -21.89
C ASP D 87 20.18 -57.58 -20.73
N LEU D 88 20.95 -56.53 -20.95
CA LEU D 88 21.20 -55.52 -19.92
C LEU D 88 21.16 -54.12 -20.53
N TYR D 89 20.68 -53.16 -19.75
CA TYR D 89 20.40 -51.81 -20.25
C TYR D 89 21.01 -50.71 -19.39
N LEU D 90 21.88 -49.92 -20.01
CA LEU D 90 22.37 -48.72 -19.37
C LEU D 90 21.47 -47.59 -19.81
N VAL D 91 20.66 -47.09 -18.89
CA VAL D 91 19.66 -46.05 -19.20
C VAL D 91 20.06 -44.70 -18.60
N GLY D 92 20.43 -43.76 -19.47
CA GLY D 92 20.75 -42.41 -19.01
C GLY D 92 19.55 -41.51 -19.12
N ARG D 93 19.42 -40.57 -18.18
CA ARG D 93 18.35 -39.56 -18.24
C ARG D 93 18.80 -38.10 -18.19
N GLY D 94 19.80 -37.76 -19.01
CA GLY D 94 20.18 -36.36 -19.21
C GLY D 94 21.17 -35.85 -18.19
N ASP D 95 21.88 -36.76 -17.54
CA ASP D 95 22.94 -36.36 -16.62
C ASP D 95 24.11 -35.79 -17.45
N PRO D 96 24.38 -34.49 -17.31
CA PRO D 96 25.44 -33.90 -18.12
C PRO D 96 26.82 -33.98 -17.47
N THR D 97 26.93 -34.77 -16.40
CA THR D 97 28.13 -34.85 -15.59
C THR D 97 28.46 -36.29 -15.21
N LEU D 98 27.95 -37.22 -16.00
CA LEU D 98 28.28 -38.62 -15.81
C LEU D 98 29.76 -38.88 -16.10
N SER D 99 30.54 -39.22 -15.08
CA SER D 99 31.98 -39.56 -15.27
C SER D 99 32.16 -41.05 -15.51
N ALA D 100 33.31 -41.45 -16.03
CA ALA D 100 33.66 -42.86 -16.14
C ALA D 100 33.79 -43.49 -14.74
N GLU D 101 34.24 -42.71 -13.77
CA GLU D 101 34.22 -43.20 -12.39
C GLU D 101 32.77 -43.52 -12.03
N ASP D 102 31.86 -42.56 -12.24
CA ASP D 102 30.44 -42.80 -12.00
C ASP D 102 29.97 -44.09 -12.62
N LEU D 103 30.53 -44.44 -13.78
CA LEU D 103 30.16 -45.66 -14.49
C LEU D 103 30.64 -46.88 -13.74
N ASP D 104 31.87 -46.81 -13.25
CA ASP D 104 32.51 -47.92 -12.52
C ASP D 104 31.73 -48.19 -11.23
N ALA D 105 31.46 -47.11 -10.47
CA ALA D 105 30.72 -47.17 -9.21
C ALA D 105 29.35 -47.82 -9.39
N MET D 106 28.77 -47.67 -10.59
CA MET D 106 27.52 -48.36 -10.97
C MET D 106 27.75 -49.82 -11.35
N ALA D 107 28.88 -50.10 -11.99
CA ALA D 107 29.23 -51.48 -12.31
C ALA D 107 29.55 -52.28 -11.05
N ALA D 108 30.07 -51.60 -10.02
CA ALA D 108 30.28 -52.24 -8.72
C ALA D 108 28.95 -52.82 -8.24
N GLU D 109 27.90 -51.99 -8.35
CA GLU D 109 26.57 -52.35 -7.87
C GLU D 109 26.00 -53.55 -8.61
N VAL D 110 26.27 -53.62 -9.91
CA VAL D 110 25.76 -54.68 -10.79
C VAL D 110 26.24 -56.09 -10.41
N ALA D 111 27.52 -56.22 -10.09
CA ALA D 111 28.04 -57.46 -9.52
C ALA D 111 27.46 -57.66 -8.10
N ALA D 112 27.49 -56.60 -7.29
CA ALA D 112 26.98 -56.63 -5.90
C ALA D 112 25.52 -57.09 -5.76
N SER D 113 24.72 -56.89 -6.79
CA SER D 113 23.31 -57.32 -6.78
C SER D 113 23.12 -58.76 -7.29
N GLY D 114 24.21 -59.43 -7.67
CA GLY D 114 24.18 -60.86 -7.93
C GLY D 114 24.59 -61.37 -9.29
N VAL D 115 24.62 -60.47 -10.27
CA VAL D 115 25.05 -60.78 -11.62
C VAL D 115 26.56 -61.05 -11.64
N ARG D 116 26.97 -62.05 -12.40
CA ARG D 116 28.38 -62.24 -12.70
C ARG D 116 28.55 -62.50 -14.18
N THR D 117 27.43 -62.77 -14.84
CA THR D 117 27.41 -63.04 -16.27
C THR D 117 26.22 -62.37 -16.95
N VAL D 118 26.46 -61.81 -18.13
CA VAL D 118 25.39 -61.24 -18.96
C VAL D 118 25.46 -62.02 -20.27
N ARG D 119 24.37 -62.74 -20.59
CA ARG D 119 24.39 -63.74 -21.66
C ARG D 119 24.00 -63.17 -23.02
N GLY D 120 22.94 -62.38 -23.03
CA GLY D 120 22.61 -61.59 -24.22
C GLY D 120 23.36 -60.27 -24.22
N ASP D 121 22.96 -59.40 -25.14
CA ASP D 121 23.64 -58.14 -25.41
C ASP D 121 23.51 -57.09 -24.29
N LEU D 122 24.38 -56.07 -24.30
CA LEU D 122 24.25 -54.90 -23.42
C LEU D 122 23.86 -53.69 -24.26
N TYR D 123 22.90 -52.91 -23.75
CA TYR D 123 22.32 -51.79 -24.48
C TYR D 123 22.54 -50.46 -23.81
N ALA D 124 22.88 -49.44 -24.60
CA ALA D 124 22.94 -48.07 -24.16
C ALA D 124 21.65 -47.38 -24.58
N ASP D 125 20.87 -46.98 -23.58
CA ASP D 125 19.56 -46.39 -23.77
C ASP D 125 19.65 -44.88 -23.57
N ASP D 126 19.55 -44.13 -24.66
CA ASP D 126 19.45 -42.67 -24.52
C ASP D 126 18.12 -42.14 -24.97
N THR D 127 17.09 -42.98 -24.97
CA THR D 127 15.79 -42.66 -25.56
C THR D 127 15.03 -41.60 -24.80
N TRP D 128 15.50 -41.27 -23.61
CA TRP D 128 14.92 -40.21 -22.81
C TRP D 128 14.95 -38.87 -23.60
N PHE D 129 15.98 -38.69 -24.42
CA PHE D 129 16.01 -37.57 -25.36
C PHE D 129 15.80 -38.19 -26.73
N ASP D 130 15.40 -37.36 -27.69
CA ASP D 130 15.29 -37.81 -29.05
C ASP D 130 16.72 -38.03 -29.54
N SER D 131 16.90 -38.48 -30.78
CA SER D 131 18.23 -38.77 -31.26
C SER D 131 18.68 -37.78 -32.30
N GLU D 132 18.12 -36.58 -32.27
CA GLU D 132 18.64 -35.49 -33.08
C GLU D 132 19.89 -34.91 -32.39
N ARG D 133 21.05 -35.30 -32.91
CA ARG D 133 22.32 -35.02 -32.28
C ARG D 133 22.82 -33.59 -32.42
N LEU D 134 22.39 -32.88 -33.47
CA LEU D 134 22.90 -31.55 -33.81
C LEU D 134 21.78 -30.65 -34.29
N VAL D 135 21.91 -29.35 -34.05
CA VAL D 135 21.01 -28.40 -34.65
C VAL D 135 21.35 -28.30 -36.13
N ASP D 136 20.32 -28.30 -36.97
CA ASP D 136 20.48 -28.25 -38.43
C ASP D 136 21.45 -27.22 -38.96
N ASP D 137 21.40 -26.00 -38.42
CA ASP D 137 22.19 -24.89 -38.95
C ASP D 137 23.59 -24.76 -38.36
N TRP D 138 23.90 -25.56 -37.34
CA TRP D 138 25.28 -25.79 -36.92
C TRP D 138 26.12 -26.25 -38.12
N TRP D 139 27.39 -25.86 -38.12
CA TRP D 139 28.30 -26.14 -39.26
C TRP D 139 29.07 -27.46 -39.14
N PRO D 140 28.93 -28.35 -40.14
CA PRO D 140 29.70 -29.61 -40.15
C PRO D 140 31.17 -29.42 -39.87
N GLU D 141 31.74 -28.30 -40.30
CA GLU D 141 33.18 -28.11 -40.10
C GLU D 141 33.54 -28.01 -38.61
N ASP D 142 32.54 -27.75 -37.77
CA ASP D 142 32.77 -27.60 -36.34
C ASP D 142 32.61 -28.87 -35.54
N GLU D 143 32.23 -29.96 -36.19
CA GLU D 143 31.80 -31.15 -35.47
C GLU D 143 32.88 -31.93 -34.74
N PRO D 144 34.15 -31.85 -35.21
CA PRO D 144 35.16 -32.57 -34.44
C PRO D 144 35.49 -31.92 -33.10
N TYR D 145 35.15 -30.65 -32.91
CA TYR D 145 35.60 -29.92 -31.70
C TYR D 145 34.57 -30.00 -30.58
N ALA D 146 35.05 -29.87 -29.34
CA ALA D 146 34.30 -30.26 -28.16
C ALA D 146 33.00 -29.51 -28.03
N TYR D 147 32.98 -28.25 -28.45
CA TYR D 147 31.78 -27.43 -28.23
C TYR D 147 30.61 -27.84 -29.14
N SER D 148 30.91 -28.60 -30.20
CA SER D 148 29.93 -29.04 -31.19
C SER D 148 29.63 -30.53 -31.02
N ALA D 149 29.93 -31.04 -29.83
CA ALA D 149 29.67 -32.43 -29.44
C ALA D 149 28.20 -32.78 -29.63
N GLN D 150 27.97 -34.06 -29.92
CA GLN D 150 26.66 -34.57 -30.23
C GLN D 150 25.83 -34.65 -28.98
N ILE D 151 24.52 -34.47 -29.11
CA ILE D 151 23.64 -34.40 -27.94
C ILE D 151 22.84 -35.69 -27.70
N SER D 152 23.11 -36.33 -26.56
CA SER D 152 22.41 -37.50 -26.12
C SER D 152 21.97 -37.38 -24.65
N ALA D 153 20.94 -38.15 -24.27
CA ALA D 153 20.56 -38.25 -22.88
C ALA D 153 21.53 -39.16 -22.09
N LEU D 154 22.24 -40.05 -22.79
CA LEU D 154 23.33 -40.84 -22.25
C LEU D 154 24.67 -40.36 -22.80
N THR D 155 25.34 -39.55 -22.00
CA THR D 155 26.65 -39.03 -22.37
C THR D 155 27.69 -39.01 -21.22
N VAL D 156 28.89 -39.47 -21.56
CA VAL D 156 30.01 -39.47 -20.63
C VAL D 156 30.68 -38.10 -20.62
N ALA D 157 30.71 -37.48 -19.46
CA ALA D 157 31.34 -36.18 -19.28
C ALA D 157 32.82 -36.35 -18.88
N HIS D 158 33.71 -35.62 -19.57
CA HIS D 158 35.15 -35.74 -19.32
C HIS D 158 35.68 -34.64 -18.40
N GLY D 159 36.57 -35.06 -17.49
CA GLY D 159 37.22 -34.17 -16.54
C GLY D 159 36.30 -33.51 -15.52
N GLU D 160 36.90 -32.66 -14.68
CA GLU D 160 36.15 -31.90 -13.67
C GLU D 160 35.28 -30.86 -14.36
N ARG D 161 35.65 -30.47 -15.59
CA ARG D 161 34.84 -29.50 -16.39
C ARG D 161 33.61 -30.13 -17.05
N PHE D 162 33.57 -31.45 -17.09
CA PHE D 162 32.35 -32.17 -17.48
C PHE D 162 32.02 -31.96 -18.96
N ASP D 163 33.07 -31.95 -19.77
CA ASP D 163 32.94 -31.90 -21.22
C ASP D 163 32.38 -33.21 -21.76
N THR D 164 31.16 -33.14 -22.31
CA THR D 164 30.46 -34.35 -22.75
C THR D 164 30.73 -34.78 -24.19
N GLY D 165 30.57 -36.08 -24.41
CA GLY D 165 30.54 -36.63 -25.74
C GLY D 165 31.87 -36.49 -26.46
N VAL D 166 32.93 -36.32 -25.70
CA VAL D 166 34.25 -36.21 -26.26
C VAL D 166 35.13 -37.29 -25.65
N THR D 167 36.28 -37.47 -26.29
CA THR D 167 37.36 -38.28 -25.75
C THR D 167 38.58 -37.40 -25.75
N GLU D 168 39.57 -37.75 -24.96
CA GLU D 168 40.82 -36.99 -25.00
C GLU D 168 41.85 -37.77 -25.79
N VAL D 169 42.40 -37.10 -26.79
CA VAL D 169 43.45 -37.63 -27.63
C VAL D 169 44.75 -37.05 -27.12
N SER D 170 45.72 -37.93 -26.91
CA SER D 170 47.06 -37.48 -26.57
C SER D 170 48.06 -37.95 -27.61
N VAL D 171 48.89 -37.02 -28.06
CA VAL D 171 49.89 -37.30 -29.07
C VAL D 171 51.27 -37.03 -28.50
N THR D 172 52.04 -38.10 -28.36
CA THR D 172 53.40 -38.07 -27.84
C THR D 172 54.39 -38.14 -29.00
N PRO D 173 55.40 -37.25 -29.03
CA PRO D 173 56.40 -37.41 -30.06
C PRO D 173 57.32 -38.59 -29.76
N ALA D 174 57.79 -39.25 -30.78
CA ALA D 174 58.78 -40.29 -30.61
C ALA D 174 60.13 -39.60 -30.84
N ALA D 175 60.94 -40.12 -31.76
CA ALA D 175 62.15 -39.40 -32.12
C ALA D 175 62.06 -38.97 -33.57
N GLU D 176 62.85 -37.95 -33.92
CA GLU D 176 62.84 -37.40 -35.27
C GLU D 176 62.68 -38.50 -36.30
N GLY D 177 61.77 -38.27 -37.24
CA GLY D 177 61.58 -39.14 -38.40
C GLY D 177 60.73 -40.37 -38.15
N GLU D 178 60.51 -40.70 -36.88
CA GLU D 178 59.60 -41.78 -36.51
C GLU D 178 58.18 -41.24 -36.40
N PRO D 179 57.17 -42.15 -36.43
CA PRO D 179 55.78 -41.78 -36.24
C PRO D 179 55.42 -41.43 -34.80
N ALA D 180 54.56 -40.43 -34.60
CA ALA D 180 54.10 -40.09 -33.27
C ALA D 180 53.15 -41.17 -32.77
N ASP D 181 53.16 -41.38 -31.45
CA ASP D 181 52.21 -42.25 -30.83
C ASP D 181 50.94 -41.46 -30.52
N VAL D 182 49.79 -42.07 -30.75
CA VAL D 182 48.52 -41.43 -30.50
C VAL D 182 47.65 -42.31 -29.60
N ASP D 183 47.40 -41.85 -28.38
CA ASP D 183 46.34 -42.44 -27.53
C ASP D 183 45.01 -41.72 -27.77
N LEU D 184 43.96 -42.52 -27.90
CA LEU D 184 42.60 -42.02 -28.07
C LEU D 184 41.81 -41.77 -26.79
N GLY D 185 42.38 -42.10 -25.64
CA GLY D 185 41.70 -41.95 -24.33
C GLY D 185 40.51 -42.88 -24.19
N ALA D 186 39.42 -42.38 -23.62
CA ALA D 186 38.19 -43.16 -23.43
C ALA D 186 37.73 -43.90 -24.70
N ALA D 187 37.87 -43.26 -25.84
CA ALA D 187 37.37 -43.82 -27.08
C ALA D 187 38.24 -44.96 -27.64
N GLU D 188 39.28 -45.33 -26.89
CA GLU D 188 40.20 -46.40 -27.31
C GLU D 188 39.38 -47.68 -27.48
N GLY D 189 39.49 -48.30 -28.66
CA GLY D 189 38.65 -49.44 -29.03
C GLY D 189 37.15 -49.14 -29.21
N TYR D 190 36.83 -47.89 -29.54
CA TYR D 190 35.47 -47.50 -29.96
C TYR D 190 35.54 -46.65 -31.23
N ALA D 191 36.41 -45.65 -31.23
CA ALA D 191 36.64 -44.82 -32.39
C ALA D 191 37.82 -45.37 -33.17
N GLU D 192 37.80 -45.24 -34.50
CA GLU D 192 38.92 -45.74 -35.31
C GLU D 192 40.03 -44.68 -35.30
N LEU D 193 41.28 -45.11 -35.39
CA LEU D 193 42.43 -44.22 -35.39
C LEU D 193 43.09 -44.27 -36.73
N ASP D 194 43.31 -43.10 -37.29
CA ASP D 194 44.06 -43.01 -38.51
C ASP D 194 45.23 -42.10 -38.27
N ASN D 195 46.30 -42.70 -37.73
CA ASN D 195 47.46 -41.96 -37.32
C ASN D 195 48.48 -41.81 -38.43
N ARG D 196 48.57 -40.60 -39.00
CA ARG D 196 49.58 -40.33 -40.02
C ARG D 196 50.67 -39.32 -39.54
N ALA D 197 50.58 -38.88 -38.28
CA ALA D 197 51.54 -37.94 -37.69
C ALA D 197 52.97 -38.50 -37.57
N VAL D 198 53.93 -37.66 -37.90
CA VAL D 198 55.34 -38.01 -37.74
C VAL D 198 55.95 -37.14 -36.68
N THR D 199 57.17 -37.49 -36.31
CA THR D 199 57.92 -36.71 -35.35
C THR D 199 58.90 -35.90 -36.14
N GLY D 200 58.86 -34.58 -35.98
CA GLY D 200 59.83 -33.72 -36.65
C GLY D 200 61.10 -33.69 -35.83
N ALA D 201 62.14 -33.07 -36.38
CA ALA D 201 63.34 -32.80 -35.61
C ALA D 201 63.07 -31.78 -34.51
N ALA D 202 63.84 -31.87 -33.43
CA ALA D 202 63.59 -30.98 -32.31
C ALA D 202 63.57 -29.58 -32.87
N GLY D 203 62.62 -28.77 -32.40
CA GLY D 203 62.54 -27.37 -32.86
C GLY D 203 62.00 -27.13 -34.26
N SER D 204 61.75 -28.21 -35.02
CA SER D 204 61.04 -28.13 -36.30
C SER D 204 59.62 -27.57 -36.08
N ALA D 205 59.04 -26.96 -37.11
CA ALA D 205 57.69 -26.42 -37.04
C ALA D 205 56.66 -27.48 -36.64
N ASN D 206 55.81 -27.12 -35.68
CA ASN D 206 54.68 -27.95 -35.27
C ASN D 206 53.56 -27.82 -36.32
N THR D 207 53.24 -28.92 -36.97
CA THR D 207 52.18 -28.91 -37.95
C THR D 207 51.12 -29.97 -37.63
N LEU D 208 51.12 -30.43 -36.38
CA LEU D 208 50.20 -31.46 -35.95
C LEU D 208 48.73 -31.02 -36.05
N VAL D 209 47.91 -31.88 -36.65
CA VAL D 209 46.45 -31.66 -36.78
C VAL D 209 45.67 -32.92 -36.36
N ILE D 210 44.68 -32.71 -35.49
CA ILE D 210 43.80 -33.80 -35.08
C ILE D 210 42.39 -33.49 -35.52
N ASP D 211 41.78 -34.45 -36.21
CA ASP D 211 40.53 -34.21 -36.90
C ASP D 211 39.64 -35.43 -36.73
N ARG D 212 38.33 -35.22 -36.86
CA ARG D 212 37.37 -36.29 -37.06
C ARG D 212 36.58 -35.98 -38.34
N PRO D 213 36.93 -36.64 -39.43
CA PRO D 213 36.28 -36.31 -40.70
C PRO D 213 34.78 -36.56 -40.63
N VAL D 214 33.99 -35.62 -41.19
CA VAL D 214 32.53 -35.59 -41.12
C VAL D 214 31.95 -36.94 -41.36
N GLY D 215 30.93 -37.27 -40.58
CA GLY D 215 30.19 -38.49 -40.82
C GLY D 215 30.99 -39.75 -40.51
N THR D 216 32.16 -39.62 -39.89
CA THR D 216 32.95 -40.82 -39.57
C THR D 216 33.19 -40.90 -38.09
N ASN D 217 33.58 -42.07 -37.60
CA ASN D 217 33.94 -42.21 -36.20
C ASN D 217 35.41 -42.46 -36.10
N THR D 218 36.15 -41.76 -36.96
CA THR D 218 37.57 -41.98 -37.09
C THR D 218 38.33 -40.74 -36.63
N ILE D 219 39.36 -40.94 -35.81
CA ILE D 219 40.22 -39.84 -35.42
C ILE D 219 41.46 -39.81 -36.35
N ALA D 220 41.44 -38.85 -37.30
CA ALA D 220 42.50 -38.72 -38.29
C ALA D 220 43.56 -37.70 -37.85
N VAL D 221 44.78 -38.18 -37.73
CA VAL D 221 45.87 -37.35 -37.26
C VAL D 221 46.89 -37.20 -38.38
N THR D 222 47.19 -35.95 -38.74
CA THR D 222 48.17 -35.67 -39.79
C THR D 222 49.19 -34.66 -39.22
N GLY D 223 50.18 -34.23 -40.02
CA GLY D 223 51.14 -33.23 -39.56
C GLY D 223 52.36 -33.78 -38.83
N SER D 224 53.17 -32.89 -38.25
CA SER D 224 54.49 -33.27 -37.72
C SER D 224 54.74 -32.66 -36.33
N LEU D 225 54.88 -33.51 -35.31
CA LEU D 225 55.11 -33.01 -33.94
C LEU D 225 56.58 -33.09 -33.62
N PRO D 226 57.20 -31.96 -33.21
CA PRO D 226 58.65 -31.90 -33.01
C PRO D 226 59.14 -32.82 -31.90
N ALA D 227 60.27 -33.47 -32.14
CA ALA D 227 60.84 -34.42 -31.18
C ALA D 227 60.87 -33.91 -29.75
N ASP D 228 60.99 -32.60 -29.56
CA ASP D 228 61.10 -32.03 -28.20
C ASP D 228 59.86 -31.34 -27.68
N ALA D 229 58.76 -31.47 -28.41
CA ALA D 229 57.52 -30.83 -28.00
C ALA D 229 56.94 -31.54 -26.78
N ALA D 230 56.40 -30.77 -25.85
CA ALA D 230 55.57 -31.32 -24.75
C ALA D 230 54.35 -32.01 -25.38
N PRO D 231 53.99 -33.21 -24.88
CA PRO D 231 52.96 -33.97 -25.62
C PRO D 231 51.66 -33.16 -25.73
N VAL D 232 50.94 -33.39 -26.83
CA VAL D 232 49.70 -32.69 -27.08
C VAL D 232 48.54 -33.49 -26.48
N THR D 233 47.60 -32.78 -25.86
CA THR D 233 46.30 -33.36 -25.59
C THR D 233 45.25 -32.48 -26.25
N ALA D 234 44.17 -33.12 -26.71
CA ALA D 234 43.08 -32.43 -27.42
C ALA D 234 41.77 -33.20 -27.33
N LEU D 235 40.76 -32.53 -26.79
CA LEU D 235 39.41 -33.08 -26.72
C LEU D 235 38.82 -33.14 -28.11
N ARG D 236 38.22 -34.27 -28.45
CA ARG D 236 37.56 -34.44 -29.74
C ARG D 236 36.26 -35.20 -29.54
N THR D 237 35.29 -34.93 -30.40
CA THR D 237 34.01 -35.56 -30.28
C THR D 237 34.10 -36.95 -30.86
N VAL D 238 33.14 -37.80 -30.48
CA VAL D 238 32.96 -39.07 -31.17
C VAL D 238 31.54 -39.13 -31.66
N ASP D 239 31.29 -39.99 -32.63
CA ASP D 239 29.91 -40.27 -33.05
C ASP D 239 29.24 -41.08 -31.96
N GLU D 240 27.98 -40.74 -31.68
CA GLU D 240 27.13 -41.49 -30.74
C GLU D 240 27.63 -41.55 -29.29
N PRO D 241 27.51 -40.45 -28.53
CA PRO D 241 28.09 -40.56 -27.19
C PRO D 241 27.51 -41.75 -26.38
N ALA D 242 26.24 -42.05 -26.56
CA ALA D 242 25.67 -43.16 -25.81
C ALA D 242 26.40 -44.46 -26.16
N ALA D 243 26.77 -44.64 -27.43
CA ALA D 243 27.45 -45.89 -27.77
C ALA D 243 28.84 -45.90 -27.14
N LEU D 244 29.46 -44.72 -26.99
CA LEU D 244 30.72 -44.67 -26.26
C LEU D 244 30.42 -45.06 -24.82
N ALA D 245 29.39 -44.46 -24.24
CA ALA D 245 29.00 -44.76 -22.87
C ALA D 245 28.75 -46.26 -22.73
N GLY D 246 28.14 -46.86 -23.76
CA GLY D 246 28.02 -48.32 -23.82
C GLY D 246 29.36 -48.98 -23.67
N HIS D 247 30.29 -48.62 -24.53
CA HIS D 247 31.65 -49.17 -24.51
C HIS D 247 32.36 -49.07 -23.14
N LEU D 248 32.39 -47.88 -22.55
CA LEU D 248 33.06 -47.63 -21.30
C LEU D 248 32.43 -48.38 -20.13
N PHE D 249 31.11 -48.56 -20.23
CA PHE D 249 30.40 -49.35 -19.24
C PHE D 249 30.69 -50.86 -19.34
N GLU D 250 30.87 -51.37 -20.56
CA GLU D 250 31.22 -52.79 -20.69
C GLU D 250 32.56 -53.03 -20.05
N GLU D 251 33.50 -52.13 -20.35
CA GLU D 251 34.83 -52.16 -19.76
C GLU D 251 34.77 -52.12 -18.22
N ALA D 252 33.85 -51.34 -17.66
CA ALA D 252 33.72 -51.22 -16.18
C ALA D 252 33.12 -52.50 -15.55
N LEU D 253 31.97 -52.93 -16.07
CA LEU D 253 31.44 -54.26 -15.81
C LEU D 253 32.50 -55.38 -15.86
N GLU D 254 33.33 -55.37 -16.90
CA GLU D 254 34.44 -56.32 -16.99
C GLU D 254 35.38 -56.17 -15.79
N SER D 255 35.80 -54.95 -15.46
CA SER D 255 36.66 -54.76 -14.30
C SER D 255 36.02 -55.29 -13.03
N ASN D 256 34.72 -55.03 -12.86
CA ASN D 256 34.00 -55.49 -11.67
C ASN D 256 33.53 -56.96 -11.74
N GLY D 257 34.16 -57.74 -12.61
CA GLY D 257 33.95 -59.18 -12.67
C GLY D 257 32.75 -59.67 -13.46
N VAL D 258 32.05 -58.76 -14.15
CA VAL D 258 30.87 -59.13 -14.91
C VAL D 258 31.21 -59.32 -16.39
N THR D 259 31.14 -60.56 -16.87
CA THR D 259 31.49 -60.89 -18.26
C THR D 259 30.28 -60.67 -19.19
N VAL D 260 30.48 -59.90 -20.26
CA VAL D 260 29.43 -59.66 -21.26
C VAL D 260 29.65 -60.56 -22.48
N LYS D 261 28.66 -61.39 -22.83
CA LYS D 261 28.81 -62.39 -23.91
C LYS D 261 28.31 -61.89 -25.26
N GLY D 262 27.25 -61.08 -25.21
CA GLY D 262 26.65 -60.51 -26.42
C GLY D 262 27.39 -59.30 -26.97
N ASP D 263 26.64 -58.40 -27.58
CA ASP D 263 27.21 -57.22 -28.21
C ASP D 263 26.95 -55.97 -27.38
N VAL D 264 27.58 -54.87 -27.77
CA VAL D 264 27.23 -53.54 -27.24
C VAL D 264 26.61 -52.70 -28.36
N GLY D 265 25.43 -52.17 -28.09
CA GLY D 265 24.72 -51.35 -29.04
C GLY D 265 23.73 -50.44 -28.33
N LEU D 266 22.99 -49.70 -29.14
CA LEU D 266 21.97 -48.80 -28.63
C LEU D 266 20.65 -49.54 -28.53
N GLY D 267 19.82 -49.16 -27.56
CA GLY D 267 18.49 -49.76 -27.44
C GLY D 267 17.66 -49.25 -26.30
N GLY D 268 16.36 -49.15 -26.52
CA GLY D 268 15.47 -48.80 -25.43
C GLY D 268 15.12 -50.06 -24.66
N VAL D 269 14.99 -49.95 -23.34
CA VAL D 269 14.26 -50.96 -22.57
C VAL D 269 13.00 -51.26 -23.39
N PRO D 270 12.82 -52.51 -23.88
CA PRO D 270 11.63 -52.79 -24.71
C PRO D 270 10.35 -52.63 -23.89
N ALA D 271 9.26 -52.23 -24.55
CA ALA D 271 8.05 -51.82 -23.83
C ALA D 271 7.49 -52.93 -22.92
N ASP D 272 7.69 -54.18 -23.34
CA ASP D 272 7.09 -55.36 -22.69
C ASP D 272 7.81 -55.87 -21.42
N TRP D 273 8.36 -54.95 -20.65
CA TRP D 273 8.98 -55.29 -19.36
C TRP D 273 8.20 -54.59 -18.24
N GLN D 274 7.28 -55.33 -17.62
CA GLN D 274 6.35 -54.78 -16.61
C GLN D 274 6.94 -54.78 -15.18
N ASP D 275 7.47 -55.93 -14.76
CA ASP D 275 8.16 -56.07 -13.49
C ASP D 275 9.68 -55.98 -13.78
N ALA D 276 10.18 -54.78 -14.08
CA ALA D 276 11.60 -54.64 -14.46
C ALA D 276 12.55 -54.34 -13.29
N GLU D 277 13.66 -55.09 -13.25
CA GLU D 277 14.59 -55.06 -12.12
C GLU D 277 15.75 -54.07 -12.27
N VAL D 278 15.74 -53.04 -11.41
CA VAL D 278 16.78 -52.02 -11.33
C VAL D 278 17.94 -52.53 -10.50
N LEU D 279 19.12 -52.65 -11.10
CA LEU D 279 20.29 -53.25 -10.44
C LEU D 279 21.28 -52.21 -9.88
N ALA D 280 21.30 -51.04 -10.49
CA ALA D 280 22.35 -50.07 -10.21
C ALA D 280 21.87 -48.74 -10.65
N ASP D 281 21.98 -47.75 -9.77
CA ASP D 281 21.65 -46.41 -10.16
C ASP D 281 22.72 -45.42 -9.73
N HIS D 282 22.76 -44.28 -10.41
CA HIS D 282 23.56 -43.13 -10.00
C HIS D 282 22.69 -41.91 -10.12
N THR D 283 22.80 -41.03 -9.14
CA THR D 283 22.15 -39.75 -9.14
C THR D 283 23.24 -38.71 -9.17
N SER D 284 23.19 -37.83 -10.16
CA SER D 284 24.17 -36.76 -10.30
C SER D 284 24.08 -35.80 -9.15
N ALA D 285 24.97 -34.80 -9.17
CA ALA D 285 24.87 -33.65 -8.30
C ALA D 285 23.63 -32.89 -8.73
N GLU D 286 23.10 -32.09 -7.83
CA GLU D 286 21.98 -31.19 -8.12
C GLU D 286 22.35 -30.06 -9.11
N LEU D 287 21.36 -29.26 -9.50
CA LEU D 287 21.51 -28.34 -10.64
C LEU D 287 22.31 -27.08 -10.32
N SER D 288 22.35 -26.71 -9.05
CA SER D 288 23.05 -25.50 -8.67
C SER D 288 24.53 -25.83 -8.72
N GLU D 289 24.83 -27.07 -8.37
CA GLU D 289 26.21 -27.56 -8.50
C GLU D 289 26.63 -27.53 -9.96
N ILE D 290 25.79 -28.08 -10.84
CA ILE D 290 26.10 -28.21 -12.28
C ILE D 290 26.20 -26.86 -12.99
N LEU D 291 25.37 -25.91 -12.60
CA LEU D 291 25.42 -24.56 -13.16
C LEU D 291 26.83 -23.93 -13.25
N VAL D 292 27.68 -24.30 -12.29
CA VAL D 292 29.04 -23.79 -12.17
C VAL D 292 29.94 -24.22 -13.36
N PRO D 293 30.29 -25.52 -13.47
CA PRO D 293 31.08 -25.86 -14.67
C PRO D 293 30.38 -25.48 -15.98
N PHE D 294 29.05 -25.35 -15.96
CA PHE D 294 28.28 -25.00 -17.18
C PHE D 294 28.55 -23.58 -17.62
N MET D 295 28.16 -22.61 -16.80
CA MET D 295 28.26 -21.19 -17.13
C MET D 295 29.70 -20.66 -17.05
N LYS D 296 30.49 -21.24 -16.17
CA LYS D 296 31.86 -20.78 -15.93
C LYS D 296 32.67 -20.96 -17.20
N PHE D 297 32.44 -22.09 -17.86
CA PHE D 297 33.25 -22.48 -19.00
C PHE D 297 32.53 -22.48 -20.36
N SER D 298 31.24 -22.11 -20.37
CA SER D 298 30.43 -22.03 -21.60
C SER D 298 30.26 -23.41 -22.28
N ASN D 299 29.82 -24.38 -21.48
CA ASN D 299 29.60 -25.73 -21.96
C ASN D 299 28.34 -25.82 -22.79
N ASN D 300 28.49 -25.93 -24.10
CA ASN D 300 27.35 -26.10 -25.02
C ASN D 300 26.54 -27.36 -24.82
N GLY D 301 27.23 -28.49 -24.62
CA GLY D 301 26.52 -29.78 -24.35
C GLY D 301 25.55 -29.62 -23.19
N HIS D 302 26.02 -28.96 -22.14
CA HIS D 302 25.21 -28.63 -20.98
C HIS D 302 23.97 -27.82 -21.35
N ALA D 303 24.16 -26.75 -22.14
CA ALA D 303 23.06 -25.92 -22.58
C ALA D 303 21.94 -26.78 -23.22
N GLU D 304 22.31 -27.53 -24.26
CA GLU D 304 21.34 -28.24 -25.06
C GLU D 304 20.70 -29.40 -24.30
N MET D 305 21.43 -30.05 -23.40
CA MET D 305 20.82 -31.08 -22.57
C MET D 305 19.77 -30.48 -21.65
N LEU D 306 20.06 -29.31 -21.10
CA LEU D 306 19.04 -28.59 -20.31
C LEU D 306 17.80 -28.24 -21.13
N VAL D 307 17.99 -27.79 -22.37
CA VAL D 307 16.84 -27.58 -23.26
C VAL D 307 16.02 -28.87 -23.42
N LYS D 308 16.68 -29.98 -23.78
CA LYS D 308 15.93 -31.21 -23.96
C LYS D 308 15.29 -31.70 -22.66
N SER D 309 15.92 -31.40 -21.54
CA SER D 309 15.36 -31.73 -20.25
C SER D 309 14.14 -30.88 -19.96
N ILE D 310 14.25 -29.58 -20.23
CA ILE D 310 13.12 -28.66 -20.13
C ILE D 310 11.92 -29.20 -20.96
N GLY D 311 12.22 -29.73 -22.14
CA GLY D 311 11.17 -30.29 -23.00
C GLY D 311 10.56 -31.59 -22.47
N GLN D 312 11.34 -32.33 -21.69
CA GLN D 312 10.78 -33.50 -21.00
C GLN D 312 9.79 -33.04 -19.92
N GLU D 313 10.27 -32.19 -19.03
CA GLU D 313 9.44 -31.66 -17.95
C GLU D 313 8.13 -31.07 -18.45
N THR D 314 8.21 -30.08 -19.33
CA THR D 314 7.01 -29.35 -19.75
C THR D 314 6.14 -30.03 -20.82
N ALA D 315 6.66 -31.02 -21.52
CA ALA D 315 5.93 -31.49 -22.66
C ALA D 315 6.23 -32.93 -22.99
N GLY D 316 6.97 -33.58 -22.10
CA GLY D 316 7.18 -35.03 -22.17
C GLY D 316 7.97 -35.54 -23.36
N ALA D 317 8.89 -34.71 -23.85
CA ALA D 317 9.74 -35.08 -24.99
C ALA D 317 11.05 -34.37 -24.90
N GLY D 318 12.15 -35.13 -25.00
CA GLY D 318 13.46 -34.52 -24.99
C GLY D 318 13.80 -34.06 -26.40
N THR D 319 13.20 -32.95 -26.84
CA THR D 319 13.50 -32.43 -28.16
C THR D 319 13.78 -30.92 -28.11
N TRP D 320 14.43 -30.41 -29.14
CA TRP D 320 14.66 -28.97 -29.24
C TRP D 320 13.37 -28.14 -29.43
N ASP D 321 12.37 -28.67 -30.12
CA ASP D 321 11.13 -27.92 -30.32
C ASP D 321 10.40 -27.80 -29.00
N ALA D 322 10.30 -28.91 -28.29
CA ALA D 322 9.65 -28.90 -27.02
C ALA D 322 10.44 -27.98 -26.07
N GLY D 323 11.75 -28.20 -26.02
CA GLY D 323 12.62 -27.48 -25.11
C GLY D 323 12.65 -25.99 -25.34
N LEU D 324 12.76 -25.57 -26.59
CA LEU D 324 12.77 -24.13 -26.88
C LEU D 324 11.48 -23.41 -26.48
N VAL D 325 10.33 -24.07 -26.70
CA VAL D 325 9.01 -23.58 -26.21
C VAL D 325 9.05 -23.38 -24.69
N GLY D 326 9.55 -24.40 -23.97
CA GLY D 326 9.74 -24.31 -22.52
C GLY D 326 10.62 -23.14 -22.06
N VAL D 327 11.75 -22.95 -22.74
CA VAL D 327 12.61 -21.85 -22.44
C VAL D 327 11.85 -20.53 -22.56
N GLU D 328 11.16 -20.33 -23.69
CA GLU D 328 10.51 -19.05 -23.94
C GLU D 328 9.34 -18.83 -22.96
N GLU D 329 8.58 -19.89 -22.65
CA GLU D 329 7.50 -19.80 -21.65
C GLU D 329 8.03 -19.44 -20.26
N ALA D 330 8.95 -20.24 -19.74
CA ALA D 330 9.63 -19.98 -18.46
C ALA D 330 10.10 -18.52 -18.34
N LEU D 331 10.62 -18.00 -19.44
CA LEU D 331 11.14 -16.65 -19.52
C LEU D 331 10.02 -15.64 -19.37
N SER D 332 8.95 -15.84 -20.12
CA SER D 332 7.78 -14.99 -19.98
C SER D 332 7.22 -15.13 -18.56
N GLY D 333 7.26 -16.34 -18.01
CA GLY D 333 6.75 -16.59 -16.66
C GLY D 333 7.64 -15.99 -15.59
N LEU D 334 8.87 -15.67 -15.99
CA LEU D 334 9.82 -14.96 -15.14
C LEU D 334 9.60 -13.45 -15.24
N GLY D 335 8.79 -13.03 -16.21
CA GLY D 335 8.48 -11.62 -16.38
C GLY D 335 9.33 -10.96 -17.44
N VAL D 336 10.15 -11.76 -18.13
CA VAL D 336 10.96 -11.25 -19.25
C VAL D 336 10.08 -11.07 -20.50
N ASP D 337 10.24 -9.93 -21.15
CA ASP D 337 9.58 -9.64 -22.42
C ASP D 337 10.41 -10.32 -23.50
N THR D 338 9.77 -11.24 -24.22
CA THR D 338 10.49 -12.12 -25.16
C THR D 338 10.18 -11.81 -26.64
N ALA D 339 9.51 -10.67 -26.85
CA ALA D 339 9.19 -10.16 -28.20
C ALA D 339 10.35 -10.20 -29.22
N GLY D 340 11.54 -9.73 -28.81
CA GLY D 340 12.71 -9.67 -29.71
C GLY D 340 13.63 -10.90 -29.76
N LEU D 341 13.32 -11.93 -28.96
CA LEU D 341 14.08 -13.16 -28.87
C LEU D 341 13.71 -14.17 -29.96
N VAL D 342 14.73 -14.67 -30.66
CA VAL D 342 14.55 -15.85 -31.53
C VAL D 342 15.44 -16.99 -31.03
N LEU D 343 14.82 -18.07 -30.56
CA LEU D 343 15.60 -19.17 -29.96
C LEU D 343 15.74 -20.38 -30.85
N ASN D 344 16.99 -20.72 -31.18
CA ASN D 344 17.22 -21.83 -32.10
C ASN D 344 18.01 -22.95 -31.43
N ASP D 345 18.65 -22.63 -30.32
CA ASP D 345 19.24 -23.61 -29.43
C ASP D 345 19.46 -22.98 -28.07
N GLY D 346 19.95 -23.76 -27.13
CA GLY D 346 20.25 -23.26 -25.82
C GLY D 346 21.68 -22.73 -25.68
N SER D 347 22.62 -23.31 -26.45
CA SER D 347 24.03 -22.94 -26.33
C SER D 347 24.38 -21.53 -26.85
N GLY D 348 23.80 -21.15 -27.98
CA GLY D 348 24.21 -19.95 -28.66
C GLY D 348 25.00 -20.32 -29.89
N LEU D 349 25.49 -21.56 -29.94
CA LEU D 349 26.26 -22.01 -31.08
C LEU D 349 25.52 -21.69 -32.37
N SER D 350 24.25 -22.04 -32.46
CA SER D 350 23.46 -21.74 -33.65
C SER D 350 23.48 -20.25 -34.01
N ARG D 351 23.60 -20.03 -35.32
CA ARG D 351 23.56 -18.68 -35.92
C ARG D 351 22.16 -18.21 -36.23
N GLY D 352 21.14 -18.99 -35.87
CA GLY D 352 19.74 -18.56 -36.01
C GLY D 352 19.17 -17.97 -34.72
N ASN D 353 20.05 -17.71 -33.76
CA ASN D 353 19.65 -17.10 -32.51
C ASN D 353 19.66 -15.60 -32.67
N LEU D 354 18.84 -14.92 -31.86
CA LEU D 354 18.73 -13.45 -31.81
C LEU D 354 18.37 -13.02 -30.42
N VAL D 355 19.11 -12.08 -29.86
CA VAL D 355 18.65 -11.35 -28.69
C VAL D 355 18.67 -9.86 -28.97
N THR D 356 18.22 -9.07 -27.98
CA THR D 356 18.48 -7.63 -27.90
C THR D 356 19.12 -7.38 -26.54
N ALA D 357 19.82 -6.26 -26.38
CA ALA D 357 20.52 -6.02 -25.11
C ALA D 357 19.55 -5.66 -23.98
N ASP D 358 18.45 -5.00 -24.34
CA ASP D 358 17.33 -4.80 -23.41
C ASP D 358 16.85 -6.12 -22.84
N THR D 359 16.72 -7.14 -23.71
CA THR D 359 16.27 -8.46 -23.31
C THR D 359 17.24 -9.10 -22.32
N VAL D 360 18.54 -8.99 -22.62
CA VAL D 360 19.56 -9.53 -21.72
C VAL D 360 19.42 -8.89 -20.34
N VAL D 361 19.50 -7.57 -20.30
CA VAL D 361 19.37 -6.81 -19.05
C VAL D 361 18.03 -7.13 -18.37
N ASP D 362 16.95 -7.13 -19.14
CA ASP D 362 15.64 -7.51 -18.63
C ASP D 362 15.80 -8.78 -17.79
N LEU D 363 16.48 -9.77 -18.40
CA LEU D 363 16.70 -11.08 -17.79
C LEU D 363 17.54 -11.00 -16.53
N LEU D 364 18.62 -10.23 -16.58
CA LEU D 364 19.49 -10.04 -15.42
C LEU D 364 18.71 -9.51 -14.21
N GLY D 365 17.83 -8.55 -14.46
CA GLY D 365 17.03 -7.91 -13.41
C GLY D 365 16.15 -8.93 -12.74
N GLN D 366 15.44 -9.69 -13.57
CA GLN D 366 14.58 -10.74 -13.09
C GLN D 366 15.35 -11.83 -12.37
N ALA D 367 16.47 -12.24 -12.96
CA ALA D 367 17.37 -13.22 -12.34
C ALA D 367 17.79 -12.81 -10.92
N GLY D 368 18.19 -11.55 -10.79
CA GLY D 368 18.53 -10.94 -9.49
C GLY D 368 17.42 -11.07 -8.45
N SER D 369 16.16 -10.98 -8.89
CA SER D 369 15.00 -11.04 -7.98
C SER D 369 14.47 -12.46 -7.65
N ALA D 370 15.03 -13.48 -8.30
CA ALA D 370 14.55 -14.85 -8.16
C ALA D 370 15.02 -15.57 -6.90
N PRO D 371 14.25 -16.57 -6.42
CA PRO D 371 14.64 -17.52 -5.36
C PRO D 371 16.01 -18.18 -5.59
N TRP D 372 16.32 -18.46 -6.85
CA TRP D 372 17.59 -19.05 -7.23
C TRP D 372 18.69 -18.01 -7.54
N ALA D 373 18.46 -16.73 -7.22
CA ALA D 373 19.42 -15.65 -7.54
C ALA D 373 20.85 -15.94 -7.11
N GLN D 374 20.97 -16.61 -5.96
CA GLN D 374 22.24 -16.95 -5.39
C GLN D 374 22.95 -18.02 -6.21
N THR D 375 22.25 -19.08 -6.57
CA THR D 375 22.90 -20.18 -7.27
C THR D 375 23.21 -19.73 -8.70
N TRP D 376 22.38 -18.86 -9.23
CA TRP D 376 22.63 -18.20 -10.51
C TRP D 376 23.90 -17.35 -10.45
N SER D 377 24.04 -16.50 -9.43
CA SER D 377 25.22 -15.66 -9.30
C SER D 377 26.53 -16.50 -9.33
N ALA D 378 26.51 -17.58 -8.55
CA ALA D 378 27.65 -18.44 -8.24
C ALA D 378 28.09 -19.32 -9.41
N SER D 379 27.46 -19.10 -10.56
CA SER D 379 27.75 -19.85 -11.79
C SER D 379 28.46 -18.94 -12.78
N LEU D 380 28.32 -17.62 -12.58
CA LEU D 380 28.88 -16.63 -13.51
C LEU D 380 30.37 -16.37 -13.27
N PRO D 381 31.17 -16.47 -14.33
CA PRO D 381 32.57 -16.12 -14.33
C PRO D 381 32.83 -14.80 -13.60
N VAL D 382 33.88 -14.76 -12.78
CA VAL D 382 34.32 -13.51 -12.11
C VAL D 382 35.63 -13.03 -12.75
N ALA D 383 35.62 -11.78 -13.21
CA ALA D 383 36.75 -11.20 -13.94
C ALA D 383 38.08 -11.36 -13.20
N GLY D 384 39.10 -11.77 -13.94
CA GLY D 384 40.47 -11.68 -13.47
C GLY D 384 40.93 -12.74 -12.51
N GLU D 385 40.03 -13.62 -12.06
CA GLU D 385 40.39 -14.67 -11.08
C GLU D 385 41.00 -15.93 -11.73
N SER D 386 42.14 -16.36 -11.19
CA SER D 386 42.95 -17.44 -11.75
C SER D 386 42.36 -18.83 -11.66
N ASP D 387 41.76 -19.16 -10.52
CA ASP D 387 41.19 -20.48 -10.29
C ASP D 387 40.15 -20.67 -11.37
N PRO D 388 40.39 -21.60 -12.33
CA PRO D 388 39.46 -21.77 -13.47
C PRO D 388 37.98 -21.76 -13.06
N PHE D 389 37.62 -22.49 -12.01
CA PHE D 389 36.24 -22.59 -11.51
C PHE D 389 35.70 -21.31 -10.84
N VAL D 390 36.50 -20.25 -10.85
CA VAL D 390 36.05 -18.99 -10.28
C VAL D 390 36.10 -17.91 -11.36
N GLY D 391 37.17 -17.89 -12.14
CA GLY D 391 37.33 -16.90 -13.20
C GLY D 391 36.71 -17.36 -14.51
N GLY D 392 36.76 -18.67 -14.75
CA GLY D 392 36.21 -19.30 -15.95
C GLY D 392 36.69 -18.60 -17.20
N THR D 393 35.75 -18.30 -18.09
CA THR D 393 36.07 -17.64 -19.36
C THR D 393 36.52 -16.19 -19.16
N LEU D 394 36.56 -15.75 -17.90
CA LEU D 394 37.02 -14.43 -17.57
C LEU D 394 38.33 -14.45 -16.78
N ALA D 395 38.97 -15.61 -16.70
CA ALA D 395 40.15 -15.77 -15.85
C ALA D 395 41.32 -14.85 -16.19
N ASN D 396 41.52 -14.58 -17.48
CA ASN D 396 42.63 -13.78 -18.00
C ASN D 396 42.18 -12.44 -18.51
N ARG D 397 41.13 -11.89 -17.91
CA ARG D 397 40.61 -10.62 -18.38
C ARG D 397 40.41 -9.63 -17.25
N MET D 398 40.76 -8.37 -17.53
CA MET D 398 40.60 -7.28 -16.58
C MET D 398 41.46 -7.46 -15.32
N ARG D 399 42.50 -8.30 -15.42
CA ARG D 399 43.45 -8.50 -14.33
C ARG D 399 44.07 -7.17 -13.88
N GLY D 400 44.09 -6.98 -12.57
CA GLY D 400 44.72 -5.81 -11.97
C GLY D 400 43.98 -4.51 -12.23
N THR D 401 42.66 -4.61 -12.46
CA THR D 401 41.80 -3.44 -12.61
C THR D 401 40.77 -3.40 -11.48
N ALA D 402 40.01 -2.31 -11.43
CA ALA D 402 38.80 -2.25 -10.60
C ALA D 402 37.96 -3.52 -10.74
N ALA D 403 37.77 -3.99 -11.98
CA ALA D 403 36.89 -5.13 -12.29
C ALA D 403 37.36 -6.48 -11.77
N GLU D 404 38.64 -6.60 -11.43
CA GLU D 404 39.13 -7.89 -10.95
C GLU D 404 38.42 -8.38 -9.70
N GLY D 405 37.84 -9.59 -9.77
CA GLY D 405 37.11 -10.18 -8.64
C GLY D 405 35.85 -9.43 -8.23
N VAL D 406 35.36 -8.56 -9.12
CA VAL D 406 34.19 -7.72 -8.83
C VAL D 406 33.10 -7.99 -9.85
N VAL D 407 33.42 -7.73 -11.13
CA VAL D 407 32.51 -7.93 -12.24
C VAL D 407 32.28 -9.42 -12.53
N GLU D 408 31.02 -9.84 -12.44
CA GLU D 408 30.61 -11.19 -12.81
C GLU D 408 29.74 -11.11 -14.06
N ALA D 409 30.05 -11.97 -15.04
CA ALA D 409 29.53 -11.79 -16.38
C ALA D 409 29.76 -13.02 -17.29
N LYS D 410 28.93 -13.15 -18.32
CA LYS D 410 29.03 -14.26 -19.27
C LYS D 410 29.54 -13.80 -20.61
N THR D 411 30.49 -14.57 -21.13
CA THR D 411 31.15 -14.36 -22.41
C THR D 411 30.29 -14.84 -23.57
N GLY D 412 30.62 -14.38 -24.76
CA GLY D 412 29.89 -14.75 -25.95
C GLY D 412 30.76 -14.39 -27.12
N THR D 413 31.36 -15.40 -27.78
CA THR D 413 32.26 -15.12 -28.89
C THR D 413 32.19 -16.18 -29.98
N MET D 414 32.23 -15.70 -31.23
CA MET D 414 32.06 -16.48 -32.45
C MET D 414 32.57 -15.56 -33.55
N SER D 415 32.67 -16.07 -34.78
CA SER D 415 33.06 -15.24 -35.94
C SER D 415 32.19 -14.01 -36.08
N GLY D 416 32.79 -12.83 -35.98
CA GLY D 416 32.03 -11.57 -36.03
C GLY D 416 30.94 -11.45 -34.98
N VAL D 417 31.14 -12.10 -33.83
CA VAL D 417 30.18 -12.05 -32.74
C VAL D 417 30.89 -12.08 -31.37
N SER D 418 30.52 -11.14 -30.50
CA SER D 418 31.05 -11.11 -29.14
C SER D 418 30.11 -10.44 -28.15
N ALA D 419 30.26 -10.79 -26.87
CA ALA D 419 29.25 -10.44 -25.91
C ALA D 419 29.72 -10.62 -24.47
N LEU D 420 29.37 -9.62 -23.67
CA LEU D 420 29.66 -9.62 -22.26
C LEU D 420 28.49 -8.96 -21.57
N SER D 421 27.86 -9.72 -20.67
CA SER D 421 26.72 -9.22 -19.94
C SER D 421 26.76 -9.72 -18.49
N GLY D 422 26.49 -8.82 -17.54
CA GLY D 422 26.56 -9.20 -16.14
C GLY D 422 26.16 -8.20 -15.07
N TYR D 423 26.68 -8.45 -13.87
CA TYR D 423 26.45 -7.61 -12.70
C TYR D 423 27.76 -6.98 -12.24
N VAL D 424 27.65 -5.83 -11.57
CA VAL D 424 28.78 -5.14 -10.98
C VAL D 424 28.34 -4.77 -9.57
N PRO D 425 28.85 -5.46 -8.54
CA PRO D 425 28.40 -5.12 -7.18
C PRO D 425 29.04 -3.82 -6.61
N GLY D 426 28.19 -2.82 -6.37
CA GLY D 426 28.60 -1.62 -5.64
C GLY D 426 28.04 -1.69 -4.25
N PRO D 427 28.50 -0.81 -3.32
CA PRO D 427 27.74 -0.64 -2.08
C PRO D 427 26.39 0.00 -2.41
N GLU D 428 26.40 0.77 -3.51
CA GLU D 428 25.24 1.47 -4.05
C GLU D 428 24.07 0.52 -4.29
N GLY D 429 24.36 -0.55 -5.03
CA GLY D 429 23.37 -1.50 -5.50
C GLY D 429 23.95 -2.11 -6.77
N GLU D 430 24.24 -3.41 -6.70
CA GLU D 430 24.57 -4.25 -7.86
C GLU D 430 24.04 -3.65 -9.19
N LEU D 431 24.94 -3.33 -10.12
CA LEU D 431 24.54 -2.88 -11.48
C LEU D 431 24.34 -4.07 -12.41
N ALA D 432 23.77 -3.81 -13.59
CA ALA D 432 23.51 -4.85 -14.58
C ALA D 432 23.66 -4.26 -15.98
N PHE D 433 24.32 -5.00 -16.86
CA PHE D 433 24.68 -4.47 -18.17
C PHE D 433 24.73 -5.57 -19.21
N SER D 434 24.53 -5.18 -20.48
CA SER D 434 24.75 -6.07 -21.60
C SER D 434 25.53 -5.39 -22.69
N ILE D 435 26.58 -6.06 -23.17
CA ILE D 435 27.33 -5.62 -24.35
C ILE D 435 27.31 -6.72 -25.39
N VAL D 436 26.75 -6.39 -26.56
CA VAL D 436 26.66 -7.32 -27.69
C VAL D 436 27.15 -6.61 -28.95
N ASN D 437 28.17 -7.21 -29.58
CA ASN D 437 28.73 -6.72 -30.84
C ASN D 437 28.63 -7.75 -31.93
N ASN D 438 28.07 -7.35 -33.06
CA ASN D 438 28.00 -8.18 -34.25
C ASN D 438 28.67 -7.38 -35.33
N GLY D 439 29.04 -8.03 -36.44
CA GLY D 439 29.48 -7.35 -37.66
C GLY D 439 30.90 -6.82 -37.76
N HIS D 440 31.65 -6.82 -36.65
CA HIS D 440 33.07 -6.41 -36.66
C HIS D 440 33.87 -7.41 -37.50
N SER D 441 34.98 -6.94 -38.11
CA SER D 441 35.76 -7.82 -39.02
C SER D 441 37.23 -8.05 -38.63
N GLY D 442 37.58 -7.69 -37.40
CA GLY D 442 38.86 -8.10 -36.83
C GLY D 442 38.58 -9.11 -35.75
N PRO D 443 39.36 -9.10 -34.65
CA PRO D 443 39.09 -9.98 -33.50
C PRO D 443 38.02 -9.42 -32.58
N ALA D 444 37.45 -10.29 -31.74
CA ALA D 444 36.43 -9.90 -30.77
C ALA D 444 36.92 -8.72 -29.92
N PRO D 445 36.20 -7.59 -29.98
CA PRO D 445 36.63 -6.34 -29.33
C PRO D 445 36.62 -6.45 -27.81
N LEU D 446 37.40 -7.39 -27.29
CA LEU D 446 37.40 -7.71 -25.85
C LEU D 446 37.92 -6.55 -24.99
N ALA D 447 38.92 -5.85 -25.50
CA ALA D 447 39.43 -4.66 -24.84
C ALA D 447 38.30 -3.63 -24.65
N VAL D 448 37.49 -3.44 -25.69
CA VAL D 448 36.33 -2.56 -25.62
C VAL D 448 35.48 -2.99 -24.43
N GLN D 449 35.14 -4.28 -24.39
CA GLN D 449 34.32 -4.84 -23.32
C GLN D 449 34.95 -4.76 -21.89
N ASP D 450 36.20 -5.23 -21.73
CA ASP D 450 36.97 -5.03 -20.48
C ASP D 450 36.84 -3.58 -20.00
N ALA D 451 37.19 -2.63 -20.87
CA ALA D 451 37.23 -1.20 -20.54
C ALA D 451 35.88 -0.65 -20.07
N ILE D 452 34.79 -1.10 -20.70
CA ILE D 452 33.46 -0.74 -20.25
C ILE D 452 33.15 -1.42 -18.91
N ALA D 453 33.58 -2.66 -18.73
CA ALA D 453 33.35 -3.36 -17.47
C ALA D 453 34.14 -2.72 -16.29
N VAL D 454 35.44 -2.52 -16.49
CA VAL D 454 36.31 -1.78 -15.54
C VAL D 454 35.70 -0.41 -15.13
N ARG D 455 35.24 0.34 -16.13
CA ARG D 455 34.62 1.66 -15.93
C ARG D 455 33.40 1.64 -15.00
N LEU D 456 32.50 0.67 -15.24
CA LEU D 456 31.37 0.43 -14.34
C LEU D 456 31.82 0.08 -12.92
N ALA D 457 32.90 -0.69 -12.81
CA ALA D 457 33.41 -1.07 -11.49
C ALA D 457 33.96 0.13 -10.71
N GLU D 458 34.47 1.12 -11.45
CA GLU D 458 34.97 2.36 -10.87
C GLU D 458 33.79 3.22 -10.43
N TYR D 459 32.78 3.26 -11.29
CA TYR D 459 31.51 3.88 -10.97
C TYR D 459 30.93 3.28 -9.69
N ALA D 460 31.00 1.96 -9.57
CA ALA D 460 30.52 1.24 -8.38
C ALA D 460 31.42 1.37 -7.15
N GLY D 461 32.50 2.15 -7.27
CA GLY D 461 33.32 2.51 -6.12
C GLY D 461 34.61 1.73 -5.88
N HIS D 462 34.92 0.77 -6.74
CA HIS D 462 36.15 -0.03 -6.64
C HIS D 462 37.28 0.69 -7.37
N GLN D 463 38.52 0.30 -7.07
CA GLN D 463 39.69 0.85 -7.77
C GLN D 463 40.67 -0.25 -8.21
N ALA D 464 41.52 0.09 -9.17
CA ALA D 464 42.58 -0.80 -9.63
C ALA D 464 43.56 -1.10 -8.49
N PRO D 465 43.85 -2.41 -8.24
CA PRO D 465 44.82 -2.84 -7.21
C PRO D 465 46.26 -2.61 -7.65
N GLU D 466 47.11 -2.22 -6.70
CA GLU D 466 48.54 -2.16 -6.92
C GLU D 466 49.20 -3.16 -5.94
#